data_8Y08
#
_entry.id   8Y08
#
_cell.length_a   121.390
_cell.length_b   142.292
_cell.length_c   208.582
_cell.angle_alpha   90.000
_cell.angle_beta   90.000
_cell.angle_gamma   90.000
#
_symmetry.space_group_name_H-M   'P 21 21 21'
#
loop_
_entity.id
_entity.type
_entity.pdbx_description
1 polymer LbCas12a
2 polymer 'RNA (35-MER)'
3 polymer "DNA (5'-D(P*CP*TP*TP*TP*AP*CP*TP*GP*GP*AP*TP*GP*CP*GP*TP*AP*AP*AP*GP*GP*AP*CP*G)-3')"
4 polymer "DNA (5'-D(*CP*GP*TP*CP*CP*TP*TP*TP*AP*TP*T)-3')"
5 non-polymer 'LITHIUM ION'
6 water water
#
loop_
_entity_poly.entity_id
_entity_poly.type
_entity_poly.pdbx_seq_one_letter_code
_entity_poly.pdbx_strand_id
1 'polypeptide(L)'
;MSKLEKFTNCYSLSKTLRFKAIPVGKTQENIDNKRLLVEDEKRAEDYKGVKKLLDRYYLSFINDVLHSIKLKNLNNYISL
FRKKTRTEKENKELENLEINLRKEIAKAFKGNEGYKSLFKKDIIETILPEFLDDKDEIALVNSFNGFTTAFTGFFDNREN
MFSEEAKSTSIAFRCINENLTRYISNMDIFEKVDAIFDKHEVQEIKEKILNSDYDVEDFFEGEFFNFVLTQEGIDVYNAI
IGGFVTESGEKIKGLNEYINLYNQKTKQKLPKFKPLYKQVLSDRESLSFYGEGYTSDEEVLEVFRNTLNKNSEIFSSIKK
LEKLFKNFDEYSSAGIFVKNGPAISTISKDIFGEWNVIRDKWNAEYDDIHLKKKAVVTEKYEDDRRKSFKKIGSFSLEQL
QEYADADLSVVEKLKEIIIQKVDEIYKVYGSSEKLFDADFVLEKSLKKNDAVVAIMKDLLDSVKSFENYIKAFFGEGKET
NRDESFYGDFVLAYDILLKVDHIYDAIRNYVTQKPYSKDKFKLYFQNPQFMGGWDKDKETDYRATILRYGSKYYLAIMDK
KYAKCLQKIDKDDVNGNYEKINYKLLPGPNKMLPKVFFSKKWMAYYNPSEDIQKIYKNGTFKKGDMFNLNDCHKLIDFFK
DSISRYPKWSNAYDFNFSETEKYKDIAGFYREVEEQGYKVSFESASKKEVDKLVEEGKLYMFQIYNKDFSDKSHGTPNLH
TMYFKLLFDENNHGQIRLSGGAELFMRRASLKKEELVVHPANSPIANKNPDNPKKTTTLSYDVYKDKRFSEDQYELHIPI
AINKCPKNIFKINTEVRVLLKHDDNPYVIGIDRGERNLLYIVVVDGKGNIVEQYSLNEIINNFNGIRIKTDYHSLLDKKE
KERFEARQNWTSIENIKELKAGYISQVVHKICELVEKYDAVIALEDLNSGFKNSRVKVEKQVYQKFEKMLIDKLNYMVDK
KSNPCATGGALKGYQITNKFESFKSMSTQNGFIFYIPAWLTSKIDPSTGFVNLLKTKYTSIADSKKFISSFDRIMYVPEE
DLFEFALDYKNFSRTDADYIKKWKLYSYGNRIRIFRNPKKNNVFDWEEVCLTSAYKELFNKYGINYQQGDIRALLCEQSD
KAFYSSFMALMSLMLQMRNSITGRTDVDFLISPVKNSDGIFYDSRNYEAQENAILPKNADANGAYNIARKVLWAIGQFKK
AEDEKLDKVKIAISNKEWLEYAQTSVKH
;
A,E
2 'polyribonucleotide' AAUUUCUACUAAGUGUAGAUCGCAUCCAGUAAAGCGGCAC B,F
3 'polydeoxyribonucleotide'
;(DC)(DT)(DT)(DT)(DA)(DC)(DT)(DG)(DG)(DA)(DT)(DG)(DC)(DG)(DT)(DA)(DA)(DA)(DG)(DG)
(DA)(DC)(DG)
;
C,G
4 'polydeoxyribonucleotide' (DC)(DG)(DT)(DC)(DC)(DT)(DT)(DT)(DA)(DT)(DT) D,H
#
loop_
_chem_comp.id
_chem_comp.type
_chem_comp.name
_chem_comp.formula
A RNA linking ADENOSINE-5'-MONOPHOSPHATE 'C10 H14 N5 O7 P'
C RNA linking CYTIDINE-5'-MONOPHOSPHATE 'C9 H14 N3 O8 P'
DA DNA linking 2'-DEOXYADENOSINE-5'-MONOPHOSPHATE 'C10 H14 N5 O6 P'
DC DNA linking 2'-DEOXYCYTIDINE-5'-MONOPHOSPHATE 'C9 H14 N3 O7 P'
DG DNA linking 2'-DEOXYGUANOSINE-5'-MONOPHOSPHATE 'C10 H14 N5 O7 P'
DT DNA linking THYMIDINE-5'-MONOPHOSPHATE 'C10 H15 N2 O8 P'
G RNA linking GUANOSINE-5'-MONOPHOSPHATE 'C10 H14 N5 O8 P'
LI non-polymer 'LITHIUM ION' 'Li 1'
U RNA linking URIDINE-5'-MONOPHOSPHATE 'C9 H13 N2 O9 P'
#
# COMPACT_ATOMS: atom_id res chain seq x y z
N MET A 1 26.18 -37.26 -38.25
CA MET A 1 25.93 -38.67 -37.96
C MET A 1 27.15 -39.31 -37.30
N SER A 2 28.22 -39.50 -38.08
CA SER A 2 29.28 -40.43 -37.70
C SER A 2 29.94 -40.01 -36.39
N LYS A 3 30.33 -38.74 -36.29
CA LYS A 3 31.13 -38.29 -35.15
C LYS A 3 30.32 -38.31 -33.86
N LEU A 4 29.07 -37.84 -33.91
CA LEU A 4 28.28 -37.65 -32.70
C LEU A 4 27.94 -38.97 -32.01
N GLU A 5 27.57 -40.01 -32.80
CA GLU A 5 27.04 -41.23 -32.19
C GLU A 5 27.98 -41.83 -31.17
N LYS A 6 29.29 -41.59 -31.30
CA LYS A 6 30.26 -42.17 -30.38
C LYS A 6 30.14 -41.59 -28.97
N PHE A 7 29.73 -40.33 -28.84
CA PHE A 7 29.68 -39.65 -27.54
C PHE A 7 28.31 -39.80 -26.89
N THR A 8 28.06 -40.97 -26.31
CA THR A 8 26.93 -41.17 -25.41
C THR A 8 27.39 -41.90 -24.15
N ASN A 9 26.69 -41.64 -23.04
CA ASN A 9 26.92 -42.35 -21.78
C ASN A 9 28.37 -42.20 -21.32
N CYS A 10 28.91 -40.99 -21.44
CA CYS A 10 30.33 -40.75 -21.19
C CYS A 10 30.66 -40.43 -19.73
N TYR A 11 29.85 -39.59 -19.06
CA TYR A 11 30.15 -39.27 -17.66
C TYR A 11 28.87 -38.94 -16.92
N SER A 12 29.02 -38.78 -15.61
CA SER A 12 27.90 -38.67 -14.69
C SER A 12 27.71 -37.22 -14.26
N LEU A 13 26.52 -36.68 -14.51
CA LEU A 13 26.20 -35.33 -14.07
C LEU A 13 24.79 -35.34 -13.50
N SER A 14 24.53 -34.39 -12.61
CA SER A 14 23.22 -34.21 -11.99
C SER A 14 22.59 -32.91 -12.43
N LYS A 15 21.26 -32.94 -12.54
CA LYS A 15 20.43 -31.76 -12.74
C LYS A 15 19.26 -31.82 -11.77
N THR A 16 18.49 -30.75 -11.72
CA THR A 16 17.34 -30.68 -10.84
C THR A 16 16.12 -30.25 -11.63
N LEU A 17 15.04 -31.02 -11.49
CA LEU A 17 13.76 -30.68 -12.09
C LEU A 17 12.90 -29.99 -11.05
N ARG A 18 12.14 -28.99 -11.48
CA ARG A 18 11.30 -28.21 -10.60
C ARG A 18 9.85 -28.35 -11.03
N PHE A 19 8.95 -28.34 -10.05
CA PHE A 19 7.55 -28.64 -10.31
C PHE A 19 6.66 -27.92 -9.30
N LYS A 20 5.63 -27.25 -9.80
CA LYS A 20 4.54 -26.77 -8.96
C LYS A 20 3.80 -27.95 -8.35
N ALA A 21 3.66 -27.95 -7.03
CA ALA A 21 2.87 -28.96 -6.34
C ALA A 21 1.50 -28.38 -6.02
N ILE A 22 0.45 -29.19 -6.25
CA ILE A 22 -0.93 -28.76 -6.12
C ILE A 22 -1.61 -29.67 -5.11
N PRO A 23 -2.24 -29.11 -4.07
CA PRO A 23 -2.83 -29.97 -3.03
C PRO A 23 -4.04 -30.73 -3.53
N VAL A 24 -4.17 -31.97 -3.06
CA VAL A 24 -5.24 -32.87 -3.48
C VAL A 24 -6.30 -32.91 -2.39
N GLY A 25 -7.55 -32.68 -2.77
CA GLY A 25 -8.67 -32.81 -1.84
C GLY A 25 -8.55 -31.90 -0.64
N LYS A 26 -8.73 -32.48 0.55
CA LYS A 26 -8.74 -31.75 1.80
C LYS A 26 -7.34 -31.50 2.36
N THR A 27 -6.30 -31.72 1.54
CA THR A 27 -4.93 -31.62 2.03
C THR A 27 -4.63 -30.23 2.58
N GLN A 28 -4.97 -29.19 1.83
CA GLN A 28 -4.66 -27.82 2.27
C GLN A 28 -5.47 -27.45 3.51
N GLU A 29 -6.71 -27.90 3.60
CA GLU A 29 -7.54 -27.61 4.77
C GLU A 29 -6.83 -28.06 6.05
N ASN A 30 -6.44 -29.34 6.09
CA ASN A 30 -5.77 -29.87 7.27
C ASN A 30 -4.41 -29.22 7.50
N ILE A 31 -3.76 -28.73 6.43
CA ILE A 31 -2.48 -28.06 6.60
C ILE A 31 -2.65 -26.72 7.30
N ASP A 32 -3.67 -25.95 6.91
CA ASP A 32 -3.93 -24.67 7.57
C ASP A 32 -4.38 -24.87 9.00
N ASN A 33 -5.29 -25.82 9.23
CA ASN A 33 -5.83 -26.03 10.57
C ASN A 33 -4.78 -26.51 11.57
N LYS A 34 -3.71 -27.15 11.08
CA LYS A 34 -2.63 -27.61 11.95
C LYS A 34 -1.47 -26.63 12.02
N ARG A 35 -1.59 -25.46 11.38
CA ARG A 35 -0.61 -24.39 11.47
C ARG A 35 0.78 -24.85 11.05
N LEU A 36 0.86 -25.80 10.11
CA LEU A 36 2.15 -26.37 9.76
C LEU A 36 3.01 -25.37 8.99
N LEU A 37 2.39 -24.60 8.09
CA LEU A 37 3.14 -23.65 7.27
C LEU A 37 3.72 -22.52 8.11
N VAL A 38 2.96 -22.04 9.10
CA VAL A 38 3.42 -20.93 9.92
C VAL A 38 4.61 -21.36 10.78
N GLU A 39 4.66 -22.63 11.18
CA GLU A 39 5.79 -23.12 11.94
C GLU A 39 7.04 -23.20 11.08
N ASP A 40 6.90 -23.61 9.82
CA ASP A 40 8.05 -23.63 8.91
C ASP A 40 8.45 -22.21 8.50
N GLU A 41 7.47 -21.33 8.30
CA GLU A 41 7.76 -19.94 8.02
C GLU A 41 8.52 -19.30 9.18
N LYS A 42 8.04 -19.50 10.41
CA LYS A 42 8.73 -18.98 11.58
C LYS A 42 10.08 -19.67 11.78
N ARG A 43 10.20 -20.92 11.36
CA ARG A 43 11.47 -21.63 11.53
C ARG A 43 12.52 -21.12 10.55
N ALA A 44 12.14 -20.93 9.29
CA ALA A 44 13.10 -20.50 8.28
C ALA A 44 13.62 -19.09 8.55
N GLU A 45 12.91 -18.29 9.34
CA GLU A 45 13.47 -17.03 9.81
C GLU A 45 14.37 -17.26 11.01
N ASP A 46 13.95 -18.11 11.96
CA ASP A 46 14.82 -18.46 13.08
C ASP A 46 16.05 -19.22 12.61
N TYR A 47 15.92 -20.04 11.55
CA TYR A 47 17.07 -20.78 11.06
C TYR A 47 18.15 -19.86 10.48
N LYS A 48 17.76 -18.74 9.87
CA LYS A 48 18.75 -17.77 9.45
C LYS A 48 19.37 -17.05 10.65
N GLY A 49 18.66 -17.00 11.77
CA GLY A 49 19.14 -16.34 12.95
C GLY A 49 20.14 -17.17 13.72
N VAL A 50 19.79 -18.44 13.97
CA VAL A 50 20.70 -19.35 14.65
C VAL A 50 22.01 -19.46 13.86
N LYS A 51 21.93 -19.37 12.54
CA LYS A 51 23.12 -19.44 11.70
C LYS A 51 24.02 -18.22 11.92
N LYS A 52 23.42 -17.04 12.12
CA LYS A 52 24.21 -15.84 12.39
C LYS A 52 25.02 -15.99 13.67
N LEU A 53 24.38 -16.43 14.75
CA LEU A 53 25.10 -16.68 15.99
C LEU A 53 26.14 -17.77 15.82
N LEU A 54 25.84 -18.80 15.02
CA LEU A 54 26.84 -19.82 14.75
C LEU A 54 28.07 -19.24 14.05
N ASP A 55 27.86 -18.31 13.12
CA ASP A 55 28.97 -17.62 12.49
C ASP A 55 29.77 -16.82 13.51
N ARG A 56 29.08 -16.24 14.52
CA ARG A 56 29.77 -15.53 15.58
C ARG A 56 30.75 -16.44 16.31
N TYR A 57 30.35 -17.69 16.58
CA TYR A 57 31.26 -18.59 17.28
C TYR A 57 32.39 -19.06 16.37
N TYR A 58 32.07 -19.39 15.11
CA TYR A 58 33.11 -19.79 14.17
C TYR A 58 34.16 -18.70 14.02
N LEU A 59 33.72 -17.46 13.76
CA LEU A 59 34.66 -16.34 13.62
C LEU A 59 35.54 -16.20 14.85
N SER A 60 34.97 -16.44 16.04
CA SER A 60 35.78 -16.41 17.26
C SER A 60 36.80 -17.54 17.28
N PHE A 61 36.35 -18.76 17.02
CA PHE A 61 37.27 -19.89 16.90
C PHE A 61 38.26 -19.67 15.77
N ILE A 62 37.81 -19.04 14.69
CA ILE A 62 38.69 -18.73 13.56
C ILE A 62 39.85 -17.85 14.00
N ASN A 63 39.53 -16.78 14.74
CA ASN A 63 40.55 -15.78 15.10
C ASN A 63 41.43 -16.21 16.26
N ASP A 64 41.01 -17.18 17.06
CA ASP A 64 41.87 -17.68 18.12
C ASP A 64 43.16 -18.26 17.57
N VAL A 65 43.11 -18.88 16.41
CA VAL A 65 44.31 -19.43 15.77
C VAL A 65 45.00 -18.38 14.90
N LEU A 66 44.23 -17.59 14.15
CA LEU A 66 44.83 -16.66 13.20
C LEU A 66 45.55 -15.51 13.90
N HIS A 67 45.12 -15.14 15.11
CA HIS A 67 45.88 -14.16 15.87
C HIS A 67 47.25 -14.70 16.29
N SER A 68 47.29 -15.96 16.72
CA SER A 68 48.48 -16.50 17.37
C SER A 68 49.33 -17.35 16.43
N ILE A 69 48.86 -17.59 15.21
CA ILE A 69 49.62 -18.40 14.26
C ILE A 69 50.87 -17.63 13.83
N LYS A 70 51.99 -18.32 13.81
CA LYS A 70 53.19 -17.86 13.14
C LYS A 70 53.58 -18.95 12.15
N LEU A 71 53.86 -18.55 10.92
CA LEU A 71 54.07 -19.51 9.84
C LEU A 71 55.54 -19.87 9.74
N LYS A 72 55.82 -21.17 9.83
CA LYS A 72 57.19 -21.65 9.72
C LYS A 72 57.75 -21.32 8.35
N ASN A 73 59.00 -20.86 8.33
CA ASN A 73 59.78 -20.65 7.10
C ASN A 73 58.98 -19.88 6.05
N LEU A 74 58.30 -18.82 6.48
CA LEU A 74 57.58 -17.99 5.52
C LEU A 74 58.54 -17.27 4.59
N ASN A 75 59.68 -16.80 5.13
CA ASN A 75 60.67 -16.12 4.30
C ASN A 75 61.20 -17.05 3.23
N ASN A 76 61.48 -18.30 3.61
CA ASN A 76 62.09 -19.27 2.72
C ASN A 76 61.20 -19.52 1.51
N TYR A 77 59.89 -19.63 1.74
CA TYR A 77 58.93 -19.71 0.65
C TYR A 77 58.95 -18.46 -0.23
N ILE A 78 58.96 -17.27 0.40
CA ILE A 78 58.83 -16.02 -0.35
C ILE A 78 59.99 -15.84 -1.31
N SER A 79 61.21 -16.22 -0.90
CA SER A 79 62.35 -16.10 -1.79
C SER A 79 62.14 -16.92 -3.06
N LEU A 80 61.67 -18.16 -2.90
CA LEU A 80 61.38 -19.01 -4.03
C LEU A 80 60.28 -18.44 -4.92
N PHE A 81 59.35 -17.67 -4.33
CA PHE A 81 58.23 -17.14 -5.10
C PHE A 81 58.69 -16.11 -6.13
N ARG A 82 59.67 -15.29 -5.79
CA ARG A 82 60.11 -14.21 -6.67
C ARG A 82 61.35 -14.59 -7.47
N LYS A 83 61.69 -15.88 -7.48
CA LYS A 83 62.81 -16.37 -8.28
C LYS A 83 62.51 -16.14 -9.76
N LYS A 84 63.47 -15.52 -10.47
CA LYS A 84 63.28 -15.19 -11.88
C LYS A 84 63.33 -16.42 -12.77
N THR A 85 64.01 -17.49 -12.32
CA THR A 85 64.20 -18.70 -13.13
C THR A 85 64.05 -19.93 -12.25
N ARG A 86 62.90 -20.59 -12.35
CA ARG A 86 62.67 -21.85 -11.65
C ARG A 86 62.74 -23.00 -12.64
N THR A 87 63.38 -24.09 -12.23
CA THR A 87 63.46 -25.28 -13.07
C THR A 87 62.29 -26.21 -12.74
N GLU A 88 62.02 -27.15 -13.65
CA GLU A 88 60.87 -28.04 -13.46
C GLU A 88 61.00 -28.89 -12.21
N LYS A 89 62.22 -29.17 -11.76
CA LYS A 89 62.39 -29.81 -10.46
C LYS A 89 62.38 -28.77 -9.34
N GLU A 90 62.94 -27.59 -9.61
CA GLU A 90 62.80 -26.47 -8.67
C GLU A 90 61.35 -26.01 -8.63
N ASN A 91 60.63 -26.16 -9.75
CA ASN A 91 59.20 -25.85 -9.78
C ASN A 91 58.42 -26.70 -8.77
N LYS A 92 58.77 -27.98 -8.66
CA LYS A 92 58.09 -28.87 -7.72
C LYS A 92 58.38 -28.53 -6.28
N GLU A 93 59.48 -27.83 -5.99
CA GLU A 93 59.80 -27.53 -4.60
C GLU A 93 58.88 -26.47 -4.04
N LEU A 94 58.53 -25.45 -4.84
CA LEU A 94 57.65 -24.39 -4.36
C LEU A 94 56.28 -24.92 -3.96
N GLU A 95 55.75 -25.89 -4.69
CA GLU A 95 54.44 -26.45 -4.35
C GLU A 95 54.45 -27.08 -2.96
N ASN A 96 55.45 -27.92 -2.68
CA ASN A 96 55.46 -28.64 -1.40
C ASN A 96 55.49 -27.71 -0.20
N LEU A 97 56.15 -26.55 -0.28
CA LEU A 97 55.97 -25.58 0.79
C LEU A 97 54.55 -25.04 0.77
N GLU A 98 54.07 -24.64 -0.42
CA GLU A 98 52.73 -24.07 -0.52
C GLU A 98 51.67 -25.08 -0.08
N ILE A 99 51.90 -26.37 -0.34
CA ILE A 99 51.01 -27.40 0.16
C ILE A 99 51.12 -27.48 1.69
N ASN A 100 52.34 -27.37 2.21
CA ASN A 100 52.55 -27.45 3.65
C ASN A 100 52.11 -26.19 4.37
N LEU A 101 52.19 -25.02 3.72
CA LEU A 101 51.65 -23.81 4.34
C LEU A 101 50.15 -23.94 4.58
N ARG A 102 49.42 -24.52 3.62
CA ARG A 102 48.02 -24.80 3.88
C ARG A 102 47.87 -25.87 4.96
N LYS A 103 48.73 -26.90 4.93
CA LYS A 103 48.69 -27.94 5.97
C LYS A 103 49.00 -27.34 7.34
N GLU A 104 49.99 -26.44 7.40
CA GLU A 104 50.35 -25.80 8.66
C GLU A 104 49.20 -24.99 9.23
N ILE A 105 48.47 -24.27 8.38
CA ILE A 105 47.32 -23.51 8.85
C ILE A 105 46.14 -24.43 9.12
N ALA A 106 45.84 -25.35 8.20
CA ALA A 106 44.63 -26.15 8.33
C ALA A 106 44.68 -27.04 9.56
N LYS A 107 45.82 -27.69 9.81
CA LYS A 107 45.93 -28.55 10.98
C LYS A 107 45.86 -27.74 12.28
N ALA A 108 46.29 -26.47 12.23
CA ALA A 108 46.25 -25.63 13.43
C ALA A 108 44.83 -25.39 13.92
N PHE A 109 43.86 -25.31 12.99
CA PHE A 109 42.46 -25.29 13.40
C PHE A 109 42.06 -26.63 13.98
N LYS A 110 42.29 -27.70 13.21
CA LYS A 110 41.93 -29.05 13.64
C LYS A 110 42.62 -29.44 14.94
N GLY A 111 43.84 -28.96 15.16
CA GLY A 111 44.62 -29.29 16.35
C GLY A 111 43.94 -29.04 17.67
N ASN A 112 42.97 -28.12 17.68
CA ASN A 112 42.17 -27.90 18.89
C ASN A 112 41.29 -29.11 19.18
N GLU A 113 41.16 -29.44 20.47
CA GLU A 113 40.36 -30.59 20.86
C GLU A 113 38.87 -30.37 20.66
N GLY A 114 38.42 -29.12 20.54
CA GLY A 114 37.04 -28.81 20.24
C GLY A 114 36.68 -28.70 18.77
N TYR A 115 37.59 -29.08 17.86
CA TYR A 115 37.32 -28.96 16.43
C TYR A 115 36.17 -29.85 16.00
N LYS A 116 36.23 -31.15 16.34
CA LYS A 116 35.27 -32.09 15.80
C LYS A 116 33.85 -31.78 16.26
N SER A 117 33.68 -31.15 17.43
CA SER A 117 32.36 -30.85 17.96
C SER A 117 31.79 -29.54 17.44
N LEU A 118 32.44 -28.90 16.47
CA LEU A 118 31.86 -27.73 15.82
C LEU A 118 30.79 -28.09 14.81
N PHE A 119 30.75 -29.35 14.36
CA PHE A 119 29.84 -29.77 13.29
C PHE A 119 29.00 -30.96 13.70
N LYS A 120 28.86 -31.19 15.01
CA LYS A 120 27.96 -32.18 15.57
C LYS A 120 26.89 -31.46 16.39
N LYS A 121 25.94 -32.23 16.92
CA LYS A 121 24.83 -31.65 17.69
C LYS A 121 25.30 -30.96 18.97
N ASP A 122 26.54 -31.20 19.41
CA ASP A 122 27.02 -30.56 20.64
C ASP A 122 27.06 -29.04 20.51
N ILE A 123 27.35 -28.53 19.31
CA ILE A 123 27.50 -27.10 19.13
C ILE A 123 26.20 -26.34 19.37
N ILE A 124 25.04 -27.01 19.28
CA ILE A 124 23.76 -26.36 19.47
C ILE A 124 23.22 -26.69 20.85
N GLU A 125 23.52 -27.89 21.35
CA GLU A 125 23.05 -28.29 22.66
C GLU A 125 23.98 -27.87 23.80
N THR A 126 25.26 -27.69 23.51
CA THR A 126 26.26 -27.50 24.56
C THR A 126 27.07 -26.23 24.37
N ILE A 127 27.87 -26.13 23.30
CA ILE A 127 28.89 -25.10 23.22
C ILE A 127 28.26 -23.72 23.08
N LEU A 128 27.42 -23.53 22.07
CA LEU A 128 26.77 -22.23 21.89
C LEU A 128 25.92 -21.83 23.08
N PRO A 129 25.20 -22.73 23.76
CA PRO A 129 24.55 -22.33 25.03
C PRO A 129 25.51 -21.78 26.07
N GLU A 130 26.81 -22.11 25.98
CA GLU A 130 27.79 -21.54 26.91
C GLU A 130 28.34 -20.22 26.39
N PHE A 131 28.76 -20.18 25.13
CA PHE A 131 29.36 -18.96 24.58
C PHE A 131 28.39 -17.79 24.62
N LEU A 132 27.13 -18.04 24.24
CA LEU A 132 26.16 -16.94 24.17
C LEU A 132 25.88 -16.37 25.56
N ASP A 133 25.61 -15.06 25.58
CA ASP A 133 25.32 -14.36 26.82
C ASP A 133 23.94 -13.72 26.82
N ASP A 134 23.27 -13.62 25.68
CA ASP A 134 21.92 -13.09 25.62
C ASP A 134 20.92 -14.13 26.10
N LYS A 135 19.92 -13.68 26.87
CA LYS A 135 18.87 -14.57 27.32
C LYS A 135 17.94 -14.96 26.17
N ASP A 136 17.81 -14.11 25.15
CA ASP A 136 16.99 -14.46 24.00
C ASP A 136 17.74 -15.34 23.01
N GLU A 137 19.00 -15.00 22.71
CA GLU A 137 19.82 -15.83 21.84
C GLU A 137 19.98 -17.23 22.40
N ILE A 138 19.87 -17.38 23.73
CA ILE A 138 19.95 -18.71 24.30
C ILE A 138 18.66 -19.47 23.99
N ALA A 139 17.55 -18.76 23.84
CA ALA A 139 16.25 -19.42 23.66
C ALA A 139 15.99 -19.80 22.21
N LEU A 140 16.55 -19.05 21.25
CA LEU A 140 16.37 -19.40 19.85
C LEU A 140 17.22 -20.61 19.46
N VAL A 141 18.22 -20.94 20.26
CA VAL A 141 18.99 -22.16 20.04
C VAL A 141 18.34 -23.38 20.69
N ASN A 142 17.55 -23.19 21.76
CA ASN A 142 16.89 -24.33 22.39
C ASN A 142 15.75 -24.86 21.51
N SER A 143 15.04 -23.97 20.81
CA SER A 143 13.95 -24.40 19.95
C SER A 143 14.45 -25.37 18.89
N PHE A 144 15.74 -25.34 18.58
CA PHE A 144 16.33 -26.18 17.56
C PHE A 144 16.93 -27.46 18.14
N ASN A 145 16.59 -27.81 19.38
CA ASN A 145 17.14 -29.02 20.01
C ASN A 145 16.77 -30.26 19.21
N GLY A 146 15.56 -30.29 18.65
CA GLY A 146 15.16 -31.40 17.80
C GLY A 146 15.92 -31.49 16.49
N PHE A 147 16.27 -30.35 15.90
CA PHE A 147 16.47 -30.24 14.45
C PHE A 147 17.94 -30.19 14.01
N THR A 148 18.88 -30.72 14.80
CA THR A 148 20.29 -30.47 14.47
C THR A 148 20.68 -31.01 13.09
N THR A 149 19.99 -32.04 12.59
CA THR A 149 20.36 -32.57 11.28
C THR A 149 19.94 -31.63 10.15
N ALA A 150 19.01 -30.72 10.40
CA ALA A 150 18.69 -29.68 9.42
C ALA A 150 19.87 -28.74 9.18
N PHE A 151 20.92 -28.82 10.00
CA PHE A 151 22.13 -28.02 9.82
C PHE A 151 23.22 -28.76 9.09
N THR A 152 23.02 -30.05 8.77
CA THR A 152 24.11 -30.84 8.20
C THR A 152 24.66 -30.20 6.94
N GLY A 153 23.77 -29.75 6.04
CA GLY A 153 24.23 -29.03 4.86
C GLY A 153 24.88 -27.69 5.19
N PHE A 154 24.56 -27.11 6.34
CA PHE A 154 25.22 -25.88 6.78
C PHE A 154 26.57 -26.18 7.43
N PHE A 155 26.70 -27.33 8.08
CA PHE A 155 27.99 -27.71 8.64
C PHE A 155 28.99 -28.04 7.55
N ASP A 156 28.52 -28.62 6.45
CA ASP A 156 29.37 -28.86 5.30
C ASP A 156 29.90 -27.55 4.73
N ASN A 157 29.06 -26.51 4.67
CA ASN A 157 29.50 -25.20 4.20
C ASN A 157 30.57 -24.60 5.11
N ARG A 158 30.74 -25.14 6.31
CA ARG A 158 31.67 -24.59 7.29
C ARG A 158 32.94 -25.40 7.43
N GLU A 159 32.90 -26.71 7.16
CA GLU A 159 34.14 -27.48 7.12
C GLU A 159 34.97 -27.13 5.89
N ASN A 160 34.33 -26.66 4.82
CA ASN A 160 35.08 -26.15 3.68
C ASN A 160 35.99 -25.01 4.08
N MET A 161 35.55 -24.19 5.04
CA MET A 161 36.37 -23.11 5.57
C MET A 161 37.66 -23.61 6.22
N PHE A 162 37.66 -24.84 6.73
CA PHE A 162 38.83 -25.40 7.39
C PHE A 162 39.53 -26.46 6.54
N SER A 163 39.39 -26.36 5.22
CA SER A 163 40.04 -27.32 4.34
C SER A 163 41.52 -26.99 4.19
N GLU A 164 42.29 -28.01 3.81
CA GLU A 164 43.71 -27.82 3.50
C GLU A 164 43.98 -27.71 2.02
N GLU A 165 43.06 -28.18 1.16
CA GLU A 165 43.29 -28.20 -0.27
C GLU A 165 43.12 -26.81 -0.87
N ALA A 166 43.41 -26.71 -2.17
CA ALA A 166 43.23 -25.46 -2.91
C ALA A 166 41.76 -25.32 -3.30
N LYS A 167 40.94 -25.02 -2.31
CA LYS A 167 39.50 -24.86 -2.49
C LYS A 167 39.11 -23.42 -2.23
N SER A 168 38.26 -22.87 -3.11
CA SER A 168 37.98 -21.44 -3.09
C SER A 168 37.40 -20.98 -1.75
N THR A 169 36.71 -21.87 -1.03
CA THR A 169 36.10 -21.50 0.24
C THR A 169 37.00 -21.76 1.45
N SER A 170 38.20 -22.28 1.25
CA SER A 170 39.10 -22.56 2.36
C SER A 170 39.80 -21.30 2.85
N ILE A 171 39.89 -21.16 4.18
CA ILE A 171 40.67 -20.06 4.76
C ILE A 171 42.14 -20.20 4.38
N ALA A 172 42.65 -21.43 4.39
CA ALA A 172 44.04 -21.65 3.99
C ALA A 172 44.28 -21.20 2.56
N PHE A 173 43.28 -21.40 1.70
CA PHE A 173 43.36 -20.88 0.33
C PHE A 173 43.46 -19.36 0.34
N ARG A 174 42.65 -18.70 1.17
CA ARG A 174 42.58 -17.24 1.15
C ARG A 174 43.90 -16.64 1.61
N CYS A 175 44.45 -17.12 2.74
CA CYS A 175 45.66 -16.53 3.30
C CYS A 175 46.87 -16.74 2.39
N ILE A 176 47.04 -17.95 1.86
CA ILE A 176 48.27 -18.36 1.17
C ILE A 176 48.16 -18.25 -0.35
N ASN A 177 47.11 -18.83 -0.94
CA ASN A 177 47.06 -18.80 -2.40
C ASN A 177 46.69 -17.41 -2.92
N GLU A 178 45.79 -16.71 -2.23
CA GLU A 178 45.28 -15.43 -2.71
C GLU A 178 45.96 -14.23 -2.05
N ASN A 179 45.95 -14.18 -0.72
CA ASN A 179 46.54 -13.03 -0.02
C ASN A 179 48.06 -12.96 -0.22
N LEU A 180 48.74 -14.11 -0.17
CA LEU A 180 50.21 -14.11 -0.29
C LEU A 180 50.66 -13.60 -1.66
N THR A 181 50.16 -14.21 -2.73
CA THR A 181 50.58 -13.81 -4.06
C THR A 181 50.28 -12.35 -4.31
N ARG A 182 49.12 -11.88 -3.84
CA ARG A 182 48.82 -10.45 -3.92
C ARG A 182 49.80 -9.65 -3.07
N TYR A 183 50.12 -10.15 -1.88
CA TYR A 183 51.06 -9.47 -0.99
C TYR A 183 52.48 -9.51 -1.55
N ILE A 184 52.90 -10.68 -2.03
CA ILE A 184 54.24 -10.82 -2.62
C ILE A 184 54.33 -10.06 -3.94
N SER A 185 53.28 -10.09 -4.76
CA SER A 185 53.31 -9.32 -6.00
C SER A 185 53.41 -7.83 -5.71
N ASN A 186 52.71 -7.37 -4.66
CA ASN A 186 52.89 -6.00 -4.19
C ASN A 186 54.30 -5.78 -3.68
N MET A 187 54.92 -6.82 -3.11
CA MET A 187 56.27 -6.69 -2.59
C MET A 187 57.28 -6.35 -3.68
N ASP A 188 57.13 -6.96 -4.86
CA ASP A 188 58.01 -6.66 -5.98
C ASP A 188 57.77 -5.27 -6.55
N ILE A 189 56.53 -4.78 -6.49
CA ILE A 189 56.22 -3.48 -7.08
C ILE A 189 56.83 -2.36 -6.25
N PHE A 190 56.72 -2.46 -4.91
CA PHE A 190 57.22 -1.40 -4.05
C PHE A 190 58.69 -1.11 -4.28
N GLU A 191 59.51 -2.15 -4.39
CA GLU A 191 60.94 -1.94 -4.65
C GLU A 191 61.16 -1.22 -5.96
N LYS A 192 60.38 -1.56 -6.98
CA LYS A 192 60.46 -0.88 -8.27
C LYS A 192 59.95 0.56 -8.18
N VAL A 193 58.99 0.82 -7.27
CA VAL A 193 58.29 2.10 -7.19
C VAL A 193 58.57 2.83 -5.87
N ASP A 194 59.64 2.46 -5.16
CA ASP A 194 60.02 3.23 -3.97
C ASP A 194 60.45 4.65 -4.34
N ALA A 195 60.80 4.89 -5.60
CA ALA A 195 61.44 6.15 -5.99
C ALA A 195 60.53 7.36 -5.75
N ILE A 196 59.25 7.28 -6.12
CA ILE A 196 58.42 8.47 -6.23
C ILE A 196 57.90 9.02 -4.90
N PHE A 197 58.06 8.29 -3.80
CA PHE A 197 57.40 8.65 -2.55
C PHE A 197 58.23 9.64 -1.73
N ASP A 198 57.65 10.82 -1.50
CA ASP A 198 58.27 11.83 -0.65
C ASP A 198 58.38 11.30 0.78
N LYS A 199 59.38 11.82 1.51
CA LYS A 199 59.56 11.39 2.90
C LYS A 199 58.38 11.82 3.77
N HIS A 200 57.80 12.98 3.51
CA HIS A 200 56.55 13.33 4.17
C HIS A 200 55.40 12.47 3.66
N GLU A 201 55.42 12.15 2.36
CA GLU A 201 54.40 11.26 1.79
C GLU A 201 54.45 9.89 2.44
N VAL A 202 55.66 9.37 2.65
CA VAL A 202 55.83 8.14 3.43
C VAL A 202 55.33 8.35 4.85
N GLN A 203 55.70 9.48 5.46
CA GLN A 203 55.28 9.75 6.83
C GLN A 203 53.78 10.07 6.93
N GLU A 204 53.23 10.80 5.96
CA GLU A 204 51.82 11.15 6.04
C GLU A 204 50.95 9.90 6.10
N ILE A 205 51.26 8.89 5.29
CA ILE A 205 50.59 7.61 5.42
C ILE A 205 50.94 6.96 6.76
N LYS A 206 52.22 7.07 7.15
CA LYS A 206 52.62 6.56 8.47
C LYS A 206 51.98 7.35 9.60
N GLU A 207 51.96 8.68 9.48
CA GLU A 207 51.38 9.53 10.53
C GLU A 207 49.88 9.29 10.66
N LYS A 208 49.16 9.33 9.54
CA LYS A 208 47.70 9.26 9.60
C LYS A 208 47.20 7.85 9.92
N ILE A 209 47.84 6.83 9.35
CA ILE A 209 47.32 5.47 9.44
C ILE A 209 48.12 4.65 10.43
N LEU A 210 49.41 4.45 10.14
CA LEU A 210 50.22 3.53 10.92
C LEU A 210 50.44 4.03 12.33
N ASN A 211 50.36 5.35 12.53
CA ASN A 211 50.56 6.02 13.81
C ASN A 211 52.03 6.00 14.22
N SER A 212 52.93 5.76 13.27
CA SER A 212 54.35 5.59 13.49
C SER A 212 54.64 4.35 14.33
N ASP A 213 53.64 3.49 14.51
CA ASP A 213 53.86 2.27 15.27
C ASP A 213 54.73 1.30 14.49
N TYR A 214 54.65 1.36 13.15
CA TYR A 214 55.57 0.73 12.21
C TYR A 214 55.75 1.66 11.03
N ASP A 215 56.85 1.47 10.30
CA ASP A 215 57.07 2.21 9.06
C ASP A 215 56.34 1.54 7.90
N VAL A 216 56.20 2.29 6.81
CA VAL A 216 55.55 1.76 5.61
C VAL A 216 56.41 0.66 4.99
N GLU A 217 57.73 0.86 4.94
CA GLU A 217 58.62 -0.16 4.39
C GLU A 217 58.50 -1.48 5.14
N ASP A 218 57.99 -1.43 6.37
CA ASP A 218 57.85 -2.63 7.19
C ASP A 218 56.91 -3.65 6.57
N PHE A 219 55.78 -3.19 6.03
CA PHE A 219 54.76 -4.10 5.54
C PHE A 219 55.25 -4.95 4.38
N PHE A 220 56.06 -4.39 3.49
CA PHE A 220 56.51 -5.17 2.36
C PHE A 220 57.67 -6.10 2.70
N GLU A 221 58.09 -6.14 3.96
CA GLU A 221 58.99 -7.18 4.43
C GLU A 221 58.31 -8.54 4.45
N GLY A 222 59.10 -9.59 4.23
CA GLY A 222 58.54 -10.93 4.23
C GLY A 222 57.92 -11.31 5.56
N GLU A 223 58.58 -10.97 6.67
CA GLU A 223 58.17 -11.51 7.96
C GLU A 223 57.03 -10.74 8.61
N PHE A 224 56.48 -9.73 7.94
CA PHE A 224 55.34 -9.00 8.49
C PHE A 224 54.01 -9.51 7.95
N PHE A 225 54.01 -10.63 7.23
CA PHE A 225 52.77 -11.16 6.65
C PHE A 225 51.77 -11.53 7.75
N ASN A 226 52.25 -12.02 8.89
CA ASN A 226 51.35 -12.51 9.93
C ASN A 226 50.36 -11.45 10.41
N PHE A 227 50.62 -10.17 10.13
CA PHE A 227 49.69 -9.12 10.51
C PHE A 227 48.42 -9.14 9.67
N VAL A 228 48.55 -9.45 8.38
CA VAL A 228 47.44 -9.33 7.44
C VAL A 228 46.60 -10.61 7.37
N LEU A 229 46.96 -11.65 8.13
CA LEU A 229 46.16 -12.87 8.14
C LEU A 229 44.73 -12.63 8.60
N THR A 230 44.52 -11.68 9.51
CA THR A 230 43.18 -11.37 9.97
C THR A 230 42.56 -10.27 9.12
N GLN A 231 41.23 -10.13 9.23
CA GLN A 231 40.56 -9.02 8.55
C GLN A 231 40.99 -7.69 9.14
N GLU A 232 41.14 -7.64 10.46
CA GLU A 232 41.51 -6.40 11.14
C GLU A 232 42.84 -5.87 10.62
N GLY A 233 43.79 -6.76 10.36
CA GLY A 233 45.07 -6.34 9.81
C GLY A 233 44.98 -5.92 8.36
N ILE A 234 44.15 -6.60 7.58
CA ILE A 234 44.03 -6.29 6.15
C ILE A 234 43.54 -4.86 5.95
N ASP A 235 42.55 -4.44 6.74
CA ASP A 235 42.00 -3.09 6.62
C ASP A 235 43.10 -2.05 6.73
N VAL A 236 44.07 -2.27 7.62
CA VAL A 236 45.22 -1.37 7.71
C VAL A 236 46.10 -1.52 6.46
N TYR A 237 46.34 -2.76 6.03
CA TYR A 237 47.15 -2.97 4.83
C TYR A 237 46.49 -2.36 3.61
N ASN A 238 45.21 -2.65 3.39
CA ASN A 238 44.51 -2.09 2.25
C ASN A 238 44.50 -0.56 2.32
N ALA A 239 44.61 0.01 3.52
CA ALA A 239 44.63 1.46 3.69
C ALA A 239 45.89 2.09 3.11
N ILE A 240 47.04 1.40 3.16
CA ILE A 240 48.25 2.01 2.61
C ILE A 240 48.07 2.28 1.12
N ILE A 241 47.47 1.31 0.43
CA ILE A 241 47.17 1.46 -0.99
C ILE A 241 46.01 2.42 -1.20
N GLY A 242 44.89 2.18 -0.53
CA GLY A 242 43.68 2.94 -0.78
C GLY A 242 43.57 4.23 0.00
N GLY A 243 44.11 4.25 1.21
CA GLY A 243 43.90 5.38 2.09
C GLY A 243 42.65 5.17 2.91
N PHE A 244 42.28 6.20 3.66
CA PHE A 244 41.06 6.12 4.45
C PHE A 244 40.60 7.55 4.72
N VAL A 245 39.45 7.67 5.36
CA VAL A 245 38.85 8.96 5.69
C VAL A 245 38.69 8.98 7.20
N THR A 246 39.21 10.03 7.84
CA THR A 246 39.20 10.06 9.28
C THR A 246 37.80 10.42 9.80
N GLU A 247 37.71 10.52 11.11
CA GLU A 247 36.54 11.15 11.71
C GLU A 247 36.49 12.62 11.34
N SER A 248 37.66 13.27 11.25
CA SER A 248 37.73 14.68 10.92
C SER A 248 37.40 14.95 9.46
N GLY A 249 37.21 13.91 8.65
CA GLY A 249 36.77 14.05 7.27
C GLY A 249 37.83 14.45 6.27
N GLU A 250 39.11 14.17 6.54
CA GLU A 250 40.18 14.44 5.59
C GLU A 250 40.45 13.23 4.71
N LYS A 251 40.52 13.44 3.40
CA LYS A 251 40.82 12.37 2.44
C LYS A 251 42.34 12.22 2.35
N ILE A 252 42.87 11.30 3.16
CA ILE A 252 44.29 10.96 3.11
C ILE A 252 44.58 10.16 1.85
N LYS A 253 45.61 10.55 1.11
CA LYS A 253 45.96 9.82 -0.10
C LYS A 253 46.71 8.55 0.23
N GLY A 254 46.66 7.59 -0.69
CA GLY A 254 47.34 6.32 -0.50
C GLY A 254 48.37 6.08 -1.58
N LEU A 255 49.26 5.10 -1.35
CA LEU A 255 50.35 4.86 -2.30
C LEU A 255 49.85 4.62 -3.72
N ASN A 256 48.67 4.02 -3.90
CA ASN A 256 48.20 3.77 -5.25
C ASN A 256 47.75 5.06 -5.92
N GLU A 257 47.15 5.96 -5.14
CA GLU A 257 46.70 7.23 -5.68
C GLU A 257 47.89 8.10 -6.04
N TYR A 258 48.97 8.01 -5.26
CA TYR A 258 50.19 8.78 -5.53
C TYR A 258 50.85 8.31 -6.82
N ILE A 259 50.89 6.99 -7.04
CA ILE A 259 51.50 6.44 -8.26
C ILE A 259 50.80 7.00 -9.49
N ASN A 260 49.46 7.12 -9.43
CA ASN A 260 48.72 7.66 -10.56
C ASN A 260 49.09 9.12 -10.83
N LEU A 261 49.21 9.93 -9.76
CA LEU A 261 49.52 11.35 -9.94
C LEU A 261 50.89 11.53 -10.58
N TYR A 262 51.87 10.72 -10.19
CA TYR A 262 53.18 10.78 -10.84
C TYR A 262 53.07 10.39 -12.31
N ASN A 263 52.25 9.37 -12.60
CA ASN A 263 52.10 8.90 -13.97
C ASN A 263 51.29 9.87 -14.83
N GLN A 264 50.38 10.65 -14.23
CA GLN A 264 49.57 11.57 -15.02
C GLN A 264 50.33 12.83 -15.40
N LYS A 265 51.26 13.27 -14.55
CA LYS A 265 52.06 14.46 -14.87
C LYS A 265 53.26 14.13 -15.75
N THR A 266 53.83 12.92 -15.65
CA THR A 266 54.99 12.53 -16.44
C THR A 266 54.69 11.50 -17.51
N LYS A 267 53.44 11.05 -17.65
CA LYS A 267 53.02 10.20 -18.76
C LYS A 267 53.82 8.88 -18.83
N GLN A 268 54.04 8.26 -17.68
CA GLN A 268 54.68 6.96 -17.59
C GLN A 268 53.69 5.96 -16.97
N LYS A 269 54.04 4.68 -17.02
CA LYS A 269 53.19 3.62 -16.47
C LYS A 269 53.91 2.79 -15.42
N LEU A 270 53.74 3.18 -14.15
CA LEU A 270 54.23 2.35 -13.06
C LEU A 270 53.07 1.61 -12.43
N PRO A 271 53.19 0.31 -12.15
CA PRO A 271 52.03 -0.46 -11.70
C PRO A 271 51.51 0.03 -10.37
N LYS A 272 50.21 -0.14 -10.16
CA LYS A 272 49.59 0.18 -8.88
C LYS A 272 49.45 -1.09 -8.04
N PHE A 273 49.31 -0.88 -6.73
CA PHE A 273 49.25 -2.01 -5.80
C PHE A 273 47.90 -2.71 -5.88
N LYS A 274 47.90 -4.00 -5.55
CA LYS A 274 46.67 -4.76 -5.43
C LYS A 274 46.20 -4.76 -3.98
N PRO A 275 44.98 -4.33 -3.68
CA PRO A 275 44.45 -4.49 -2.33
C PRO A 275 44.27 -5.97 -2.00
N LEU A 276 44.18 -6.27 -0.72
CA LEU A 276 44.00 -7.64 -0.27
C LEU A 276 42.53 -7.95 -0.02
N TYR A 277 42.13 -9.17 -0.40
CA TYR A 277 40.77 -9.62 -0.21
C TYR A 277 40.48 -9.81 1.27
N LYS A 278 39.21 -9.67 1.64
CA LYS A 278 38.79 -9.90 3.02
C LYS A 278 39.07 -11.35 3.41
N GLN A 279 39.03 -11.61 4.71
CA GLN A 279 39.22 -12.97 5.20
C GLN A 279 37.85 -13.62 5.40
N VAL A 280 37.83 -14.94 5.22
CA VAL A 280 36.58 -15.69 5.32
C VAL A 280 35.87 -15.39 6.63
N LEU A 281 34.56 -15.18 6.55
CA LEU A 281 33.64 -15.02 7.67
C LEU A 281 33.85 -13.75 8.49
N SER A 282 34.70 -12.84 8.04
CA SER A 282 34.96 -11.63 8.81
C SER A 282 33.75 -10.70 8.77
N ASP A 283 33.34 -10.23 9.95
CA ASP A 283 32.37 -9.15 10.06
C ASP A 283 33.17 -7.86 10.05
N ARG A 284 33.47 -7.37 8.85
CA ARG A 284 34.44 -6.29 8.68
C ARG A 284 33.73 -4.95 8.81
N GLU A 285 34.07 -4.21 9.87
CA GLU A 285 33.65 -2.82 9.99
C GLU A 285 34.69 -1.96 9.29
N SER A 286 34.24 -1.16 8.32
CA SER A 286 35.17 -0.36 7.54
C SER A 286 35.82 0.70 8.40
N LEU A 287 37.03 1.10 8.01
CA LEU A 287 37.76 2.09 8.77
C LEU A 287 37.26 3.51 8.48
N SER A 288 36.99 3.81 7.20
CA SER A 288 36.54 5.15 6.83
C SER A 288 35.21 5.48 7.50
N PHE A 289 35.13 6.68 8.09
CA PHE A 289 33.97 7.11 8.84
C PHE A 289 32.82 7.50 7.91
N TYR A 290 31.61 7.04 8.25
CA TYR A 290 30.41 7.34 7.48
C TYR A 290 29.22 7.38 8.44
N GLY A 291 28.18 8.09 8.03
CA GLY A 291 26.99 8.25 8.84
C GLY A 291 25.96 7.18 8.48
N GLU A 292 25.51 6.45 9.49
CA GLU A 292 24.70 5.27 9.27
C GLU A 292 23.36 5.62 8.62
N GLY A 293 22.92 4.74 7.71
CA GLY A 293 21.66 4.96 7.03
C GLY A 293 20.46 4.76 7.93
N TYR A 294 19.34 5.36 7.52
CA TYR A 294 18.11 5.30 8.28
C TYR A 294 17.49 3.91 8.24
N THR A 295 17.01 3.45 9.40
CA THR A 295 16.44 2.11 9.49
C THR A 295 15.11 1.99 8.75
N SER A 296 14.23 2.98 8.88
CA SER A 296 12.85 2.80 8.47
C SER A 296 12.32 4.05 7.76
N ASP A 297 11.18 3.86 7.09
CA ASP A 297 10.54 4.95 6.35
C ASP A 297 10.25 6.14 7.25
N GLU A 298 9.84 5.88 8.50
CA GLU A 298 9.44 6.98 9.39
C GLU A 298 10.61 7.92 9.65
N GLU A 299 11.81 7.37 9.87
CA GLU A 299 12.99 8.21 10.09
C GLU A 299 13.23 9.15 8.92
N VAL A 300 13.31 8.59 7.70
CA VAL A 300 13.61 9.39 6.52
C VAL A 300 12.71 10.62 6.46
N LEU A 301 11.41 10.41 6.62
CA LEU A 301 10.47 11.54 6.65
C LEU A 301 10.85 12.54 7.72
N GLU A 302 10.99 12.07 8.97
CA GLU A 302 11.20 12.98 10.10
C GLU A 302 12.50 13.76 9.94
N VAL A 303 13.50 13.17 9.28
CA VAL A 303 14.68 13.95 8.91
C VAL A 303 14.33 14.92 7.78
N PHE A 304 13.62 14.43 6.75
CA PHE A 304 13.39 15.25 5.57
C PHE A 304 12.61 16.51 5.90
N ARG A 305 11.54 16.39 6.69
CA ARG A 305 10.77 17.58 7.06
C ARG A 305 11.61 18.53 7.92
N ASN A 306 12.18 18.00 9.02
CA ASN A 306 12.83 18.87 10.00
C ASN A 306 14.07 19.56 9.43
N THR A 307 14.90 18.84 8.69
CA THR A 307 16.13 19.41 8.16
C THR A 307 15.93 20.30 6.94
N LEU A 308 14.89 20.07 6.12
CA LEU A 308 14.77 20.81 4.87
C LEU A 308 13.72 21.92 4.87
N ASN A 309 12.84 22.00 5.87
CA ASN A 309 11.77 22.98 5.79
C ASN A 309 12.32 24.41 5.86
N LYS A 310 11.41 25.38 5.70
CA LYS A 310 11.81 26.79 5.73
C LYS A 310 12.46 27.16 7.05
N ASN A 311 11.90 26.69 8.17
CA ASN A 311 12.46 27.02 9.47
C ASN A 311 13.86 26.46 9.65
N SER A 312 14.13 25.29 9.07
CA SER A 312 15.40 24.62 9.32
C SER A 312 16.57 25.49 8.91
N GLU A 313 17.69 25.29 9.61
CA GLU A 313 18.87 26.13 9.40
C GLU A 313 19.36 26.02 7.97
N ILE A 314 19.21 24.84 7.35
CA ILE A 314 19.72 24.62 6.00
C ILE A 314 19.07 25.58 5.02
N PHE A 315 17.75 25.78 5.14
CA PHE A 315 17.09 26.82 4.35
C PHE A 315 17.49 28.20 4.84
N SER A 316 17.63 28.37 6.16
CA SER A 316 18.10 29.65 6.68
C SER A 316 19.47 29.97 6.11
N SER A 317 20.30 28.95 5.90
CA SER A 317 21.61 29.16 5.28
C SER A 317 21.47 29.72 3.86
N ILE A 318 20.45 29.27 3.12
CA ILE A 318 20.20 29.85 1.81
C ILE A 318 19.67 31.27 1.98
N LYS A 319 18.83 31.47 2.97
CA LYS A 319 18.17 32.74 3.20
C LYS A 319 19.20 33.84 3.53
N LYS A 320 20.25 33.49 4.27
CA LYS A 320 21.36 34.43 4.46
C LYS A 320 22.33 34.44 3.28
N LEU A 321 22.62 33.28 2.69
CA LEU A 321 23.62 33.21 1.63
C LEU A 321 23.25 34.10 0.45
N GLU A 322 21.94 34.18 0.13
CA GLU A 322 21.50 35.10 -0.90
C GLU A 322 21.77 36.55 -0.51
N LYS A 323 21.60 36.87 0.79
CA LYS A 323 21.75 38.25 1.23
C LYS A 323 23.14 38.78 0.89
N LEU A 324 24.15 37.93 1.01
CA LEU A 324 25.51 38.35 0.68
C LEU A 324 25.61 38.74 -0.78
N PHE A 325 24.98 37.96 -1.66
CA PHE A 325 25.03 38.26 -3.09
C PHE A 325 24.22 39.49 -3.44
N LYS A 326 23.09 39.69 -2.76
CA LYS A 326 22.36 40.94 -2.94
C LYS A 326 23.18 42.13 -2.45
N ASN A 327 23.93 41.94 -1.36
CA ASN A 327 24.81 42.94 -0.81
C ASN A 327 26.22 42.87 -1.41
N PHE A 328 26.35 42.24 -2.58
CA PHE A 328 27.67 41.92 -3.14
C PHE A 328 28.50 43.17 -3.37
N ASP A 329 27.88 44.25 -3.87
CA ASP A 329 28.63 45.46 -4.21
C ASP A 329 29.34 46.06 -3.01
N GLU A 330 28.75 45.92 -1.81
CA GLU A 330 29.33 46.58 -0.63
C GLU A 330 30.73 46.06 -0.34
N TYR A 331 30.95 44.76 -0.47
CA TYR A 331 32.26 44.20 -0.17
C TYR A 331 33.26 44.47 -1.31
N SER A 332 34.54 44.42 -0.93
CA SER A 332 35.64 44.65 -1.86
C SER A 332 35.58 43.71 -3.04
N SER A 333 35.52 44.27 -4.26
CA SER A 333 35.59 43.45 -5.46
C SER A 333 36.97 42.87 -5.70
N ALA A 334 37.94 43.16 -4.84
CA ALA A 334 39.22 42.46 -4.82
C ALA A 334 39.32 41.47 -3.67
N GLY A 335 38.34 41.46 -2.76
CA GLY A 335 38.31 40.53 -1.65
C GLY A 335 37.52 39.26 -1.90
N ILE A 336 36.75 39.21 -2.97
CA ILE A 336 35.97 38.03 -3.33
C ILE A 336 36.59 37.39 -4.56
N PHE A 337 36.61 36.05 -4.58
CA PHE A 337 37.35 35.33 -5.60
C PHE A 337 36.53 34.13 -6.06
N VAL A 338 36.58 33.85 -7.36
CA VAL A 338 35.91 32.68 -7.92
C VAL A 338 36.97 31.62 -8.18
N LYS A 339 36.77 30.43 -7.59
CA LYS A 339 37.77 29.37 -7.72
C LYS A 339 37.98 29.00 -9.18
N ASN A 340 39.13 28.41 -9.46
CA ASN A 340 39.50 28.00 -10.80
C ASN A 340 39.38 26.49 -10.93
N GLY A 341 38.76 26.04 -12.02
CA GLY A 341 38.68 24.65 -12.37
C GLY A 341 38.08 24.52 -13.76
N PRO A 342 37.81 23.29 -14.19
CA PRO A 342 37.09 23.11 -15.46
C PRO A 342 35.63 23.57 -15.39
N ALA A 343 35.05 23.65 -14.20
CA ALA A 343 33.66 24.05 -14.04
C ALA A 343 33.46 25.56 -14.11
N ILE A 344 34.45 26.30 -14.60
CA ILE A 344 34.34 27.76 -14.73
C ILE A 344 33.94 28.18 -16.13
N SER A 345 34.04 27.28 -17.12
CA SER A 345 33.46 27.57 -18.43
C SER A 345 31.96 27.78 -18.32
N THR A 346 31.30 27.07 -17.41
CA THR A 346 29.89 27.32 -17.14
C THR A 346 29.67 28.70 -16.53
N ILE A 347 30.63 29.17 -15.73
CA ILE A 347 30.47 30.45 -15.05
C ILE A 347 30.49 31.60 -16.06
N SER A 348 31.42 31.54 -17.02
CA SER A 348 31.48 32.57 -18.06
C SER A 348 30.17 32.67 -18.83
N LYS A 349 29.42 31.58 -18.94
CA LYS A 349 28.15 31.62 -19.66
C LYS A 349 27.06 32.29 -18.85
N ASP A 350 26.99 32.02 -17.54
CA ASP A 350 25.87 32.48 -16.74
C ASP A 350 25.80 33.99 -16.64
N ILE A 351 26.83 34.70 -17.10
CA ILE A 351 26.91 36.15 -16.99
C ILE A 351 26.57 36.79 -18.32
N PHE A 352 27.40 36.53 -19.32
CA PHE A 352 27.26 37.12 -20.66
C PHE A 352 26.92 36.09 -21.73
N GLY A 353 26.61 34.86 -21.36
CA GLY A 353 26.07 33.92 -22.31
C GLY A 353 27.07 33.23 -23.21
N GLU A 354 28.31 33.05 -22.76
CA GLU A 354 29.30 32.34 -23.58
C GLU A 354 30.31 31.64 -22.68
N TRP A 355 30.74 30.46 -23.10
CA TRP A 355 31.54 29.58 -22.25
C TRP A 355 33.00 30.01 -22.15
N ASN A 356 33.66 30.17 -23.29
CA ASN A 356 35.12 30.26 -23.32
C ASN A 356 35.64 31.68 -23.22
N VAL A 357 34.79 32.66 -22.93
CA VAL A 357 35.23 34.05 -22.94
C VAL A 357 36.21 34.31 -21.80
N ILE A 358 35.93 33.75 -20.62
CA ILE A 358 36.83 33.94 -19.48
C ILE A 358 38.19 33.32 -19.77
N ARG A 359 38.20 32.17 -20.45
CA ARG A 359 39.47 31.58 -20.89
C ARG A 359 40.12 32.44 -21.97
N ASP A 360 39.34 32.90 -22.94
CA ASP A 360 39.91 33.65 -24.07
C ASP A 360 40.37 35.03 -23.64
N LYS A 361 39.67 35.67 -22.71
CA LYS A 361 40.10 36.98 -22.23
C LYS A 361 41.46 36.89 -21.56
N TRP A 362 41.64 35.91 -20.66
CA TRP A 362 42.91 35.75 -19.98
C TRP A 362 44.01 35.32 -20.93
N ASN A 363 43.68 34.52 -21.95
CA ASN A 363 44.67 34.11 -22.94
C ASN A 363 45.21 35.27 -23.76
N ALA A 364 44.46 36.38 -23.86
CA ALA A 364 45.01 37.59 -24.46
C ALA A 364 45.99 38.27 -23.51
N GLU A 365 45.81 38.08 -22.21
CA GLU A 365 46.70 38.68 -21.22
C GLU A 365 48.04 37.94 -21.19
N TYR A 366 48.00 36.62 -21.04
CA TYR A 366 49.24 35.84 -21.01
C TYR A 366 49.99 35.92 -22.34
N ASP A 367 49.28 36.13 -23.44
CA ASP A 367 49.93 36.09 -24.74
C ASP A 367 50.78 37.35 -24.96
N ASP A 368 50.20 38.53 -24.77
CA ASP A 368 50.87 39.76 -25.21
C ASP A 368 52.27 39.88 -24.62
N ILE A 369 52.44 39.54 -23.33
CA ILE A 369 53.77 39.55 -22.74
C ILE A 369 54.63 38.46 -23.35
N HIS A 370 54.15 37.22 -23.26
CA HIS A 370 54.87 36.04 -23.73
C HIS A 370 54.40 35.66 -25.11
N LEU A 371 54.35 36.63 -26.03
CA LEU A 371 54.24 36.32 -27.46
C LEU A 371 55.14 37.31 -28.20
N LYS A 372 56.40 36.93 -28.36
CA LYS A 372 57.34 37.71 -29.14
C LYS A 372 56.94 37.65 -30.62
N LYS A 373 56.96 38.82 -31.28
CA LYS A 373 56.29 38.98 -32.57
C LYS A 373 56.75 37.99 -33.65
N LYS A 374 57.89 37.32 -33.45
CA LYS A 374 58.32 36.34 -34.44
C LYS A 374 57.32 35.19 -34.57
N ALA A 375 56.92 34.62 -33.44
CA ALA A 375 56.14 33.39 -33.42
C ALA A 375 54.68 33.60 -33.81
N VAL A 376 53.99 34.52 -33.11
CA VAL A 376 52.56 34.86 -33.10
C VAL A 376 51.68 33.76 -32.51
N VAL A 377 51.84 32.50 -32.94
CA VAL A 377 51.14 31.37 -32.31
C VAL A 377 51.88 30.06 -32.48
N THR A 378 53.05 29.93 -31.86
CA THR A 378 53.69 28.61 -31.86
C THR A 378 52.89 27.65 -31.00
N GLU A 379 53.12 26.35 -31.21
CA GLU A 379 52.45 25.35 -30.40
C GLU A 379 52.82 25.51 -28.93
N LYS A 380 54.06 25.91 -28.64
CA LYS A 380 54.47 26.08 -27.26
C LYS A 380 53.70 27.21 -26.57
N TYR A 381 53.52 28.34 -27.25
CA TYR A 381 52.79 29.44 -26.62
C TYR A 381 51.32 29.08 -26.40
N GLU A 382 50.71 28.42 -27.39
CA GLU A 382 49.33 28.00 -27.23
C GLU A 382 49.21 26.93 -26.15
N ASP A 383 50.16 25.99 -26.12
CA ASP A 383 50.13 24.92 -25.12
C ASP A 383 50.45 25.46 -23.73
N ASP A 384 51.47 26.32 -23.62
CA ASP A 384 51.86 26.82 -22.30
C ASP A 384 50.74 27.59 -21.62
N ARG A 385 49.91 28.27 -22.40
CA ARG A 385 48.77 28.98 -21.83
C ARG A 385 47.82 28.03 -21.11
N ARG A 386 47.71 26.79 -21.61
CA ARG A 386 46.94 25.78 -20.90
C ARG A 386 47.55 25.47 -19.54
N LYS A 387 48.90 25.41 -19.48
CA LYS A 387 49.57 25.17 -18.20
C LYS A 387 49.28 26.28 -17.21
N SER A 388 49.36 27.53 -17.67
CA SER A 388 49.14 28.67 -16.78
C SER A 388 47.67 28.82 -16.37
N PHE A 389 46.73 28.46 -17.25
CA PHE A 389 45.34 28.77 -16.98
C PHE A 389 44.67 27.82 -15.99
N LYS A 390 45.29 26.67 -15.70
CA LYS A 390 44.81 25.83 -14.60
C LYS A 390 45.68 25.95 -13.36
N LYS A 391 46.94 26.36 -13.50
CA LYS A 391 47.77 26.65 -12.33
C LYS A 391 47.13 27.75 -11.48
N ILE A 392 46.54 28.75 -12.13
CA ILE A 392 45.85 29.82 -11.41
C ILE A 392 44.79 29.19 -10.51
N GLY A 393 44.80 29.59 -9.24
CA GLY A 393 43.91 29.00 -8.26
C GLY A 393 42.54 29.63 -8.20
N SER A 394 42.46 30.90 -8.57
CA SER A 394 41.22 31.65 -8.45
C SER A 394 41.33 32.91 -9.29
N PHE A 395 40.21 33.60 -9.42
CA PHE A 395 40.15 34.87 -10.11
C PHE A 395 39.54 35.92 -9.21
N SER A 396 40.18 37.09 -9.14
CA SER A 396 39.57 38.20 -8.41
C SER A 396 38.27 38.61 -9.09
N LEU A 397 37.30 39.02 -8.28
CA LEU A 397 36.06 39.56 -8.83
C LEU A 397 36.34 40.78 -9.69
N GLU A 398 37.31 41.60 -9.28
CA GLU A 398 37.70 42.74 -10.08
C GLU A 398 38.48 42.28 -11.32
N GLN A 399 39.27 41.22 -11.21
CA GLN A 399 39.97 40.72 -12.39
C GLN A 399 38.99 40.17 -13.43
N LEU A 400 37.83 39.63 -12.99
CA LEU A 400 36.81 39.19 -13.94
C LEU A 400 36.11 40.39 -14.57
N GLN A 401 35.82 41.41 -13.75
CA GLN A 401 35.12 42.59 -14.25
C GLN A 401 35.94 43.31 -15.32
N GLU A 402 37.27 43.32 -15.19
CA GLU A 402 38.11 43.92 -16.21
C GLU A 402 37.94 43.23 -17.57
N TYR A 403 37.77 41.91 -17.57
CA TYR A 403 37.66 41.17 -18.82
C TYR A 403 36.41 41.55 -19.61
N ALA A 404 35.27 41.72 -18.93
CA ALA A 404 34.00 41.94 -19.60
C ALA A 404 33.99 43.26 -20.38
N ASP A 405 33.29 43.24 -21.51
CA ASP A 405 33.09 44.45 -22.29
C ASP A 405 31.87 45.17 -21.75
N ALA A 406 31.99 46.46 -21.49
CA ALA A 406 30.88 47.21 -20.91
C ALA A 406 29.65 47.12 -21.80
N ASP A 407 28.45 47.25 -21.23
CA ASP A 407 28.21 47.70 -19.85
C ASP A 407 28.30 46.65 -18.75
N LEU A 408 28.18 45.37 -19.14
CA LEU A 408 27.92 44.33 -18.16
C LEU A 408 28.96 44.32 -17.04
N SER A 409 28.45 44.26 -15.81
CA SER A 409 29.22 44.27 -14.59
C SER A 409 28.97 42.95 -13.87
N VAL A 410 30.06 42.24 -13.56
CA VAL A 410 29.95 40.88 -13.04
C VAL A 410 29.08 40.84 -11.79
N VAL A 411 29.29 41.81 -10.89
CA VAL A 411 28.61 41.76 -9.60
C VAL A 411 27.10 41.99 -9.73
N GLU A 412 26.68 42.80 -10.71
CA GLU A 412 25.24 42.96 -10.92
C GLU A 412 24.64 41.71 -11.56
N LYS A 413 25.34 41.14 -12.56
CA LYS A 413 24.87 39.91 -13.17
C LYS A 413 25.09 38.70 -12.28
N LEU A 414 26.04 38.76 -11.34
CA LEU A 414 26.08 37.79 -10.25
C LEU A 414 24.87 37.94 -9.35
N LYS A 415 24.46 39.18 -9.07
CA LYS A 415 23.24 39.38 -8.30
C LYS A 415 22.02 38.88 -9.05
N GLU A 416 22.08 38.82 -10.38
CA GLU A 416 20.95 38.31 -11.16
C GLU A 416 20.82 36.79 -11.05
N ILE A 417 21.93 36.07 -11.17
CA ILE A 417 21.85 34.61 -11.22
C ILE A 417 21.33 34.04 -9.90
N ILE A 418 21.85 34.54 -8.78
CA ILE A 418 21.59 33.90 -7.50
C ILE A 418 20.12 34.02 -7.09
N ILE A 419 19.48 35.16 -7.36
CA ILE A 419 18.05 35.25 -7.06
C ILE A 419 17.28 34.22 -7.86
N GLN A 420 17.72 33.93 -9.08
CA GLN A 420 17.10 32.91 -9.91
C GLN A 420 17.26 31.52 -9.30
N LYS A 421 18.44 31.20 -8.77
CA LYS A 421 18.65 29.85 -8.23
C LYS A 421 17.94 29.64 -6.90
N VAL A 422 17.85 30.68 -6.07
CA VAL A 422 17.12 30.49 -4.81
C VAL A 422 15.62 30.40 -5.08
N ASP A 423 15.15 31.00 -6.17
CA ASP A 423 13.73 30.89 -6.51
C ASP A 423 13.38 29.50 -7.02
N GLU A 424 14.23 28.91 -7.88
CA GLU A 424 13.96 27.56 -8.34
C GLU A 424 13.89 26.58 -7.17
N ILE A 425 14.70 26.81 -6.13
CA ILE A 425 14.61 25.99 -4.94
C ILE A 425 13.28 26.24 -4.26
N TYR A 426 12.86 27.50 -4.22
CA TYR A 426 11.57 27.87 -3.64
C TYR A 426 10.43 27.25 -4.43
N LYS A 427 10.62 26.97 -5.72
CA LYS A 427 9.54 26.40 -6.52
C LYS A 427 9.32 24.94 -6.19
N VAL A 428 10.41 24.19 -5.97
CA VAL A 428 10.25 22.78 -5.65
C VAL A 428 9.54 22.61 -4.31
N TYR A 429 9.77 23.53 -3.37
CA TYR A 429 9.02 23.49 -2.12
C TYR A 429 7.52 23.65 -2.37
N GLY A 430 7.15 24.44 -3.37
CA GLY A 430 5.74 24.62 -3.69
C GLY A 430 5.07 23.32 -4.08
N SER A 431 5.71 22.56 -4.97
CA SER A 431 5.18 21.24 -5.33
C SER A 431 5.23 20.26 -4.17
N SER A 432 6.28 20.34 -3.35
CA SER A 432 6.56 19.36 -2.30
C SER A 432 6.01 19.74 -0.94
N GLU A 433 5.19 20.79 -0.85
CA GLU A 433 4.73 21.26 0.45
C GLU A 433 3.99 20.19 1.25
N LYS A 434 3.35 19.23 0.57
CA LYS A 434 2.60 18.19 1.28
C LYS A 434 3.50 17.29 2.11
N LEU A 435 4.71 17.01 1.63
CA LEU A 435 5.65 16.17 2.37
C LEU A 435 5.92 16.73 3.76
N PHE A 436 6.00 18.06 3.88
CA PHE A 436 6.47 18.68 5.12
C PHE A 436 5.42 18.65 6.25
N ASP A 437 4.13 18.70 5.92
CA ASP A 437 3.11 18.86 6.96
C ASP A 437 3.23 17.79 8.03
N ALA A 438 2.93 18.17 9.27
CA ALA A 438 2.97 17.23 10.38
C ALA A 438 1.99 16.09 10.18
N ASP A 439 0.80 16.40 9.65
CA ASP A 439 -0.26 15.40 9.52
C ASP A 439 0.08 14.32 8.50
N PHE A 440 0.71 14.69 7.38
CA PHE A 440 0.75 13.86 6.18
C PHE A 440 1.25 12.45 6.47
N VAL A 441 0.51 11.46 5.96
CA VAL A 441 0.79 10.04 6.19
C VAL A 441 0.95 9.37 4.83
N LEU A 442 1.98 8.53 4.72
CA LEU A 442 2.36 7.97 3.42
C LEU A 442 1.40 6.89 2.97
N GLU A 443 1.00 6.96 1.69
CA GLU A 443 0.12 5.94 1.12
C GLU A 443 0.82 4.60 0.99
N LYS A 444 2.06 4.60 0.51
CA LYS A 444 2.76 3.39 0.11
C LYS A 444 4.20 3.48 0.56
N SER A 445 4.83 2.31 0.73
CA SER A 445 6.23 2.25 1.14
C SER A 445 7.11 3.09 0.25
N LEU A 446 8.18 3.64 0.84
CA LEU A 446 9.02 4.59 0.11
C LEU A 446 9.57 4.00 -1.18
N LYS A 447 9.92 2.71 -1.16
CA LYS A 447 10.43 2.09 -2.38
C LYS A 447 9.32 1.81 -3.39
N LYS A 448 8.12 1.47 -2.91
CA LYS A 448 6.99 1.36 -3.82
C LYS A 448 6.46 2.72 -4.27
N ASN A 449 6.84 3.80 -3.56
CA ASN A 449 6.31 5.13 -3.83
C ASN A 449 7.30 5.89 -4.69
N ASP A 450 7.21 5.67 -6.00
CA ASP A 450 8.00 6.44 -6.95
C ASP A 450 7.58 7.92 -6.94
N ALA A 451 6.32 8.21 -6.63
CA ALA A 451 5.82 9.57 -6.72
C ALA A 451 6.38 10.44 -5.60
N VAL A 452 6.55 9.87 -4.41
CA VAL A 452 7.03 10.66 -3.29
C VAL A 452 8.54 10.84 -3.36
N VAL A 453 9.25 9.84 -3.88
CA VAL A 453 10.70 9.92 -3.98
C VAL A 453 11.12 10.97 -5.01
N ALA A 454 10.50 10.93 -6.20
CA ALA A 454 10.76 11.94 -7.22
C ALA A 454 10.53 13.34 -6.68
N ILE A 455 9.66 13.47 -5.67
CA ILE A 455 9.49 14.74 -4.99
C ILE A 455 10.69 15.04 -4.11
N MET A 456 11.14 14.05 -3.35
CA MET A 456 12.36 14.23 -2.55
C MET A 456 13.57 14.44 -3.45
N LYS A 457 13.70 13.61 -4.50
CA LYS A 457 14.80 13.75 -5.45
C LYS A 457 14.80 15.11 -6.12
N ASP A 458 13.62 15.72 -6.29
CA ASP A 458 13.55 17.03 -6.92
C ASP A 458 13.96 18.14 -5.95
N LEU A 459 13.57 18.03 -4.68
CA LEU A 459 13.96 19.04 -3.71
C LEU A 459 15.44 18.90 -3.36
N LEU A 460 15.94 17.66 -3.29
CA LEU A 460 17.34 17.46 -2.96
C LEU A 460 18.25 17.94 -4.08
N ASP A 461 17.87 17.69 -5.33
CA ASP A 461 18.69 18.13 -6.45
C ASP A 461 18.62 19.64 -6.65
N SER A 462 17.50 20.27 -6.30
CA SER A 462 17.42 21.73 -6.40
C SER A 462 18.25 22.39 -5.31
N VAL A 463 18.36 21.76 -4.14
CA VAL A 463 19.25 22.27 -3.11
C VAL A 463 20.70 21.93 -3.43
N LYS A 464 20.93 20.79 -4.07
CA LYS A 464 22.29 20.38 -4.40
C LYS A 464 22.95 21.28 -5.44
N SER A 465 22.18 21.79 -6.40
CA SER A 465 22.77 22.56 -7.49
C SER A 465 23.15 23.97 -7.04
N PHE A 466 22.34 24.57 -6.17
CA PHE A 466 22.68 25.90 -5.66
C PHE A 466 23.95 25.84 -4.81
N GLU A 467 24.08 24.80 -3.98
CA GLU A 467 25.29 24.64 -3.19
C GLU A 467 26.49 24.35 -4.07
N ASN A 468 26.34 23.38 -4.99
CA ASN A 468 27.44 23.02 -5.87
C ASN A 468 27.88 24.19 -6.74
N TYR A 469 26.97 25.13 -7.01
CA TYR A 469 27.34 26.37 -7.69
C TYR A 469 28.18 27.26 -6.77
N ILE A 470 27.69 27.49 -5.54
CA ILE A 470 28.33 28.43 -4.61
C ILE A 470 29.73 27.96 -4.23
N LYS A 471 29.96 26.65 -4.21
CA LYS A 471 31.24 26.10 -3.74
C LYS A 471 32.43 26.68 -4.49
N ALA A 472 32.26 26.96 -5.78
CA ALA A 472 33.33 27.56 -6.57
C ALA A 472 33.72 28.96 -6.07
N PHE A 473 32.86 29.63 -5.32
CA PHE A 473 33.20 30.96 -4.86
C PHE A 473 34.20 30.96 -3.69
N PHE A 474 34.53 29.79 -3.12
CA PHE A 474 35.47 29.76 -2.01
C PHE A 474 36.87 30.20 -2.44
N GLY A 475 37.38 29.66 -3.55
CA GLY A 475 38.68 30.05 -4.03
C GLY A 475 39.87 29.44 -3.31
N GLU A 476 39.63 28.52 -2.37
CA GLU A 476 40.64 27.76 -1.61
C GLU A 476 41.75 28.65 -1.03
N GLY A 477 41.50 29.94 -0.85
CA GLY A 477 42.54 30.83 -0.37
C GLY A 477 42.78 30.71 1.13
N LYS A 478 44.06 30.77 1.54
CA LYS A 478 45.29 30.95 0.73
C LYS A 478 45.30 32.15 -0.24
N GLU A 479 44.80 33.30 0.23
CA GLU A 479 44.71 34.47 -0.63
C GLU A 479 45.14 35.70 0.15
N THR A 480 45.84 36.60 -0.54
CA THR A 480 46.51 37.71 0.14
C THR A 480 45.52 38.58 0.90
N ASN A 481 44.49 39.08 0.23
CA ASN A 481 43.44 39.85 0.90
C ASN A 481 42.10 39.20 0.60
N ARG A 482 41.39 38.88 1.67
CA ARG A 482 40.06 38.30 1.62
C ARG A 482 39.16 39.30 2.31
N ASP A 483 38.06 39.69 1.67
CA ASP A 483 37.17 40.60 2.38
C ASP A 483 36.55 39.82 3.52
N GLU A 484 37.37 39.55 4.54
CA GLU A 484 37.03 38.54 5.54
C GLU A 484 35.77 38.91 6.31
N SER A 485 35.36 40.17 6.24
CA SER A 485 34.01 40.54 6.67
C SER A 485 32.96 39.78 5.86
N PHE A 486 33.17 39.66 4.54
CA PHE A 486 32.25 38.88 3.71
C PHE A 486 32.39 37.39 4.01
N TYR A 487 33.61 36.87 3.97
CA TYR A 487 33.78 35.42 4.01
C TYR A 487 33.36 34.85 5.36
N GLY A 488 33.60 35.57 6.45
CA GLY A 488 33.22 35.07 7.76
C GLY A 488 31.74 34.74 7.83
N ASP A 489 30.89 35.61 7.28
CA ASP A 489 29.48 35.29 7.13
C ASP A 489 29.29 34.11 6.19
N PHE A 490 30.02 34.13 5.06
CA PHE A 490 29.89 33.09 4.05
C PHE A 490 30.23 31.71 4.59
N VAL A 491 31.34 31.61 5.33
CA VAL A 491 31.73 30.33 5.92
C VAL A 491 30.70 29.88 6.96
N LEU A 492 30.13 30.84 7.70
CA LEU A 492 29.12 30.48 8.71
C LEU A 492 27.94 29.76 8.06
N ALA A 493 27.44 30.30 6.95
CA ALA A 493 26.32 29.67 6.26
C ALA A 493 26.73 28.39 5.55
N TYR A 494 27.77 28.47 4.72
CA TYR A 494 28.10 27.37 3.81
C TYR A 494 28.40 26.08 4.56
N ASP A 495 29.09 26.17 5.71
CA ASP A 495 29.33 24.97 6.50
C ASP A 495 28.04 24.34 6.98
N ILE A 496 26.99 25.14 7.13
CA ILE A 496 25.70 24.58 7.54
C ILE A 496 24.95 24.05 6.33
N LEU A 497 25.10 24.68 5.16
CA LEU A 497 24.61 24.10 3.92
C LEU A 497 25.34 22.82 3.54
N LEU A 498 26.54 22.62 4.05
CA LEU A 498 27.26 21.39 3.79
C LEU A 498 26.65 20.19 4.49
N LYS A 499 25.66 20.42 5.37
CA LYS A 499 25.02 19.33 6.08
C LYS A 499 24.15 18.47 5.16
N VAL A 500 23.65 19.04 4.07
CA VAL A 500 22.82 18.29 3.13
C VAL A 500 23.61 17.16 2.48
N ASP A 501 24.93 17.34 2.34
CA ASP A 501 25.74 16.37 1.62
C ASP A 501 25.71 15.00 2.29
N HIS A 502 25.58 14.97 3.62
CA HIS A 502 25.36 13.71 4.31
C HIS A 502 23.93 13.21 4.10
N ILE A 503 22.97 14.12 3.96
CA ILE A 503 21.58 13.71 3.84
C ILE A 503 21.29 13.20 2.43
N TYR A 504 21.81 13.88 1.41
CA TYR A 504 21.74 13.36 0.05
C TYR A 504 22.34 11.97 -0.05
N ASP A 505 23.40 11.71 0.73
CA ASP A 505 24.00 10.38 0.77
C ASP A 505 23.07 9.37 1.44
N ALA A 506 22.76 9.61 2.73
CA ALA A 506 22.02 8.62 3.51
C ALA A 506 20.65 8.33 2.91
N ILE A 507 19.98 9.35 2.38
CA ILE A 507 18.65 9.15 1.81
C ILE A 507 18.74 8.29 0.55
N ARG A 508 19.66 8.65 -0.36
CA ARG A 508 19.87 7.83 -1.56
C ARG A 508 20.09 6.37 -1.19
N ASN A 509 20.79 6.12 -0.08
CA ASN A 509 21.12 4.76 0.31
C ASN A 509 19.96 4.03 0.95
N TYR A 510 18.93 4.76 1.40
CA TYR A 510 17.71 4.14 1.89
C TYR A 510 16.71 3.93 0.76
N VAL A 511 16.30 5.03 0.12
CA VAL A 511 15.28 4.98 -0.92
C VAL A 511 15.58 3.92 -1.97
N THR A 512 16.84 3.82 -2.37
CA THR A 512 17.23 2.99 -3.51
C THR A 512 17.51 1.54 -3.15
N GLN A 513 17.13 1.08 -1.96
CA GLN A 513 17.37 -0.30 -1.57
C GLN A 513 16.12 -1.13 -1.85
N LYS A 514 16.33 -2.35 -2.35
CA LYS A 514 15.24 -3.16 -2.85
C LYS A 514 14.18 -3.36 -1.77
N PRO A 515 12.89 -3.31 -2.11
CA PRO A 515 11.85 -3.41 -1.07
C PRO A 515 11.83 -4.78 -0.42
N TYR A 516 11.24 -4.81 0.77
CA TYR A 516 11.12 -6.05 1.53
C TYR A 516 10.21 -7.04 0.81
N SER A 517 10.67 -8.28 0.64
CA SER A 517 9.93 -9.32 -0.02
C SER A 517 10.12 -10.63 0.73
N LYS A 518 9.08 -11.46 0.70
CA LYS A 518 9.07 -12.69 1.48
C LYS A 518 9.63 -13.83 0.63
N ASP A 519 10.81 -14.31 1.00
CA ASP A 519 11.42 -15.43 0.31
C ASP A 519 10.62 -16.70 0.58
N LYS A 520 10.63 -17.61 -0.39
CA LYS A 520 10.02 -18.91 -0.13
C LYS A 520 10.76 -19.61 1.01
N PHE A 521 10.06 -20.49 1.71
CA PHE A 521 10.63 -21.18 2.85
C PHE A 521 10.44 -22.68 2.71
N LYS A 522 11.50 -23.42 3.04
CA LYS A 522 11.46 -24.88 3.00
C LYS A 522 10.38 -25.42 3.93
N LEU A 523 9.69 -26.46 3.46
CA LEU A 523 8.77 -27.20 4.31
C LEU A 523 9.51 -28.39 4.92
N TYR A 524 9.27 -28.62 6.21
CA TYR A 524 9.86 -29.73 6.93
C TYR A 524 8.84 -30.71 7.47
N PHE A 525 7.61 -30.28 7.72
CA PHE A 525 6.57 -31.13 8.29
C PHE A 525 7.08 -31.83 9.55
N GLN A 526 7.69 -31.05 10.44
CA GLN A 526 8.15 -31.52 11.75
C GLN A 526 9.13 -32.69 11.62
N ASN A 527 9.96 -32.67 10.58
CA ASN A 527 11.06 -33.62 10.45
C ASN A 527 12.32 -32.91 9.99
N PRO A 528 13.43 -33.04 10.72
CA PRO A 528 14.67 -32.38 10.30
C PRO A 528 15.21 -32.87 8.97
N GLN A 529 15.05 -34.16 8.66
CA GLN A 529 15.50 -34.72 7.38
C GLN A 529 14.33 -35.09 6.49
N PHE A 530 13.28 -34.27 6.49
CA PHE A 530 12.06 -34.56 5.74
C PHE A 530 12.36 -34.80 4.26
N MET A 531 11.92 -35.95 3.74
CA MET A 531 11.99 -36.27 2.31
C MET A 531 13.43 -36.28 1.80
N GLY A 532 14.37 -36.72 2.65
CA GLY A 532 15.77 -36.77 2.22
C GLY A 532 16.02 -37.80 1.13
N GLY A 533 15.40 -38.97 1.24
CA GLY A 533 15.67 -40.06 0.32
C GLY A 533 14.40 -40.85 0.09
N TRP A 534 14.38 -41.60 -1.01
CA TRP A 534 13.16 -42.25 -1.44
C TRP A 534 13.12 -43.75 -1.13
N ASP A 535 14.17 -44.30 -0.53
CA ASP A 535 14.21 -45.74 -0.28
C ASP A 535 13.01 -46.17 0.55
N LYS A 536 12.40 -47.29 0.14
CA LYS A 536 11.18 -47.75 0.81
C LYS A 536 11.45 -48.09 2.27
N ASP A 537 12.65 -48.57 2.60
CA ASP A 537 12.96 -48.86 3.99
C ASP A 537 12.93 -47.60 4.84
N LYS A 538 13.25 -46.45 4.25
CA LYS A 538 13.26 -45.17 4.93
C LYS A 538 11.95 -44.40 4.80
N GLU A 539 10.95 -44.95 4.12
CA GLU A 539 9.72 -44.20 3.87
C GLU A 539 9.06 -43.79 5.18
N THR A 540 9.13 -44.64 6.20
CA THR A 540 8.67 -44.27 7.53
C THR A 540 9.52 -43.15 8.12
N ASP A 541 10.84 -43.23 7.92
CA ASP A 541 11.75 -42.27 8.53
C ASP A 541 11.57 -40.87 7.93
N TYR A 542 11.64 -40.75 6.62
CA TYR A 542 11.54 -39.45 5.97
C TYR A 542 10.10 -38.94 5.94
N ARG A 543 9.14 -39.83 5.68
CA ARG A 543 7.70 -39.56 5.73
C ARG A 543 7.16 -38.93 4.46
N ALA A 544 7.82 -39.11 3.33
CA ALA A 544 7.25 -38.69 2.05
C ALA A 544 7.68 -39.64 0.94
N THR A 545 6.74 -39.98 0.06
CA THR A 545 6.98 -40.89 -1.03
C THR A 545 6.07 -40.52 -2.19
N ILE A 546 6.33 -41.10 -3.37
CA ILE A 546 5.65 -40.70 -4.61
C ILE A 546 4.56 -41.70 -4.95
N LEU A 547 3.52 -41.22 -5.63
CA LEU A 547 2.40 -42.04 -6.08
C LEU A 547 2.07 -41.70 -7.52
N ARG A 548 1.33 -42.60 -8.17
CA ARG A 548 1.03 -42.49 -9.58
C ARG A 548 -0.37 -43.00 -9.85
N TYR A 549 -1.18 -42.20 -10.57
CA TYR A 549 -2.52 -42.58 -10.99
C TYR A 549 -2.63 -42.32 -12.50
N GLY A 550 -1.96 -43.17 -13.27
CA GLY A 550 -1.93 -43.02 -14.71
C GLY A 550 -0.90 -42.02 -15.17
N SER A 551 -1.36 -40.94 -15.82
CA SER A 551 -0.48 -39.94 -16.37
C SER A 551 -0.16 -38.83 -15.38
N LYS A 552 -0.52 -39.00 -14.11
CA LYS A 552 -0.36 -37.96 -13.10
C LYS A 552 0.39 -38.53 -11.90
N TYR A 553 1.45 -37.85 -11.50
CA TYR A 553 2.23 -38.21 -10.32
C TYR A 553 1.92 -37.28 -9.17
N TYR A 554 1.83 -37.85 -7.98
CA TYR A 554 1.50 -37.11 -6.76
C TYR A 554 2.66 -37.21 -5.77
N LEU A 555 2.63 -36.34 -4.76
CA LEU A 555 3.60 -36.38 -3.67
C LEU A 555 2.84 -36.55 -2.36
N ALA A 556 2.97 -37.72 -1.76
CA ALA A 556 2.31 -38.03 -0.49
C ALA A 556 3.26 -37.79 0.69
N ILE A 557 2.73 -37.14 1.72
CA ILE A 557 3.48 -36.82 2.93
C ILE A 557 2.66 -37.30 4.12
N MET A 558 3.25 -38.15 4.95
CA MET A 558 2.56 -38.75 6.08
C MET A 558 2.85 -37.93 7.31
N ASP A 559 1.80 -37.48 8.01
CA ASP A 559 1.93 -36.65 9.19
C ASP A 559 2.72 -37.38 10.26
N LYS A 560 3.35 -36.60 11.15
CA LYS A 560 4.21 -37.16 12.19
C LYS A 560 3.45 -38.16 13.05
N LYS A 561 2.17 -37.91 13.30
CA LYS A 561 1.36 -38.79 14.14
C LYS A 561 1.12 -40.15 13.48
N TYR A 562 1.07 -40.18 12.14
CA TYR A 562 0.73 -41.41 11.41
C TYR A 562 1.87 -41.73 10.43
N ALA A 563 3.00 -42.17 10.96
CA ALA A 563 4.18 -42.41 10.13
C ALA A 563 4.00 -43.62 9.22
N LYS A 564 3.33 -44.68 9.71
CA LYS A 564 3.23 -45.94 8.99
C LYS A 564 1.85 -46.14 8.35
N CYS A 565 1.16 -45.05 8.03
CA CYS A 565 -0.21 -45.17 7.54
C CYS A 565 -0.26 -45.81 6.16
N LEU A 566 0.65 -45.43 5.27
CA LEU A 566 0.66 -45.99 3.91
C LEU A 566 1.26 -47.39 3.84
N GLN A 567 1.86 -47.89 4.91
CA GLN A 567 2.45 -49.22 4.86
C GLN A 567 1.42 -50.33 5.02
N LYS A 568 0.36 -50.08 5.80
CA LYS A 568 -0.66 -51.09 6.06
C LYS A 568 -1.67 -51.19 4.93
N ILE A 569 -1.44 -50.49 3.82
CA ILE A 569 -2.37 -50.47 2.69
C ILE A 569 -2.07 -51.65 1.79
N ASP A 570 -3.13 -52.27 1.29
CA ASP A 570 -3.03 -53.39 0.36
C ASP A 570 -3.83 -53.10 -0.90
N LYS A 571 -3.62 -53.93 -1.91
CA LYS A 571 -4.31 -53.77 -3.19
C LYS A 571 -5.80 -53.98 -3.02
N ASP A 572 -6.59 -53.21 -3.75
CA ASP A 572 -8.02 -53.42 -3.87
C ASP A 572 -8.28 -54.00 -5.25
N ASP A 573 -8.80 -55.22 -5.30
CA ASP A 573 -8.91 -55.92 -6.58
C ASP A 573 -9.86 -55.22 -7.55
N VAL A 574 -11.01 -54.75 -7.06
CA VAL A 574 -12.06 -54.22 -7.93
C VAL A 574 -12.05 -52.69 -8.00
N ASN A 575 -12.01 -52.02 -6.85
CA ASN A 575 -12.08 -50.57 -6.83
C ASN A 575 -10.70 -49.98 -7.14
N GLY A 576 -10.69 -48.67 -7.41
CA GLY A 576 -9.50 -48.03 -7.95
C GLY A 576 -8.31 -48.13 -7.02
N ASN A 577 -7.13 -48.24 -7.63
CA ASN A 577 -5.88 -48.35 -6.89
C ASN A 577 -4.88 -47.31 -7.40
N TYR A 578 -3.99 -46.89 -6.50
CA TYR A 578 -2.82 -46.11 -6.87
C TYR A 578 -1.64 -47.02 -7.19
N GLU A 579 -0.67 -46.46 -7.91
CA GLU A 579 0.64 -47.05 -8.05
C GLU A 579 1.57 -46.39 -7.03
N LYS A 580 2.13 -47.19 -6.13
CA LYS A 580 2.99 -46.71 -5.07
C LYS A 580 4.42 -47.10 -5.36
N ILE A 581 5.35 -46.19 -5.10
CA ILE A 581 6.72 -46.43 -5.50
C ILE A 581 7.36 -47.46 -4.57
N ASN A 582 8.38 -48.13 -5.09
CA ASN A 582 9.17 -49.11 -4.35
C ASN A 582 10.64 -48.80 -4.65
N TYR A 583 11.05 -47.61 -4.24
CA TYR A 583 12.39 -47.12 -4.55
C TYR A 583 13.44 -47.85 -3.72
N LYS A 584 14.51 -48.27 -4.37
CA LYS A 584 15.59 -48.99 -3.71
C LYS A 584 16.92 -48.48 -4.23
N LEU A 585 17.82 -48.09 -3.32
CA LEU A 585 19.06 -47.45 -3.74
C LEU A 585 20.17 -47.80 -2.75
N LEU A 586 21.38 -47.95 -3.28
CA LEU A 586 22.58 -48.29 -2.51
C LEU A 586 23.62 -47.23 -2.84
N PRO A 587 23.56 -46.08 -2.16
CA PRO A 587 24.54 -45.02 -2.43
C PRO A 587 25.92 -45.32 -1.87
N GLY A 588 26.94 -44.92 -2.61
CA GLY A 588 28.31 -44.98 -2.17
C GLY A 588 28.81 -46.37 -1.78
N PRO A 589 29.04 -47.22 -2.77
CA PRO A 589 29.59 -48.56 -2.47
C PRO A 589 30.90 -48.51 -1.71
N ASN A 590 31.79 -47.56 -2.06
CA ASN A 590 33.05 -47.43 -1.36
C ASN A 590 32.86 -47.08 0.11
N LYS A 591 31.85 -46.27 0.43
CA LYS A 591 31.57 -45.95 1.82
C LYS A 591 30.59 -46.92 2.48
N MET A 592 29.60 -47.43 1.73
CA MET A 592 28.53 -48.18 2.36
C MET A 592 28.89 -49.64 2.61
N LEU A 593 29.74 -50.21 1.77
CA LEU A 593 30.14 -51.61 1.96
C LEU A 593 31.02 -51.80 3.20
N PRO A 594 32.03 -50.96 3.46
CA PRO A 594 32.79 -51.13 4.71
C PRO A 594 32.02 -50.69 5.94
N LYS A 595 31.20 -49.65 5.82
CA LYS A 595 30.41 -49.19 6.96
C LYS A 595 29.52 -50.30 7.50
N VAL A 596 28.86 -51.02 6.61
CA VAL A 596 27.91 -52.04 7.05
C VAL A 596 28.60 -53.32 7.51
N PHE A 597 29.60 -53.80 6.77
CA PHE A 597 30.22 -55.09 7.02
C PHE A 597 31.36 -55.04 8.04
N PHE A 598 31.81 -53.85 8.44
CA PHE A 598 32.74 -53.70 9.55
C PHE A 598 32.07 -53.08 10.78
N SER A 599 30.75 -52.91 10.75
CA SER A 599 30.06 -52.24 11.85
C SER A 599 30.00 -53.12 13.09
N LYS A 600 29.83 -52.46 14.25
CA LYS A 600 29.72 -53.19 15.51
C LYS A 600 28.56 -54.17 15.47
N LYS A 601 27.45 -53.76 14.84
CA LYS A 601 26.26 -54.61 14.80
C LYS A 601 26.54 -55.90 14.04
N TRP A 602 27.27 -55.82 12.93
CA TRP A 602 27.55 -56.99 12.10
C TRP A 602 29.00 -57.46 12.15
N MET A 603 29.86 -56.82 12.96
CA MET A 603 31.25 -57.28 13.05
C MET A 603 31.29 -58.69 13.63
N ALA A 604 30.39 -58.99 14.58
CA ALA A 604 30.29 -60.34 15.11
C ALA A 604 29.68 -61.30 14.09
N TYR A 605 28.59 -60.90 13.45
CA TYR A 605 27.86 -61.83 12.59
C TYR A 605 28.73 -62.35 11.45
N TYR A 606 29.33 -61.45 10.69
CA TYR A 606 30.33 -61.82 9.71
C TYR A 606 31.65 -61.81 10.46
N ASN A 607 32.29 -62.95 10.55
CA ASN A 607 33.57 -62.97 11.23
C ASN A 607 34.66 -62.78 10.18
N PRO A 608 35.01 -61.55 9.80
CA PRO A 608 36.02 -61.38 8.75
C PRO A 608 37.36 -61.85 9.26
N SER A 609 38.08 -62.55 8.40
CA SER A 609 39.33 -63.18 8.82
C SER A 609 40.29 -62.14 9.37
N GLU A 610 41.14 -62.58 10.29
CA GLU A 610 42.12 -61.67 10.90
C GLU A 610 42.90 -60.94 9.82
N ASP A 611 43.08 -61.58 8.66
CA ASP A 611 43.72 -60.93 7.52
C ASP A 611 42.93 -59.69 7.09
N ILE A 612 41.59 -59.83 6.94
CA ILE A 612 40.75 -58.74 6.45
C ILE A 612 40.93 -57.48 7.28
N GLN A 613 40.75 -57.60 8.60
CA GLN A 613 40.74 -56.41 9.46
C GLN A 613 42.05 -55.63 9.32
N LYS A 614 43.15 -56.32 9.02
CA LYS A 614 44.41 -55.64 8.73
C LYS A 614 44.51 -55.17 7.28
N ILE A 615 43.84 -55.86 6.35
CA ILE A 615 43.91 -55.45 4.94
C ILE A 615 43.29 -54.07 4.76
N TYR A 616 42.12 -53.86 5.35
CA TYR A 616 41.46 -52.57 5.23
C TYR A 616 42.26 -51.46 5.92
N LYS A 617 42.74 -51.74 7.14
CA LYS A 617 43.46 -50.73 7.89
C LYS A 617 44.80 -50.37 7.24
N ASN A 618 45.53 -51.37 6.74
CA ASN A 618 46.78 -51.10 6.06
C ASN A 618 46.58 -50.58 4.64
N GLY A 619 45.35 -50.60 4.14
CA GLY A 619 45.05 -50.05 2.82
C GLY A 619 45.75 -50.74 1.67
N THR A 620 45.99 -52.04 1.76
CA THR A 620 46.64 -52.76 0.67
C THR A 620 45.76 -52.89 -0.57
N PHE A 621 44.44 -52.75 -0.44
CA PHE A 621 43.58 -52.85 -1.61
C PHE A 621 43.59 -51.59 -2.47
N LYS A 622 43.90 -50.42 -1.88
CA LYS A 622 43.94 -49.19 -2.64
C LYS A 622 45.15 -49.15 -3.56
N LYS A 623 44.95 -48.60 -4.76
CA LYS A 623 46.04 -48.51 -5.73
C LYS A 623 47.14 -47.57 -5.24
N GLY A 624 48.39 -47.99 -5.46
CA GLY A 624 49.54 -47.22 -5.05
C GLY A 624 50.71 -48.15 -4.76
N ASP A 625 51.63 -47.66 -3.94
CA ASP A 625 52.71 -48.51 -3.44
C ASP A 625 52.18 -49.58 -2.50
N MET A 626 51.05 -49.29 -1.86
CA MET A 626 50.40 -50.22 -0.95
C MET A 626 49.63 -51.31 -1.67
N PHE A 627 49.32 -51.15 -2.95
CA PHE A 627 48.30 -51.98 -3.58
C PHE A 627 48.82 -53.40 -3.77
N ASN A 628 48.00 -54.39 -3.39
CA ASN A 628 48.27 -55.79 -3.66
C ASN A 628 47.02 -56.35 -4.33
N LEU A 629 47.22 -57.16 -5.35
CA LEU A 629 46.08 -57.63 -6.15
C LEU A 629 45.31 -58.71 -5.40
N ASN A 630 46.02 -59.73 -4.89
CA ASN A 630 45.35 -60.80 -4.16
C ASN A 630 44.72 -60.27 -2.89
N ASP A 631 45.37 -59.33 -2.22
CA ASP A 631 44.81 -58.71 -1.02
C ASP A 631 43.48 -58.03 -1.33
N CYS A 632 43.42 -57.28 -2.43
CA CYS A 632 42.18 -56.67 -2.86
C CYS A 632 41.12 -57.71 -3.21
N HIS A 633 41.53 -58.79 -3.88
CA HIS A 633 40.61 -59.90 -4.16
C HIS A 633 39.93 -60.43 -2.91
N LYS A 634 40.68 -60.51 -1.81
CA LYS A 634 40.10 -61.04 -0.59
C LYS A 634 38.99 -60.13 -0.06
N LEU A 635 39.14 -58.81 -0.24
CA LEU A 635 38.04 -57.90 0.09
C LEU A 635 36.85 -58.08 -0.83
N ILE A 636 37.11 -58.33 -2.12
CA ILE A 636 36.00 -58.46 -3.07
C ILE A 636 35.17 -59.69 -2.76
N ASP A 637 35.83 -60.82 -2.50
CA ASP A 637 35.10 -62.04 -2.19
C ASP A 637 34.40 -61.93 -0.84
N PHE A 638 35.01 -61.24 0.11
CA PHE A 638 34.37 -61.04 1.41
C PHE A 638 33.13 -60.17 1.26
N PHE A 639 33.24 -59.08 0.51
CA PHE A 639 32.08 -58.22 0.28
C PHE A 639 31.00 -58.96 -0.49
N LYS A 640 31.38 -59.77 -1.47
CA LYS A 640 30.40 -60.52 -2.25
C LYS A 640 29.59 -61.45 -1.36
N ASP A 641 30.27 -62.26 -0.55
CA ASP A 641 29.59 -63.22 0.30
C ASP A 641 28.67 -62.52 1.31
N SER A 642 29.18 -61.48 1.98
CA SER A 642 28.41 -60.85 3.05
C SER A 642 27.16 -60.17 2.52
N ILE A 643 27.20 -59.66 1.29
CA ILE A 643 25.99 -59.12 0.68
C ILE A 643 24.97 -60.23 0.46
N SER A 644 25.43 -61.40 -0.03
CA SER A 644 24.51 -62.51 -0.25
C SER A 644 23.82 -62.95 1.04
N ARG A 645 24.50 -62.78 2.18
CA ARG A 645 23.88 -63.09 3.45
C ARG A 645 23.05 -61.92 3.96
N TYR A 646 23.28 -60.74 3.40
CA TYR A 646 22.55 -59.55 3.78
C TYR A 646 21.17 -59.57 3.15
N PRO A 647 20.10 -59.50 3.92
CA PRO A 647 18.77 -59.70 3.36
C PRO A 647 18.26 -58.49 2.59
N LYS A 648 18.32 -57.30 3.18
CA LYS A 648 17.73 -56.12 2.55
C LYS A 648 18.54 -55.63 1.35
N TRP A 649 19.70 -56.22 1.08
CA TRP A 649 20.48 -55.93 -0.12
C TRP A 649 20.34 -57.02 -1.19
N SER A 650 20.45 -58.29 -0.79
CA SER A 650 20.40 -59.39 -1.75
C SER A 650 19.01 -59.51 -2.37
N ASN A 651 17.96 -59.46 -1.54
CA ASN A 651 16.60 -59.57 -2.06
C ASN A 651 16.24 -58.36 -2.91
N ALA A 652 16.62 -57.16 -2.48
CA ALA A 652 16.20 -55.94 -3.16
C ALA A 652 16.78 -55.84 -4.57
N TYR A 653 18.02 -56.28 -4.75
CA TYR A 653 18.71 -56.11 -6.01
C TYR A 653 19.01 -57.47 -6.62
N ASP A 654 19.18 -57.49 -7.93
CA ASP A 654 19.61 -58.69 -8.65
C ASP A 654 21.07 -58.48 -9.02
N PHE A 655 21.96 -59.26 -8.40
CA PHE A 655 23.38 -58.99 -8.42
C PHE A 655 24.08 -59.98 -9.35
N ASN A 656 24.78 -59.45 -10.34
CA ASN A 656 25.67 -60.22 -11.19
C ASN A 656 27.05 -59.58 -11.09
N PHE A 657 28.02 -60.35 -10.60
CA PHE A 657 29.39 -59.89 -10.43
C PHE A 657 30.30 -60.77 -11.27
N SER A 658 31.08 -60.15 -12.15
CA SER A 658 32.04 -60.90 -12.94
C SER A 658 33.08 -61.51 -12.01
N GLU A 659 33.63 -62.64 -12.44
CA GLU A 659 34.59 -63.42 -11.67
C GLU A 659 35.61 -62.52 -10.99
N THR A 660 35.78 -62.70 -9.67
CA THR A 660 36.70 -61.87 -8.90
C THR A 660 38.10 -61.89 -9.49
N GLU A 661 38.49 -62.99 -10.14
CA GLU A 661 39.79 -63.08 -10.79
C GLU A 661 39.90 -62.16 -12.01
N LYS A 662 38.83 -61.44 -12.37
CA LYS A 662 38.85 -60.56 -13.53
C LYS A 662 38.98 -59.08 -13.18
N TYR A 663 38.58 -58.68 -11.97
CA TYR A 663 38.74 -57.31 -11.54
C TYR A 663 40.22 -56.92 -11.49
N LYS A 664 40.51 -55.71 -11.95
CA LYS A 664 41.86 -55.16 -11.87
C LYS A 664 42.06 -54.20 -10.70
N ASP A 665 40.98 -53.62 -10.18
CA ASP A 665 41.05 -52.79 -8.99
C ASP A 665 39.73 -52.88 -8.24
N ILE A 666 39.76 -52.48 -6.97
CA ILE A 666 38.55 -52.46 -6.16
C ILE A 666 37.51 -51.51 -6.74
N ALA A 667 37.94 -50.51 -7.53
CA ALA A 667 36.98 -49.60 -8.14
C ALA A 667 36.06 -50.33 -9.11
N GLY A 668 36.58 -51.34 -9.81
CA GLY A 668 35.76 -52.10 -10.74
C GLY A 668 34.65 -52.87 -10.05
N PHE A 669 34.91 -53.34 -8.82
CA PHE A 669 33.88 -54.06 -8.08
C PHE A 669 32.82 -53.11 -7.55
N TYR A 670 33.26 -52.02 -6.90
CA TYR A 670 32.32 -51.02 -6.40
C TYR A 670 31.43 -50.48 -7.50
N ARG A 671 31.95 -50.39 -8.72
CA ARG A 671 31.16 -49.84 -9.82
C ARG A 671 29.95 -50.71 -10.14
N GLU A 672 30.15 -52.04 -10.19
CA GLU A 672 29.00 -52.90 -10.43
C GLU A 672 28.01 -52.83 -9.28
N VAL A 673 28.51 -52.84 -8.04
CA VAL A 673 27.62 -52.66 -6.89
C VAL A 673 26.86 -51.34 -7.01
N GLU A 674 27.55 -50.29 -7.43
CA GLU A 674 26.88 -49.02 -7.68
C GLU A 674 25.88 -49.13 -8.82
N GLU A 675 26.27 -49.84 -9.89
CA GLU A 675 25.41 -49.96 -11.07
C GLU A 675 24.21 -50.89 -10.83
N GLN A 676 24.43 -52.03 -10.17
CA GLN A 676 23.35 -52.98 -9.95
C GLN A 676 22.54 -52.65 -8.70
N GLY A 677 22.96 -51.64 -7.94
CA GLY A 677 22.33 -51.29 -6.67
C GLY A 677 21.15 -50.35 -6.67
N TYR A 678 20.46 -50.20 -7.79
CA TYR A 678 19.35 -49.27 -7.89
C TYR A 678 18.21 -49.95 -8.63
N LYS A 679 17.03 -50.02 -8.01
CA LYS A 679 15.84 -50.59 -8.64
C LYS A 679 14.61 -49.77 -8.30
N VAL A 680 13.87 -49.35 -9.32
CA VAL A 680 12.62 -48.62 -9.17
C VAL A 680 11.48 -49.49 -9.67
N SER A 681 10.46 -49.66 -8.83
CA SER A 681 9.33 -50.53 -9.13
C SER A 681 8.10 -49.91 -8.48
N PHE A 682 6.94 -50.43 -8.82
CA PHE A 682 5.69 -49.90 -8.30
C PHE A 682 4.83 -51.03 -7.75
N GLU A 683 3.93 -50.67 -6.84
CA GLU A 683 2.98 -51.59 -6.22
C GLU A 683 1.58 -50.99 -6.29
N SER A 684 0.60 -51.80 -5.91
CA SER A 684 -0.79 -51.39 -5.93
C SER A 684 -1.25 -51.04 -4.53
N ALA A 685 -1.90 -49.88 -4.38
CA ALA A 685 -2.44 -49.43 -3.11
C ALA A 685 -3.79 -48.78 -3.36
N SER A 686 -4.77 -49.14 -2.53
CA SER A 686 -6.16 -48.78 -2.79
C SER A 686 -6.35 -47.26 -2.86
N LYS A 687 -7.03 -46.81 -3.91
CA LYS A 687 -7.37 -45.39 -4.00
C LYS A 687 -8.36 -45.00 -2.91
N LYS A 688 -9.37 -45.83 -2.64
CA LYS A 688 -10.39 -45.48 -1.68
C LYS A 688 -9.83 -45.33 -0.27
N GLU A 689 -8.79 -46.09 0.05
CA GLU A 689 -8.19 -46.02 1.39
C GLU A 689 -7.20 -44.86 1.49
N VAL A 690 -6.37 -44.67 0.46
CA VAL A 690 -5.46 -43.53 0.44
C VAL A 690 -6.23 -42.22 0.51
N ASP A 691 -7.28 -42.10 -0.31
CA ASP A 691 -8.10 -40.89 -0.28
C ASP A 691 -8.73 -40.67 1.08
N LYS A 692 -9.11 -41.77 1.75
CA LYS A 692 -9.60 -41.67 3.12
C LYS A 692 -8.52 -41.14 4.06
N LEU A 693 -7.25 -41.49 3.80
CA LEU A 693 -6.13 -41.00 4.60
C LEU A 693 -5.82 -39.54 4.34
N VAL A 694 -6.42 -38.92 3.32
CA VAL A 694 -6.19 -37.52 3.03
C VAL A 694 -7.26 -36.68 3.72
N GLU A 695 -8.54 -36.99 3.46
CA GLU A 695 -9.64 -36.31 4.14
C GLU A 695 -9.51 -36.39 5.66
N GLU A 696 -8.96 -37.49 6.18
CA GLU A 696 -8.74 -37.62 7.61
C GLU A 696 -7.61 -36.74 8.11
N GLY A 697 -6.72 -36.30 7.22
CA GLY A 697 -5.59 -35.49 7.62
C GLY A 697 -4.39 -36.25 8.14
N LYS A 698 -4.39 -37.58 8.02
CA LYS A 698 -3.21 -38.37 8.39
C LYS A 698 -2.16 -38.38 7.28
N LEU A 699 -2.53 -37.97 6.08
CA LEU A 699 -1.65 -37.97 4.93
C LEU A 699 -1.91 -36.73 4.10
N TYR A 700 -0.86 -35.98 3.79
CA TYR A 700 -0.93 -34.86 2.89
C TYR A 700 -0.41 -35.27 1.51
N MET A 701 -1.00 -34.69 0.47
CA MET A 701 -0.78 -35.18 -0.88
C MET A 701 -0.88 -34.04 -1.88
N PHE A 702 0.17 -33.87 -2.69
CA PHE A 702 0.19 -32.86 -3.74
C PHE A 702 0.42 -33.51 -5.09
N GLN A 703 -0.17 -32.94 -6.14
CA GLN A 703 0.10 -33.39 -7.49
C GLN A 703 1.34 -32.70 -8.05
N ILE A 704 2.26 -33.49 -8.56
CA ILE A 704 3.45 -32.95 -9.23
C ILE A 704 3.03 -32.50 -10.63
N TYR A 705 3.39 -31.27 -10.99
CA TYR A 705 2.74 -30.62 -12.13
C TYR A 705 3.64 -29.60 -12.79
N ASN A 706 3.54 -29.53 -14.12
CA ASN A 706 3.89 -28.37 -14.93
C ASN A 706 2.87 -28.29 -16.07
N LYS A 707 2.99 -27.26 -16.92
CA LYS A 707 1.93 -27.02 -17.89
C LYS A 707 1.84 -28.14 -18.94
N ASP A 708 2.91 -28.89 -19.17
CA ASP A 708 2.83 -30.03 -20.08
C ASP A 708 1.86 -31.07 -19.58
N PHE A 709 1.66 -31.14 -18.26
CA PHE A 709 0.79 -32.14 -17.65
C PHE A 709 -0.69 -31.77 -17.76
N SER A 710 -1.01 -30.60 -18.28
CA SER A 710 -2.39 -30.19 -18.45
C SER A 710 -3.07 -31.05 -19.51
N ASP A 711 -4.37 -31.27 -19.33
CA ASP A 711 -5.12 -32.04 -20.32
C ASP A 711 -5.53 -31.17 -21.50
N LYS A 712 -5.16 -29.90 -21.50
CA LYS A 712 -5.43 -28.99 -22.60
C LYS A 712 -4.21 -28.75 -23.48
N SER A 713 -3.09 -29.42 -23.21
CA SER A 713 -1.85 -29.21 -23.93
C SER A 713 -1.65 -30.34 -24.95
N HIS A 714 -1.49 -29.96 -26.22
CA HIS A 714 -1.22 -30.92 -27.28
C HIS A 714 0.12 -30.67 -27.94
N GLY A 715 1.05 -30.03 -27.22
CA GLY A 715 2.28 -29.53 -27.78
C GLY A 715 3.49 -30.26 -27.24
N THR A 716 4.62 -30.04 -27.91
CA THR A 716 5.86 -30.72 -27.55
C THR A 716 6.23 -30.37 -26.12
N PRO A 717 6.57 -31.36 -25.29
CA PRO A 717 6.77 -31.09 -23.87
C PRO A 717 8.05 -30.31 -23.64
N ASN A 718 8.14 -29.71 -22.44
CA ASN A 718 9.39 -29.12 -22.00
C ASN A 718 10.43 -30.22 -21.85
N LEU A 719 11.68 -29.86 -22.07
CA LEU A 719 12.75 -30.88 -22.05
C LEU A 719 12.83 -31.57 -20.70
N HIS A 720 12.63 -30.80 -19.62
CA HIS A 720 12.64 -31.40 -18.28
C HIS A 720 11.44 -32.30 -18.06
N THR A 721 10.29 -31.97 -18.66
CA THR A 721 9.12 -32.82 -18.52
C THR A 721 9.40 -34.22 -19.08
N MET A 722 10.20 -34.32 -20.15
CA MET A 722 10.56 -35.62 -20.69
C MET A 722 11.34 -36.43 -19.67
N TYR A 723 12.36 -35.82 -19.07
CA TYR A 723 13.20 -36.52 -18.10
C TYR A 723 12.35 -37.17 -17.01
N PHE A 724 11.36 -36.43 -16.50
CA PHE A 724 10.51 -36.92 -15.43
C PHE A 724 9.76 -38.18 -15.86
N LYS A 725 9.20 -38.16 -17.07
CA LYS A 725 8.51 -39.34 -17.58
C LYS A 725 9.47 -40.53 -17.71
N LEU A 726 10.71 -40.25 -18.11
CA LEU A 726 11.69 -41.31 -18.33
C LEU A 726 12.12 -41.99 -17.04
N LEU A 727 12.14 -41.28 -15.90
CA LEU A 727 12.61 -41.88 -14.66
C LEU A 727 11.84 -43.15 -14.34
N PHE A 728 10.54 -43.17 -14.62
CA PHE A 728 9.69 -44.30 -14.30
C PHE A 728 9.33 -45.13 -15.52
N ASP A 729 9.75 -44.72 -16.71
CA ASP A 729 9.56 -45.53 -17.90
C ASP A 729 10.41 -46.81 -17.79
N GLU A 730 9.82 -47.93 -18.19
CA GLU A 730 10.51 -49.21 -18.09
C GLU A 730 11.63 -49.36 -19.12
N ASN A 731 11.68 -48.49 -20.12
CA ASN A 731 12.76 -48.52 -21.10
C ASN A 731 13.97 -47.71 -20.66
N ASN A 732 13.93 -47.09 -19.49
CA ASN A 732 15.06 -46.38 -18.92
C ASN A 732 15.84 -47.39 -18.09
N HIS A 733 16.90 -47.95 -18.68
CA HIS A 733 17.75 -48.92 -17.98
C HIS A 733 18.86 -48.22 -17.19
N GLY A 734 18.44 -47.33 -16.30
CA GLY A 734 19.36 -46.64 -15.42
C GLY A 734 20.06 -45.44 -16.02
N GLN A 735 19.67 -44.99 -17.22
CA GLN A 735 20.29 -43.81 -17.81
C GLN A 735 20.07 -42.59 -16.92
N ILE A 736 18.83 -42.38 -16.49
CA ILE A 736 18.46 -41.26 -15.64
C ILE A 736 17.92 -41.83 -14.34
N ARG A 737 18.50 -41.40 -13.22
CA ARG A 737 18.19 -41.95 -11.91
C ARG A 737 17.44 -40.91 -11.07
N LEU A 738 16.42 -41.36 -10.35
CA LEU A 738 15.76 -40.54 -9.35
C LEU A 738 16.64 -40.51 -8.10
N SER A 739 17.24 -39.37 -7.82
CA SER A 739 18.15 -39.24 -6.70
C SER A 739 17.43 -38.62 -5.50
N GLY A 740 18.05 -38.75 -4.34
CA GLY A 740 17.49 -38.22 -3.11
C GLY A 740 17.70 -36.73 -3.01
N GLY A 741 17.36 -36.20 -1.83
CA GLY A 741 17.62 -34.81 -1.53
C GLY A 741 16.61 -33.82 -2.06
N ALA A 742 15.38 -34.25 -2.30
CA ALA A 742 14.36 -33.33 -2.77
C ALA A 742 13.94 -32.37 -1.66
N GLU A 743 13.44 -31.21 -2.07
CA GLU A 743 12.97 -30.19 -1.14
C GLU A 743 11.62 -29.67 -1.58
N LEU A 744 10.83 -29.18 -0.62
CA LEU A 744 9.49 -28.68 -0.87
C LEU A 744 9.38 -27.31 -0.22
N PHE A 745 9.21 -26.27 -1.03
CA PHE A 745 9.18 -24.89 -0.58
C PHE A 745 7.75 -24.35 -0.64
N MET A 746 7.53 -23.24 0.07
CA MET A 746 6.28 -22.51 -0.01
C MET A 746 6.59 -21.06 -0.37
N ARG A 747 6.10 -20.63 -1.54
CA ARG A 747 6.30 -19.27 -2.02
C ARG A 747 4.96 -18.54 -1.96
N ARG A 748 4.78 -17.75 -0.91
CA ARG A 748 3.58 -16.95 -0.78
C ARG A 748 3.47 -15.95 -1.94
N ALA A 749 2.22 -15.61 -2.26
CA ALA A 749 1.96 -14.66 -3.34
C ALA A 749 2.64 -13.32 -3.07
N SER A 750 3.14 -12.70 -4.13
CA SER A 750 3.74 -11.38 -4.03
C SER A 750 2.95 -10.31 -4.76
N LEU A 751 1.87 -10.68 -5.45
CA LEU A 751 1.03 -9.75 -6.18
C LEU A 751 -0.43 -10.02 -5.81
N LYS A 752 -1.27 -9.00 -6.03
CA LYS A 752 -2.70 -9.10 -5.78
C LYS A 752 -3.40 -9.48 -7.08
N LYS A 753 -4.34 -10.42 -6.97
CA LYS A 753 -4.97 -11.00 -8.16
C LYS A 753 -5.75 -9.97 -8.98
N GLU A 754 -6.54 -9.14 -8.31
CA GLU A 754 -7.40 -8.20 -9.03
C GLU A 754 -6.62 -7.10 -9.73
N GLU A 755 -5.45 -6.72 -9.19
CA GLU A 755 -4.71 -5.58 -9.68
C GLU A 755 -3.90 -5.86 -10.94
N LEU A 756 -3.81 -7.13 -11.36
CA LEU A 756 -2.89 -7.51 -12.42
C LEU A 756 -3.38 -6.97 -13.76
N VAL A 757 -2.44 -6.88 -14.71
CA VAL A 757 -2.79 -6.52 -16.08
C VAL A 757 -3.60 -7.65 -16.68
N VAL A 758 -4.85 -7.34 -17.08
CA VAL A 758 -5.79 -8.33 -17.58
C VAL A 758 -6.20 -7.92 -18.99
N HIS A 759 -6.16 -8.89 -19.90
CA HIS A 759 -6.74 -8.70 -21.22
C HIS A 759 -8.13 -9.30 -21.19
N PRO A 760 -9.19 -8.49 -21.16
CA PRO A 760 -10.52 -9.02 -20.85
C PRO A 760 -11.01 -9.98 -21.92
N ALA A 761 -11.71 -11.02 -21.46
CA ALA A 761 -12.28 -12.01 -22.36
C ALA A 761 -13.31 -11.37 -23.28
N ASN A 762 -13.32 -11.82 -24.53
CA ASN A 762 -14.25 -11.45 -25.61
C ASN A 762 -13.93 -10.07 -26.17
N SER A 763 -12.90 -9.40 -25.67
CA SER A 763 -12.44 -8.13 -26.21
C SER A 763 -11.09 -8.34 -26.88
N PRO A 764 -10.94 -7.94 -28.13
CA PRO A 764 -9.82 -8.45 -28.95
C PRO A 764 -8.47 -7.93 -28.48
N ILE A 765 -7.51 -8.85 -28.39
CA ILE A 765 -6.13 -8.55 -28.04
C ILE A 765 -5.32 -8.46 -29.33
N ALA A 766 -4.33 -7.58 -29.35
CA ALA A 766 -3.52 -7.36 -30.53
C ALA A 766 -2.23 -8.15 -30.46
N ASN A 767 -1.83 -8.73 -31.59
CA ASN A 767 -0.64 -9.55 -31.67
C ASN A 767 0.55 -8.72 -32.11
N LYS A 768 1.70 -8.99 -31.50
CA LYS A 768 2.86 -8.10 -31.62
C LYS A 768 3.80 -8.47 -32.76
N ASN A 769 3.72 -9.69 -33.29
CA ASN A 769 4.58 -10.09 -34.38
C ASN A 769 4.08 -9.50 -35.69
N PRO A 770 4.85 -8.63 -36.35
CA PRO A 770 4.39 -8.08 -37.64
C PRO A 770 4.32 -9.11 -38.76
N ASP A 771 4.90 -10.30 -38.58
CA ASP A 771 4.82 -11.34 -39.60
C ASP A 771 3.60 -12.23 -39.42
N ASN A 772 3.17 -12.49 -38.18
CA ASN A 772 1.95 -13.23 -37.89
C ASN A 772 0.78 -12.63 -38.65
N PRO A 773 0.20 -13.36 -39.61
CA PRO A 773 -0.91 -12.80 -40.39
C PRO A 773 -2.22 -12.67 -39.63
N LYS A 774 -2.28 -13.06 -38.37
CA LYS A 774 -3.46 -12.92 -37.53
C LYS A 774 -3.14 -11.89 -36.45
N LYS A 775 -3.66 -10.68 -36.62
CA LYS A 775 -3.30 -9.55 -35.77
C LYS A 775 -4.17 -9.43 -34.53
N THR A 776 -5.11 -10.35 -34.32
CA THR A 776 -6.03 -10.27 -33.20
C THR A 776 -6.31 -11.66 -32.66
N THR A 777 -6.33 -11.77 -31.33
CA THR A 777 -6.83 -12.95 -30.65
C THR A 777 -7.97 -12.54 -29.73
N THR A 778 -9.13 -13.15 -29.92
CA THR A 778 -10.31 -12.86 -29.11
C THR A 778 -10.55 -14.12 -28.28
N LEU A 779 -10.15 -14.08 -27.02
CA LEU A 779 -10.24 -15.23 -26.13
C LEU A 779 -11.48 -15.13 -25.26
N SER A 780 -12.03 -16.29 -24.90
CA SER A 780 -13.21 -16.38 -24.06
C SER A 780 -12.86 -16.51 -22.58
N TYR A 781 -11.66 -16.07 -22.19
CA TYR A 781 -11.19 -16.20 -20.82
C TYR A 781 -10.07 -15.20 -20.59
N ASP A 782 -9.91 -14.79 -19.34
CA ASP A 782 -9.02 -13.70 -19.00
C ASP A 782 -7.56 -14.15 -19.03
N VAL A 783 -6.67 -13.21 -19.33
CA VAL A 783 -5.23 -13.45 -19.36
C VAL A 783 -4.61 -12.50 -18.35
N TYR A 784 -4.24 -13.02 -17.17
CA TYR A 784 -3.58 -12.23 -16.16
C TYR A 784 -2.07 -12.33 -16.31
N LYS A 785 -1.41 -11.18 -16.40
CA LYS A 785 0.04 -11.16 -16.42
C LYS A 785 0.57 -11.49 -15.03
N ASP A 786 1.57 -12.38 -14.98
CA ASP A 786 2.19 -12.79 -13.72
C ASP A 786 1.18 -13.42 -12.77
N LYS A 787 0.26 -14.21 -13.32
CA LYS A 787 -0.72 -14.89 -12.49
C LYS A 787 -0.07 -15.89 -11.55
N ARG A 788 1.08 -16.44 -11.93
CA ARG A 788 1.76 -17.42 -11.07
C ARG A 788 2.23 -16.81 -9.75
N PHE A 789 2.31 -15.49 -9.65
CA PHE A 789 2.71 -14.83 -8.42
C PHE A 789 1.53 -14.19 -7.67
N SER A 790 0.31 -14.36 -8.16
CA SER A 790 -0.87 -13.81 -7.50
C SER A 790 -1.56 -14.82 -6.61
N GLU A 791 -1.09 -16.06 -6.59
CA GLU A 791 -1.59 -17.07 -5.68
C GLU A 791 -0.42 -17.83 -5.08
N ASP A 792 -0.66 -18.43 -3.92
CA ASP A 792 0.39 -19.16 -3.24
C ASP A 792 0.70 -20.44 -4.01
N GLN A 793 2.00 -20.71 -4.17
CA GLN A 793 2.47 -21.84 -4.95
C GLN A 793 3.35 -22.75 -4.11
N TYR A 794 3.13 -24.06 -4.25
CA TYR A 794 4.04 -25.04 -3.69
C TYR A 794 5.12 -25.36 -4.72
N GLU A 795 6.31 -25.65 -4.22
CA GLU A 795 7.47 -25.90 -5.06
C GLU A 795 8.06 -27.25 -4.70
N LEU A 796 8.48 -28.00 -5.73
CA LEU A 796 9.13 -29.28 -5.53
C LEU A 796 10.37 -29.32 -6.40
N HIS A 797 11.53 -29.55 -5.78
CA HIS A 797 12.82 -29.56 -6.45
C HIS A 797 13.36 -30.97 -6.39
N ILE A 798 13.34 -31.67 -7.52
CA ILE A 798 13.66 -33.10 -7.57
C ILE A 798 14.99 -33.26 -8.29
N PRO A 799 16.07 -33.61 -7.59
CA PRO A 799 17.35 -33.86 -8.27
C PRO A 799 17.33 -35.19 -9.01
N ILE A 800 17.97 -35.21 -10.17
CA ILE A 800 18.16 -36.45 -10.94
C ILE A 800 19.64 -36.59 -11.24
N ALA A 801 20.03 -37.82 -11.57
CA ALA A 801 21.42 -38.15 -11.87
C ALA A 801 21.47 -38.83 -13.23
N ILE A 802 22.15 -38.19 -14.18
CA ILE A 802 22.26 -38.69 -15.55
C ILE A 802 23.56 -39.45 -15.70
N ASN A 803 23.48 -40.67 -16.23
CA ASN A 803 24.64 -41.53 -16.48
C ASN A 803 25.49 -41.73 -15.22
N LYS A 804 24.82 -42.08 -14.12
CA LYS A 804 25.53 -42.41 -12.90
C LYS A 804 26.55 -43.53 -13.12
N CYS A 805 26.26 -44.43 -14.06
CA CYS A 805 27.15 -45.53 -14.44
C CYS A 805 27.63 -45.31 -15.86
N PRO A 806 28.75 -44.59 -16.06
CA PRO A 806 29.23 -44.33 -17.43
C PRO A 806 29.89 -45.58 -18.02
N LYS A 807 29.31 -46.07 -19.11
CA LYS A 807 29.94 -47.17 -19.84
C LYS A 807 31.14 -46.66 -20.62
N ASN A 808 30.89 -45.89 -21.68
CA ASN A 808 31.94 -45.33 -22.52
C ASN A 808 32.91 -44.49 -21.69
N ILE A 809 34.12 -45.00 -21.48
CA ILE A 809 35.15 -44.30 -20.71
C ILE A 809 36.35 -44.10 -21.62
N PHE A 810 36.58 -42.86 -22.04
CA PHE A 810 37.81 -42.50 -22.75
C PHE A 810 38.00 -41.00 -22.66
N LYS A 811 39.12 -40.53 -23.19
CA LYS A 811 39.40 -39.10 -23.23
C LYS A 811 38.64 -38.46 -24.38
N ILE A 812 37.88 -37.41 -24.06
CA ILE A 812 37.00 -36.81 -25.04
C ILE A 812 37.77 -35.94 -26.02
N ASN A 813 38.69 -35.11 -25.50
CA ASN A 813 39.52 -34.30 -26.37
C ASN A 813 40.36 -35.14 -27.32
N THR A 814 40.69 -36.38 -26.92
CA THR A 814 41.42 -37.29 -27.80
C THR A 814 40.50 -37.92 -28.84
N GLU A 815 39.31 -38.35 -28.43
CA GLU A 815 38.40 -38.99 -29.38
C GLU A 815 37.89 -38.01 -30.42
N VAL A 816 37.80 -36.73 -30.09
CA VAL A 816 37.47 -35.72 -31.09
C VAL A 816 38.59 -35.60 -32.10
N ARG A 817 39.84 -35.62 -31.63
CA ARG A 817 40.98 -35.54 -32.53
C ARG A 817 41.10 -36.79 -33.41
N VAL A 818 40.73 -37.97 -32.88
CA VAL A 818 40.82 -39.20 -33.64
C VAL A 818 39.86 -39.17 -34.82
N LEU A 819 38.64 -38.65 -34.61
CA LEU A 819 37.64 -38.62 -35.67
C LEU A 819 37.86 -37.47 -36.63
N LEU A 820 38.53 -36.39 -36.20
CA LEU A 820 38.92 -35.35 -37.15
C LEU A 820 40.05 -35.82 -38.05
N LYS A 821 40.90 -36.72 -37.56
CA LYS A 821 41.97 -37.28 -38.40
C LYS A 821 41.41 -38.15 -39.51
N HIS A 822 40.17 -38.61 -39.39
CA HIS A 822 39.60 -39.57 -40.33
C HIS A 822 38.34 -39.06 -41.02
N ASP A 823 37.89 -37.84 -40.71
CA ASP A 823 36.79 -37.24 -41.45
C ASP A 823 37.30 -36.65 -42.75
N ASP A 824 36.65 -37.01 -43.86
CA ASP A 824 37.09 -36.55 -45.17
C ASP A 824 36.72 -35.09 -45.39
N ASN A 825 35.46 -34.73 -45.13
CA ASN A 825 34.99 -33.34 -45.20
C ASN A 825 34.45 -32.94 -43.83
N PRO A 826 35.33 -32.56 -42.91
CA PRO A 826 34.86 -32.06 -41.61
C PRO A 826 34.44 -30.61 -41.68
N TYR A 827 33.47 -30.27 -40.84
CA TYR A 827 32.90 -28.92 -40.79
C TYR A 827 33.31 -28.23 -39.49
N VAL A 828 33.44 -26.90 -39.57
CA VAL A 828 33.83 -26.09 -38.42
C VAL A 828 32.89 -24.90 -38.33
N ILE A 829 32.39 -24.63 -37.12
CA ILE A 829 31.57 -23.46 -36.83
C ILE A 829 32.46 -22.37 -36.27
N GLY A 830 32.27 -21.14 -36.75
CA GLY A 830 33.05 -20.01 -36.27
C GLY A 830 32.18 -18.96 -35.62
N ILE A 831 32.45 -18.67 -34.35
CA ILE A 831 31.62 -17.77 -33.55
C ILE A 831 32.49 -16.61 -33.08
N ASP A 832 32.10 -15.39 -33.46
CA ASP A 832 32.93 -14.21 -33.28
C ASP A 832 32.14 -13.15 -32.51
N ARG A 833 32.78 -12.59 -31.48
CA ARG A 833 32.18 -11.58 -30.61
C ARG A 833 32.37 -10.19 -31.20
N GLY A 834 31.53 -9.26 -30.76
CA GLY A 834 31.64 -7.87 -31.19
C GLY A 834 30.74 -6.97 -30.38
N GLU A 835 30.93 -5.67 -30.60
CA GLU A 835 30.03 -4.67 -30.05
C GLU A 835 29.01 -4.16 -31.06
N ARG A 836 29.29 -4.31 -32.36
CA ARG A 836 28.33 -3.97 -33.40
C ARG A 836 27.44 -5.17 -33.75
N ASN A 837 28.01 -6.38 -33.75
CA ASN A 837 27.25 -7.63 -33.78
C ASN A 837 27.58 -8.42 -32.52
N LEU A 838 26.55 -8.76 -31.75
CA LEU A 838 26.76 -9.51 -30.51
C LEU A 838 27.49 -10.82 -30.78
N LEU A 839 27.05 -11.56 -31.79
CA LEU A 839 27.64 -12.84 -32.15
C LEU A 839 27.47 -13.04 -33.66
N TYR A 840 28.51 -13.53 -34.32
CA TYR A 840 28.44 -13.80 -35.75
C TYR A 840 28.92 -15.22 -36.01
N ILE A 841 28.13 -15.98 -36.74
CA ILE A 841 28.41 -17.37 -37.05
C ILE A 841 28.93 -17.48 -38.48
N VAL A 842 29.94 -18.32 -38.68
CA VAL A 842 30.44 -18.68 -40.01
C VAL A 842 30.71 -20.17 -40.03
N VAL A 843 30.13 -20.87 -41.01
CA VAL A 843 30.27 -22.32 -41.14
C VAL A 843 31.08 -22.62 -42.40
N VAL A 844 32.09 -23.49 -42.25
CA VAL A 844 33.01 -23.82 -43.34
C VAL A 844 33.17 -25.33 -43.40
N ASP A 845 33.52 -25.82 -44.58
CA ASP A 845 33.76 -27.24 -44.78
C ASP A 845 35.26 -27.53 -44.64
N GLY A 846 35.65 -28.77 -44.94
CA GLY A 846 37.03 -29.20 -44.79
C GLY A 846 38.02 -28.51 -45.70
N LYS A 847 37.55 -27.76 -46.70
CA LYS A 847 38.42 -27.04 -47.61
C LYS A 847 38.41 -25.54 -47.36
N GLY A 848 37.77 -25.09 -46.28
CA GLY A 848 37.65 -23.67 -46.02
C GLY A 848 36.54 -22.98 -46.78
N ASN A 849 35.62 -23.74 -47.39
CA ASN A 849 34.54 -23.15 -48.15
C ASN A 849 33.42 -22.70 -47.25
N ILE A 850 32.87 -21.52 -47.52
CA ILE A 850 31.77 -20.99 -46.72
C ILE A 850 30.46 -21.62 -47.18
N VAL A 851 29.73 -22.22 -46.23
CA VAL A 851 28.38 -22.71 -46.50
C VAL A 851 27.35 -21.77 -45.90
N GLU A 852 27.70 -21.12 -44.79
CA GLU A 852 26.76 -20.29 -44.06
C GLU A 852 27.51 -19.18 -43.34
N GLN A 853 26.90 -18.00 -43.32
CA GLN A 853 27.39 -16.89 -42.51
C GLN A 853 26.23 -15.95 -42.25
N TYR A 854 25.89 -15.74 -40.98
CA TYR A 854 24.87 -14.76 -40.64
C TYR A 854 25.14 -14.19 -39.26
N SER A 855 24.75 -12.93 -39.08
CA SER A 855 24.84 -12.31 -37.76
C SER A 855 23.74 -12.86 -36.86
N LEU A 856 24.00 -12.85 -35.56
CA LEU A 856 23.02 -13.30 -34.57
C LEU A 856 22.52 -12.16 -33.69
N ASN A 857 22.57 -10.93 -34.21
CA ASN A 857 21.89 -9.82 -33.55
C ASN A 857 20.41 -10.13 -33.38
N GLU A 858 19.82 -10.81 -34.35
CA GLU A 858 18.40 -11.14 -34.35
C GLU A 858 18.23 -12.64 -34.51
N ILE A 859 17.34 -13.22 -33.70
CA ILE A 859 17.04 -14.65 -33.77
C ILE A 859 15.83 -14.86 -34.65
N ILE A 860 15.93 -15.79 -35.60
CA ILE A 860 14.85 -16.10 -36.52
C ILE A 860 14.45 -17.56 -36.33
N ASN A 861 13.16 -17.79 -36.09
CA ASN A 861 12.57 -19.12 -35.96
C ASN A 861 11.29 -19.17 -36.79
N ASN A 862 11.02 -20.32 -37.39
CA ASN A 862 9.78 -20.56 -38.12
C ASN A 862 9.06 -21.73 -37.47
N PHE A 863 7.76 -21.54 -37.20
CA PHE A 863 6.88 -22.63 -36.79
C PHE A 863 5.63 -22.61 -37.65
N ASN A 864 5.40 -23.70 -38.39
CA ASN A 864 4.18 -23.89 -39.16
C ASN A 864 3.94 -22.74 -40.13
N GLY A 865 5.00 -22.33 -40.83
CA GLY A 865 4.90 -21.27 -41.80
C GLY A 865 4.78 -19.88 -41.22
N ILE A 866 4.97 -19.74 -39.91
CA ILE A 866 4.94 -18.47 -39.22
C ILE A 866 6.37 -18.09 -38.84
N ARG A 867 6.90 -17.03 -39.46
CA ARG A 867 8.22 -16.53 -39.13
C ARG A 867 8.12 -15.50 -38.02
N ILE A 868 9.10 -15.49 -37.12
CA ILE A 868 9.21 -14.48 -36.07
C ILE A 868 10.68 -14.13 -35.88
N LYS A 869 11.02 -12.87 -36.07
CA LYS A 869 12.38 -12.37 -35.94
C LYS A 869 12.44 -11.35 -34.80
N THR A 870 13.14 -11.72 -33.73
CA THR A 870 13.24 -10.88 -32.53
C THR A 870 14.62 -10.22 -32.49
N ASP A 871 14.63 -8.91 -32.29
CA ASP A 871 15.88 -8.12 -32.31
C ASP A 871 16.49 -8.09 -30.91
N TYR A 872 16.97 -9.26 -30.49
CA TYR A 872 17.52 -9.40 -29.13
C TYR A 872 18.64 -8.39 -28.87
N HIS A 873 19.35 -7.96 -29.92
CA HIS A 873 20.36 -6.93 -29.75
C HIS A 873 19.72 -5.59 -29.39
N SER A 874 18.54 -5.29 -29.96
CA SER A 874 17.82 -4.08 -29.58
C SER A 874 17.28 -4.18 -28.15
N LEU A 875 16.76 -5.34 -27.78
CA LEU A 875 16.23 -5.52 -26.43
C LEU A 875 17.31 -5.30 -25.37
N LEU A 876 18.51 -5.85 -25.60
CA LEU A 876 19.60 -5.65 -24.65
C LEU A 876 20.03 -4.20 -24.57
N ASP A 877 19.94 -3.45 -25.67
CA ASP A 877 20.30 -2.04 -25.65
C ASP A 877 19.29 -1.22 -24.86
N LYS A 878 17.99 -1.43 -25.14
CA LYS A 878 16.97 -0.64 -24.46
C LYS A 878 16.89 -0.99 -22.99
N LYS A 879 17.04 -2.27 -22.64
CA LYS A 879 17.02 -2.65 -21.24
C LYS A 879 18.26 -2.18 -20.50
N GLU A 880 19.38 -2.01 -21.20
CA GLU A 880 20.57 -1.48 -20.55
C GLU A 880 20.37 -0.03 -20.14
N LYS A 881 19.81 0.79 -21.05
CA LYS A 881 19.56 2.18 -20.71
C LYS A 881 18.36 2.33 -19.77
N GLU A 882 17.52 1.31 -19.67
CA GLU A 882 16.44 1.31 -18.68
C GLU A 882 16.94 1.02 -17.28
N ARG A 883 18.22 0.65 -17.14
CA ARG A 883 18.89 0.53 -15.86
C ARG A 883 19.83 1.69 -15.58
N PHE A 884 20.52 2.17 -16.62
CA PHE A 884 21.36 3.36 -16.49
C PHE A 884 20.54 4.56 -16.02
N GLU A 885 19.49 4.91 -16.79
CA GLU A 885 18.62 6.00 -16.38
C GLU A 885 17.80 5.64 -15.16
N ALA A 886 17.68 4.35 -14.83
CA ALA A 886 17.07 3.97 -13.56
C ALA A 886 18.02 4.23 -12.39
N ARG A 887 19.32 4.00 -12.60
CA ARG A 887 20.28 4.24 -11.53
C ARG A 887 20.43 5.72 -11.23
N GLN A 888 20.38 6.57 -12.26
CA GLN A 888 20.52 8.01 -12.06
C GLN A 888 19.35 8.58 -11.26
N ASN A 889 18.12 8.13 -11.57
CA ASN A 889 16.92 8.76 -11.08
C ASN A 889 16.35 8.08 -9.85
N TRP A 890 17.10 7.18 -9.23
CA TRP A 890 16.72 6.49 -8.00
C TRP A 890 15.55 5.54 -8.20
N THR A 891 15.08 5.35 -9.43
CA THR A 891 13.93 4.51 -9.72
C THR A 891 14.35 3.04 -9.61
N SER A 892 13.44 2.15 -10.00
CA SER A 892 13.70 0.71 -9.94
C SER A 892 14.63 0.30 -11.07
N ILE A 893 15.57 -0.60 -10.77
CA ILE A 893 16.57 -1.06 -11.72
C ILE A 893 16.08 -2.38 -12.30
N GLU A 894 15.82 -2.38 -13.61
CA GLU A 894 15.29 -3.56 -14.26
C GLU A 894 16.35 -4.66 -14.31
N ASN A 895 15.91 -5.91 -14.25
CA ASN A 895 16.82 -7.04 -14.37
C ASN A 895 17.13 -7.33 -15.84
N ILE A 896 18.41 -7.50 -16.14
CA ILE A 896 18.84 -7.79 -17.50
C ILE A 896 19.50 -9.16 -17.63
N LYS A 897 19.92 -9.80 -16.53
CA LYS A 897 20.58 -11.10 -16.62
C LYS A 897 19.64 -12.17 -17.17
N GLU A 898 18.35 -12.13 -16.81
CA GLU A 898 17.41 -13.09 -17.39
C GLU A 898 17.31 -12.87 -18.89
N LEU A 899 17.20 -11.61 -19.31
CA LEU A 899 17.10 -11.27 -20.72
C LEU A 899 18.31 -11.79 -21.49
N LYS A 900 19.51 -11.56 -20.96
CA LYS A 900 20.71 -12.07 -21.60
C LYS A 900 20.69 -13.59 -21.65
N ALA A 901 20.30 -14.23 -20.55
CA ALA A 901 20.24 -15.69 -20.56
C ALA A 901 19.16 -16.20 -21.50
N GLY A 902 18.01 -15.53 -21.55
CA GLY A 902 16.97 -15.90 -22.51
C GLY A 902 17.43 -15.78 -23.95
N TYR A 903 18.26 -14.78 -24.24
CA TYR A 903 18.86 -14.65 -25.56
C TYR A 903 19.74 -15.86 -25.88
N ILE A 904 20.59 -16.25 -24.94
CA ILE A 904 21.57 -17.31 -25.21
C ILE A 904 20.85 -18.62 -25.51
N SER A 905 19.74 -18.89 -24.83
CA SER A 905 19.00 -20.13 -25.06
C SER A 905 18.62 -20.28 -26.53
N GLN A 906 18.25 -19.17 -27.18
CA GLN A 906 17.98 -19.22 -28.62
C GLN A 906 19.26 -19.42 -29.42
N VAL A 907 20.35 -18.79 -28.98
CA VAL A 907 21.64 -18.98 -29.65
C VAL A 907 22.17 -20.39 -29.38
N VAL A 908 22.16 -20.81 -28.12
CA VAL A 908 22.66 -22.14 -27.75
C VAL A 908 21.97 -23.21 -28.60
N HIS A 909 20.66 -23.05 -28.81
CA HIS A 909 19.94 -23.98 -29.68
C HIS A 909 20.49 -23.95 -31.11
N LYS A 910 20.72 -22.75 -31.65
CA LYS A 910 21.10 -22.64 -33.07
C LYS A 910 22.44 -23.30 -33.37
N ILE A 911 23.43 -23.13 -32.49
CA ILE A 911 24.70 -23.84 -32.69
C ILE A 911 24.50 -25.34 -32.62
N CYS A 912 23.74 -25.81 -31.63
CA CYS A 912 23.50 -27.26 -31.54
C CYS A 912 22.82 -27.78 -32.79
N GLU A 913 21.89 -27.00 -33.36
CA GLU A 913 21.29 -27.39 -34.64
C GLU A 913 22.36 -27.44 -35.72
N LEU A 914 23.27 -26.45 -35.73
CA LEU A 914 24.36 -26.43 -36.68
C LEU A 914 25.33 -27.59 -36.45
N VAL A 915 25.63 -27.89 -35.18
CA VAL A 915 26.51 -29.00 -34.87
C VAL A 915 25.88 -30.33 -35.27
N GLU A 916 24.57 -30.48 -35.04
CA GLU A 916 23.88 -31.71 -35.43
C GLU A 916 23.84 -31.85 -36.95
N LYS A 917 23.49 -30.79 -37.65
CA LYS A 917 23.30 -30.86 -39.09
C LYS A 917 24.62 -31.15 -39.81
N TYR A 918 25.65 -30.36 -39.51
CA TYR A 918 26.92 -30.43 -40.22
C TYR A 918 27.94 -31.33 -39.52
N ASP A 919 27.62 -31.82 -38.33
CA ASP A 919 28.54 -32.62 -37.53
C ASP A 919 29.85 -31.86 -37.34
N ALA A 920 29.73 -30.61 -36.92
CA ALA A 920 30.82 -29.64 -36.96
C ALA A 920 31.33 -29.34 -35.56
N VAL A 921 32.65 -29.19 -35.44
CA VAL A 921 33.25 -28.70 -34.21
C VAL A 921 33.04 -27.19 -34.13
N ILE A 922 33.32 -26.62 -32.96
CA ILE A 922 33.08 -25.21 -32.69
C ILE A 922 34.42 -24.51 -32.42
N ALA A 923 34.50 -23.25 -32.85
CA ALA A 923 35.72 -22.45 -32.71
C ALA A 923 35.39 -21.13 -32.04
N LEU A 924 36.01 -20.85 -30.90
CA LEU A 924 35.81 -19.61 -30.15
C LEU A 924 37.15 -18.89 -29.97
N GLU A 925 37.07 -17.66 -29.48
CA GLU A 925 38.26 -16.83 -29.30
C GLU A 925 38.95 -17.17 -27.98
N ASP A 926 40.29 -17.21 -28.02
CA ASP A 926 41.09 -17.47 -26.82
C ASP A 926 41.20 -16.17 -26.05
N LEU A 927 40.40 -16.04 -25.00
CA LEU A 927 40.36 -14.84 -24.16
C LEU A 927 40.78 -15.21 -22.75
N ASN A 928 41.75 -14.49 -22.21
CA ASN A 928 42.14 -14.68 -20.82
C ASN A 928 41.34 -13.71 -19.95
N SER A 929 41.81 -13.45 -18.72
CA SER A 929 41.06 -12.60 -17.81
C SER A 929 40.96 -11.17 -18.31
N GLY A 930 42.00 -10.68 -19.00
CA GLY A 930 42.09 -9.26 -19.28
C GLY A 930 40.99 -8.72 -20.19
N PHE A 931 40.64 -9.46 -21.25
CA PHE A 931 39.82 -8.90 -22.32
C PHE A 931 38.38 -8.59 -21.86
N LYS A 932 37.97 -9.02 -20.67
CA LYS A 932 36.62 -8.69 -20.20
C LYS A 932 36.41 -7.19 -20.15
N ASN A 933 37.43 -6.44 -19.75
CA ASN A 933 37.33 -4.99 -19.66
C ASN A 933 37.21 -4.37 -21.05
N SER A 934 36.30 -3.38 -21.18
CA SER A 934 36.07 -2.70 -22.45
C SER A 934 35.94 -1.20 -22.22
N ARG A 935 36.33 -0.44 -23.24
CA ARG A 935 36.31 1.03 -23.18
C ARG A 935 34.89 1.58 -23.06
N VAL A 936 33.92 0.95 -23.73
CA VAL A 936 32.58 1.48 -23.87
C VAL A 936 31.60 0.44 -23.29
N LYS A 937 30.38 0.90 -22.98
CA LYS A 937 29.40 0.06 -22.29
C LYS A 937 29.25 -1.26 -23.02
N VAL A 938 29.42 -2.35 -22.27
CA VAL A 938 29.78 -3.66 -22.81
C VAL A 938 28.57 -4.57 -22.71
N GLU A 939 28.21 -5.23 -23.82
CA GLU A 939 27.38 -6.41 -23.64
C GLU A 939 28.18 -7.70 -23.64
N LYS A 940 29.48 -7.66 -23.92
CA LYS A 940 30.31 -8.87 -24.01
C LYS A 940 30.28 -9.69 -22.73
N GLN A 941 29.67 -9.18 -21.66
CA GLN A 941 29.22 -10.06 -20.59
C GLN A 941 28.28 -11.14 -21.14
N VAL A 942 27.61 -10.88 -22.26
CA VAL A 942 26.84 -11.90 -22.96
C VAL A 942 27.74 -13.02 -23.46
N TYR A 943 28.96 -12.67 -23.91
CA TYR A 943 29.86 -13.69 -24.44
C TYR A 943 30.27 -14.69 -23.36
N GLN A 944 30.61 -14.21 -22.17
CA GLN A 944 30.97 -15.12 -21.10
C GLN A 944 29.79 -16.00 -20.71
N LYS A 945 28.58 -15.42 -20.67
CA LYS A 945 27.39 -16.24 -20.47
C LYS A 945 27.16 -17.18 -21.64
N PHE A 946 27.52 -16.75 -22.86
CA PHE A 946 27.33 -17.61 -24.02
C PHE A 946 28.13 -18.90 -23.90
N GLU A 947 29.37 -18.81 -23.40
CA GLU A 947 30.17 -20.00 -23.19
C GLU A 947 29.51 -20.94 -22.19
N LYS A 948 29.22 -20.44 -20.99
CA LYS A 948 28.69 -21.28 -19.92
C LYS A 948 27.48 -22.11 -20.38
N MET A 949 26.42 -21.44 -20.84
CA MET A 949 25.22 -22.17 -21.24
C MET A 949 25.44 -23.00 -22.51
N LEU A 950 26.46 -22.68 -23.31
CA LEU A 950 26.80 -23.56 -24.43
C LEU A 950 27.50 -24.82 -23.92
N ILE A 951 28.57 -24.65 -23.15
CA ILE A 951 29.30 -25.79 -22.58
C ILE A 951 28.35 -26.69 -21.80
N ASP A 952 27.48 -26.10 -20.99
CA ASP A 952 26.52 -26.88 -20.21
C ASP A 952 25.58 -27.67 -21.11
N LYS A 953 25.11 -27.07 -22.20
CA LYS A 953 24.20 -27.77 -23.09
C LYS A 953 24.89 -28.92 -23.81
N LEU A 954 26.14 -28.73 -24.23
CA LEU A 954 26.89 -29.80 -24.88
C LEU A 954 27.24 -30.92 -23.90
N ASN A 955 27.32 -30.62 -22.60
CA ASN A 955 27.66 -31.64 -21.61
C ASN A 955 26.68 -32.80 -21.65
N TYR A 956 25.40 -32.50 -21.85
CA TYR A 956 24.40 -33.51 -22.20
C TYR A 956 23.47 -32.88 -23.23
N MET A 957 23.61 -33.28 -24.48
CA MET A 957 22.93 -32.63 -25.60
C MET A 957 21.78 -33.51 -26.08
N VAL A 958 20.60 -32.93 -26.15
CA VAL A 958 19.38 -33.66 -26.42
C VAL A 958 18.63 -32.95 -27.53
N ASP A 959 17.95 -33.73 -28.37
CA ASP A 959 17.00 -33.21 -29.35
C ASP A 959 15.63 -33.77 -28.98
N LYS A 960 14.69 -32.87 -28.68
CA LYS A 960 13.38 -33.28 -28.18
C LYS A 960 12.51 -33.96 -29.22
N LYS A 961 12.97 -34.05 -30.46
CA LYS A 961 12.24 -34.70 -31.54
C LYS A 961 12.67 -36.14 -31.75
N SER A 962 13.96 -36.43 -31.57
CA SER A 962 14.44 -37.79 -31.62
C SER A 962 13.79 -38.62 -30.52
N ASN A 963 13.55 -39.90 -30.81
CA ASN A 963 12.98 -40.80 -29.82
C ASN A 963 13.89 -40.86 -28.59
N PRO A 964 13.35 -40.75 -27.38
CA PRO A 964 14.20 -40.73 -26.18
C PRO A 964 15.12 -41.93 -26.08
N CYS A 965 14.59 -43.13 -26.36
CA CYS A 965 15.35 -44.37 -26.28
C CYS A 965 16.42 -44.48 -27.38
N ALA A 966 16.38 -43.63 -28.40
CA ALA A 966 17.37 -43.62 -29.48
C ALA A 966 18.54 -42.68 -29.17
N THR A 967 19.63 -42.89 -29.91
CA THR A 967 20.84 -42.10 -29.71
C THR A 967 20.58 -40.64 -30.04
N GLY A 968 20.99 -39.75 -29.14
CA GLY A 968 20.72 -38.34 -29.28
C GLY A 968 19.44 -37.87 -28.63
N GLY A 969 18.58 -38.80 -28.23
CA GLY A 969 17.32 -38.49 -27.57
C GLY A 969 17.49 -38.21 -26.09
N ALA A 970 16.37 -38.25 -25.38
CA ALA A 970 16.38 -37.91 -23.95
C ALA A 970 17.21 -38.90 -23.14
N LEU A 971 17.08 -40.20 -23.43
CA LEU A 971 17.82 -41.20 -22.66
C LEU A 971 19.26 -41.37 -23.13
N LYS A 972 19.57 -41.09 -24.40
CA LYS A 972 20.93 -41.27 -24.91
C LYS A 972 21.38 -39.96 -25.56
N GLY A 973 21.61 -38.96 -24.74
CA GLY A 973 22.04 -37.66 -25.24
C GLY A 973 23.52 -37.62 -25.52
N TYR A 974 23.91 -36.73 -26.43
CA TYR A 974 25.31 -36.57 -26.78
C TYR A 974 26.04 -35.84 -25.67
N GLN A 975 27.30 -36.23 -25.43
CA GLN A 975 28.18 -35.53 -24.49
C GLN A 975 29.47 -35.19 -25.24
N ILE A 976 29.62 -33.94 -25.67
CA ILE A 976 30.75 -33.59 -26.52
C ILE A 976 31.60 -32.48 -25.90
N THR A 977 31.46 -32.26 -24.60
CA THR A 977 32.33 -31.35 -23.87
C THR A 977 32.72 -32.00 -22.56
N ASN A 978 33.95 -31.76 -22.13
CA ASN A 978 34.41 -32.25 -20.83
C ASN A 978 33.55 -31.63 -19.72
N LYS A 979 33.34 -32.42 -18.66
CA LYS A 979 32.43 -32.03 -17.60
C LYS A 979 32.82 -30.67 -17.02
N PHE A 980 31.84 -29.77 -16.91
CA PHE A 980 32.08 -28.43 -16.39
C PHE A 980 32.34 -28.51 -14.89
N GLU A 981 33.58 -28.24 -14.49
CA GLU A 981 33.93 -28.05 -13.09
C GLU A 981 34.18 -26.59 -12.74
N SER A 982 35.04 -25.92 -13.51
CA SER A 982 35.34 -24.51 -13.28
C SER A 982 35.91 -23.92 -14.57
N PHE A 983 35.78 -22.59 -14.69
CA PHE A 983 36.37 -21.90 -15.84
C PHE A 983 37.89 -21.91 -15.81
N LYS A 984 38.49 -22.03 -14.62
CA LYS A 984 39.94 -21.98 -14.53
C LYS A 984 40.62 -23.29 -14.91
N SER A 985 39.90 -24.42 -14.86
CA SER A 985 40.48 -25.72 -15.14
C SER A 985 40.75 -25.94 -16.62
N MET A 986 40.14 -25.11 -17.47
CA MET A 986 40.09 -25.33 -18.91
C MET A 986 41.48 -25.25 -19.53
N SER A 987 41.65 -26.00 -20.63
CA SER A 987 42.81 -25.92 -21.50
C SER A 987 42.41 -25.22 -22.81
N THR A 988 43.27 -25.35 -23.83
CA THR A 988 42.98 -24.74 -25.13
C THR A 988 41.74 -25.36 -25.79
N GLN A 989 41.58 -26.68 -25.66
CA GLN A 989 40.48 -27.41 -26.27
C GLN A 989 39.56 -27.99 -25.20
N ASN A 990 38.25 -27.95 -25.45
CA ASN A 990 37.23 -28.57 -24.58
C ASN A 990 36.31 -29.40 -25.47
N GLY A 991 36.77 -30.60 -25.82
CA GLY A 991 35.98 -31.49 -26.64
C GLY A 991 35.80 -31.00 -28.07
N PHE A 992 34.55 -30.71 -28.45
CA PHE A 992 34.30 -30.10 -29.75
C PHE A 992 34.70 -28.63 -29.78
N ILE A 993 34.82 -27.97 -28.64
CA ILE A 993 35.13 -26.55 -28.57
C ILE A 993 36.64 -26.34 -28.58
N PHE A 994 37.09 -25.37 -29.37
CA PHE A 994 38.51 -24.98 -29.46
C PHE A 994 38.62 -23.50 -29.16
N TYR A 995 39.43 -23.13 -28.18
CA TYR A 995 39.70 -21.73 -27.87
C TYR A 995 40.99 -21.32 -28.59
N ILE A 996 40.86 -20.52 -29.64
CA ILE A 996 41.98 -20.24 -30.52
C ILE A 996 42.37 -18.77 -30.43
N PRO A 997 43.66 -18.43 -30.51
CA PRO A 997 44.07 -17.03 -30.44
C PRO A 997 43.46 -16.21 -31.58
N ALA A 998 43.29 -14.91 -31.32
CA ALA A 998 42.62 -14.01 -32.25
C ALA A 998 43.59 -13.14 -33.05
N TRP A 999 44.89 -13.37 -32.92
CA TRP A 999 45.87 -12.57 -33.65
C TRP A 999 45.71 -12.75 -35.15
N LEU A 1000 45.56 -11.64 -35.87
CA LEU A 1000 45.43 -11.61 -37.32
C LEU A 1000 44.16 -12.31 -37.81
N THR A 1001 43.16 -12.45 -36.95
CA THR A 1001 41.87 -13.01 -37.38
C THR A 1001 41.07 -12.03 -38.21
N SER A 1002 41.13 -10.74 -37.87
CA SER A 1002 40.27 -9.72 -38.46
C SER A 1002 40.98 -8.89 -39.52
N LYS A 1003 42.14 -8.32 -39.20
CA LYS A 1003 42.86 -7.47 -40.14
C LYS A 1003 43.75 -8.32 -41.06
N ILE A 1004 43.09 -9.18 -41.83
CA ILE A 1004 43.73 -10.02 -42.82
C ILE A 1004 42.85 -10.11 -44.07
N ASP A 1005 43.50 -10.22 -45.21
CA ASP A 1005 42.86 -10.25 -46.53
C ASP A 1005 42.44 -11.70 -46.78
N PRO A 1006 41.14 -12.01 -46.74
CA PRO A 1006 40.72 -13.39 -47.06
C PRO A 1006 41.05 -13.79 -48.49
N SER A 1007 41.01 -12.84 -49.44
CA SER A 1007 41.28 -13.19 -50.83
C SER A 1007 42.71 -13.64 -51.04
N THR A 1008 43.68 -13.00 -50.36
CA THR A 1008 45.09 -13.30 -50.58
C THR A 1008 45.86 -13.66 -49.31
N GLY A 1009 45.30 -13.46 -48.12
CA GLY A 1009 46.06 -13.66 -46.91
C GLY A 1009 46.95 -12.52 -46.52
N PHE A 1010 46.87 -11.38 -47.21
CA PHE A 1010 47.76 -10.27 -46.94
C PHE A 1010 47.47 -9.65 -45.58
N VAL A 1011 48.54 -9.23 -44.90
CA VAL A 1011 48.47 -8.63 -43.58
C VAL A 1011 49.39 -7.42 -43.51
N ASN A 1012 49.06 -6.51 -42.61
CA ASN A 1012 49.88 -5.33 -42.35
C ASN A 1012 50.86 -5.69 -41.25
N LEU A 1013 52.09 -5.99 -41.64
CA LEU A 1013 53.19 -6.18 -40.69
C LEU A 1013 54.09 -4.95 -40.63
N LEU A 1014 53.66 -3.85 -41.25
CA LEU A 1014 54.42 -2.61 -41.26
C LEU A 1014 54.02 -1.74 -40.06
N LYS A 1015 55.01 -1.09 -39.46
CA LYS A 1015 54.75 -0.02 -38.50
C LYS A 1015 54.97 1.33 -39.17
N THR A 1016 53.96 2.19 -39.11
CA THR A 1016 53.95 3.44 -39.86
C THR A 1016 53.84 4.70 -39.02
N LYS A 1017 53.68 4.59 -37.70
CA LYS A 1017 53.57 5.78 -36.87
C LYS A 1017 54.85 6.62 -36.97
N TYR A 1018 54.69 7.94 -36.90
CA TYR A 1018 55.79 8.85 -37.22
C TYR A 1018 56.82 8.88 -36.11
N THR A 1019 58.08 8.64 -36.48
CA THR A 1019 59.21 8.73 -35.56
C THR A 1019 60.12 9.92 -35.84
N SER A 1020 60.59 10.07 -37.08
CA SER A 1020 61.54 11.13 -37.38
C SER A 1020 61.59 11.36 -38.90
N ILE A 1021 62.28 12.43 -39.27
CA ILE A 1021 62.56 12.70 -40.69
C ILE A 1021 63.40 11.56 -41.28
N ALA A 1022 64.43 11.14 -40.56
CA ALA A 1022 65.38 10.17 -41.09
C ALA A 1022 64.74 8.81 -41.33
N ASP A 1023 63.94 8.32 -40.38
CA ASP A 1023 63.32 7.01 -40.54
C ASP A 1023 62.41 6.95 -41.76
N SER A 1024 61.70 8.03 -42.05
CA SER A 1024 60.87 8.06 -43.25
C SER A 1024 61.71 7.90 -44.51
N LYS A 1025 62.90 8.49 -44.55
CA LYS A 1025 63.76 8.30 -45.72
C LYS A 1025 64.20 6.85 -45.84
N LYS A 1026 64.60 6.23 -44.72
CA LYS A 1026 64.91 4.80 -44.73
C LYS A 1026 63.67 3.98 -45.05
N PHE A 1027 62.51 4.46 -44.60
CA PHE A 1027 61.23 3.82 -44.94
C PHE A 1027 61.07 3.73 -46.45
N ILE A 1028 61.12 4.87 -47.14
CA ILE A 1028 60.81 4.91 -48.56
C ILE A 1028 61.78 4.05 -49.35
N SER A 1029 63.08 4.16 -49.06
CA SER A 1029 64.10 3.48 -49.86
C SER A 1029 63.98 1.96 -49.82
N SER A 1030 63.39 1.42 -48.76
CA SER A 1030 63.25 -0.03 -48.63
C SER A 1030 62.38 -0.63 -49.74
N PHE A 1031 61.29 0.06 -50.10
CA PHE A 1031 60.35 -0.48 -51.07
C PHE A 1031 61.03 -0.87 -52.37
N ASP A 1032 60.56 -1.96 -52.99
CA ASP A 1032 61.14 -2.41 -54.24
C ASP A 1032 60.94 -1.39 -55.35
N ARG A 1033 59.75 -0.78 -55.42
CA ARG A 1033 59.48 0.39 -56.24
C ARG A 1033 58.29 1.14 -55.66
N ILE A 1034 58.33 2.46 -55.77
CA ILE A 1034 57.15 3.31 -55.60
C ILE A 1034 56.95 4.04 -56.92
N MET A 1035 55.78 3.85 -57.54
CA MET A 1035 55.53 4.32 -58.88
C MET A 1035 54.07 4.74 -59.01
N TYR A 1036 53.77 5.47 -60.08
CA TYR A 1036 52.41 5.78 -60.48
C TYR A 1036 52.08 4.92 -61.70
N VAL A 1037 50.98 4.16 -61.61
CA VAL A 1037 50.45 3.43 -62.74
C VAL A 1037 49.30 4.24 -63.34
N PRO A 1038 49.51 4.92 -64.48
CA PRO A 1038 48.48 5.82 -65.00
C PRO A 1038 47.30 5.11 -65.67
N GLU A 1039 47.54 3.99 -66.36
CA GLU A 1039 46.43 3.28 -67.00
C GLU A 1039 45.42 2.75 -66.00
N GLU A 1040 45.74 2.74 -64.70
CA GLU A 1040 44.84 2.28 -63.67
C GLU A 1040 44.45 3.37 -62.67
N ASP A 1041 45.09 4.54 -62.74
CA ASP A 1041 44.89 5.62 -61.78
C ASP A 1041 45.09 5.10 -60.35
N LEU A 1042 46.25 4.48 -60.14
CA LEU A 1042 46.62 3.94 -58.83
C LEU A 1042 48.11 4.15 -58.62
N PHE A 1043 48.50 4.25 -57.35
CA PHE A 1043 49.90 4.17 -56.96
C PHE A 1043 50.21 2.74 -56.55
N GLU A 1044 51.38 2.25 -56.94
CA GLU A 1044 51.80 0.88 -56.67
C GLU A 1044 53.04 0.90 -55.81
N PHE A 1045 53.00 0.16 -54.70
CA PHE A 1045 54.11 0.09 -53.75
C PHE A 1045 54.52 -1.38 -53.62
N ALA A 1046 55.46 -1.81 -54.47
CA ALA A 1046 55.96 -3.17 -54.37
C ALA A 1046 57.01 -3.22 -53.27
N LEU A 1047 56.94 -4.24 -52.41
CA LEU A 1047 57.88 -4.34 -51.31
C LEU A 1047 58.25 -5.79 -51.07
N ASP A 1048 59.41 -5.97 -50.47
CA ASP A 1048 59.81 -7.24 -49.88
C ASP A 1048 59.84 -7.01 -48.37
N TYR A 1049 59.08 -7.82 -47.64
CA TYR A 1049 59.04 -7.67 -46.19
C TYR A 1049 60.41 -7.88 -45.56
N LYS A 1050 61.29 -8.65 -46.20
CA LYS A 1050 62.59 -8.95 -45.62
C LYS A 1050 63.44 -7.69 -45.45
N ASN A 1051 63.20 -6.66 -46.26
CA ASN A 1051 63.94 -5.41 -46.11
C ASN A 1051 63.46 -4.59 -44.93
N PHE A 1052 62.27 -4.86 -44.41
CA PHE A 1052 61.73 -4.16 -43.26
C PHE A 1052 61.94 -5.01 -42.02
N SER A 1053 62.04 -4.35 -40.86
CA SER A 1053 62.27 -5.07 -39.62
C SER A 1053 60.99 -5.70 -39.11
N ARG A 1054 61.14 -6.83 -38.41
CA ARG A 1054 60.03 -7.51 -37.73
C ARG A 1054 58.92 -7.94 -38.68
N THR A 1055 59.30 -8.40 -39.87
CA THR A 1055 58.36 -8.93 -40.86
C THR A 1055 58.52 -10.42 -41.10
N ASP A 1056 59.02 -11.15 -40.10
CA ASP A 1056 59.35 -12.56 -40.30
C ASP A 1056 58.13 -13.44 -40.54
N ALA A 1057 56.97 -13.02 -40.05
CA ALA A 1057 55.79 -13.90 -40.07
C ALA A 1057 55.32 -14.21 -41.49
N ASP A 1058 55.33 -13.23 -42.39
CA ASP A 1058 54.69 -13.39 -43.69
C ASP A 1058 55.42 -14.43 -44.55
N TYR A 1059 54.65 -15.22 -45.30
CA TYR A 1059 55.20 -16.29 -46.14
C TYR A 1059 55.59 -15.80 -47.53
N ILE A 1060 54.67 -15.12 -48.22
CA ILE A 1060 54.92 -14.70 -49.61
C ILE A 1060 56.10 -13.74 -49.69
N LYS A 1061 56.23 -12.85 -48.70
CA LYS A 1061 57.28 -11.83 -48.63
C LYS A 1061 57.03 -10.75 -49.69
N LYS A 1062 56.90 -11.17 -50.94
CA LYS A 1062 56.86 -10.26 -52.08
C LYS A 1062 55.42 -9.79 -52.26
N TRP A 1063 55.14 -8.56 -51.82
CA TRP A 1063 53.81 -7.99 -51.91
C TRP A 1063 53.86 -6.69 -52.70
N LYS A 1064 52.85 -6.46 -53.53
CA LYS A 1064 52.69 -5.20 -54.26
C LYS A 1064 51.46 -4.48 -53.73
N LEU A 1065 51.68 -3.40 -52.98
CA LEU A 1065 50.64 -2.58 -52.40
C LEU A 1065 50.01 -1.65 -53.42
N TYR A 1066 48.80 -1.19 -53.12
CA TYR A 1066 48.10 -0.28 -54.01
C TYR A 1066 47.31 0.74 -53.18
N SER A 1067 46.97 1.84 -53.84
CA SER A 1067 46.14 2.89 -53.26
C SER A 1067 44.67 2.71 -53.61
N TYR A 1068 44.29 1.51 -54.07
CA TYR A 1068 42.91 1.27 -54.49
C TYR A 1068 41.96 1.48 -53.33
N GLY A 1069 40.83 2.11 -53.62
CA GLY A 1069 39.77 2.18 -52.64
C GLY A 1069 39.77 3.45 -51.81
N ASN A 1070 38.76 3.51 -50.94
CA ASN A 1070 38.54 4.60 -50.01
C ASN A 1070 38.75 4.10 -48.60
N ARG A 1071 39.23 4.98 -47.73
CA ARG A 1071 39.48 4.63 -46.35
C ARG A 1071 38.69 5.57 -45.45
N ILE A 1072 38.65 5.26 -44.16
CA ILE A 1072 37.93 6.04 -43.18
C ILE A 1072 38.90 6.49 -42.10
N ARG A 1073 38.88 7.77 -41.77
CA ARG A 1073 39.76 8.37 -40.78
C ARG A 1073 38.94 9.19 -39.80
N ILE A 1074 39.27 9.07 -38.52
CA ILE A 1074 38.54 9.74 -37.45
C ILE A 1074 39.16 11.11 -37.23
N PHE A 1075 38.31 12.12 -37.00
CA PHE A 1075 38.79 13.46 -36.70
C PHE A 1075 39.46 13.49 -35.32
N ARG A 1076 40.00 14.67 -34.99
CA ARG A 1076 40.69 14.87 -33.73
C ARG A 1076 40.16 16.11 -33.01
N ASN A 1077 38.95 16.54 -33.37
CA ASN A 1077 38.34 17.73 -32.81
C ASN A 1077 36.82 17.65 -32.91
N ASN A 1081 28.20 21.06 -34.78
CA ASN A 1081 29.17 21.77 -35.60
C ASN A 1081 29.33 21.10 -36.95
N ASN A 1082 30.40 20.34 -37.11
CA ASN A 1082 30.61 19.55 -38.31
C ASN A 1082 29.58 18.42 -38.37
N VAL A 1083 29.22 18.04 -39.60
CA VAL A 1083 28.23 16.97 -39.77
C VAL A 1083 28.78 15.64 -39.25
N PHE A 1084 29.98 15.27 -39.68
CA PHE A 1084 30.55 13.98 -39.33
C PHE A 1084 31.81 14.15 -38.51
N ASP A 1085 32.05 13.18 -37.63
CA ASP A 1085 33.30 13.07 -36.88
C ASP A 1085 34.31 12.19 -37.58
N TRP A 1086 34.13 11.94 -38.88
CA TRP A 1086 35.03 11.12 -39.67
C TRP A 1086 34.92 11.57 -41.12
N GLU A 1087 35.91 11.16 -41.92
CA GLU A 1087 35.93 11.49 -43.34
C GLU A 1087 36.48 10.31 -44.13
N GLU A 1088 36.13 10.26 -45.41
CA GLU A 1088 36.52 9.16 -46.28
C GLU A 1088 37.60 9.67 -47.24
N VAL A 1089 38.85 9.33 -46.95
CA VAL A 1089 39.98 9.78 -47.74
C VAL A 1089 40.07 8.93 -49.01
N CYS A 1090 40.27 9.58 -50.15
CA CYS A 1090 40.50 8.90 -51.42
C CYS A 1090 42.01 8.86 -51.65
N LEU A 1091 42.57 7.65 -51.67
CA LEU A 1091 44.01 7.48 -51.55
C LEU A 1091 44.74 8.04 -52.75
N THR A 1092 44.44 7.55 -53.96
CA THR A 1092 45.09 8.06 -55.16
C THR A 1092 44.90 9.57 -55.29
N SER A 1093 43.71 10.05 -54.98
CA SER A 1093 43.41 11.49 -54.99
C SER A 1093 44.03 12.23 -53.80
N ALA A 1094 44.81 11.56 -52.95
CA ALA A 1094 45.54 12.22 -51.88
C ALA A 1094 47.05 12.09 -52.00
N TYR A 1095 47.55 11.00 -52.57
CA TYR A 1095 48.96 10.94 -52.95
C TYR A 1095 49.28 11.99 -54.01
N LYS A 1096 48.43 12.07 -55.03
CA LYS A 1096 48.52 13.16 -55.99
C LYS A 1096 48.48 14.51 -55.28
N GLU A 1097 47.59 14.65 -54.30
CA GLU A 1097 47.50 15.87 -53.51
C GLU A 1097 48.81 16.17 -52.81
N LEU A 1098 49.32 15.21 -52.02
CA LEU A 1098 50.56 15.42 -51.29
C LEU A 1098 51.73 15.68 -52.24
N PHE A 1099 51.79 14.95 -53.35
CA PHE A 1099 52.93 15.07 -54.25
C PHE A 1099 52.92 16.35 -55.06
N ASN A 1100 51.82 17.11 -55.00
CA ASN A 1100 51.78 18.44 -55.60
C ASN A 1100 52.16 19.52 -54.60
N LYS A 1101 51.87 19.34 -53.32
CA LYS A 1101 52.15 20.37 -52.32
C LYS A 1101 53.64 20.62 -52.19
N TYR A 1102 54.47 19.59 -52.35
CA TYR A 1102 55.92 19.73 -52.26
C TYR A 1102 56.59 19.65 -53.63
N GLY A 1103 55.85 19.95 -54.70
CA GLY A 1103 56.41 20.03 -56.04
C GLY A 1103 57.11 18.76 -56.47
N ILE A 1104 56.43 17.63 -56.36
CA ILE A 1104 56.98 16.33 -56.70
C ILE A 1104 56.38 15.87 -58.02
N ASN A 1105 57.22 15.36 -58.91
CA ASN A 1105 56.77 14.78 -60.18
C ASN A 1105 56.48 13.30 -59.92
N TYR A 1106 55.26 13.03 -59.43
CA TYR A 1106 54.90 11.64 -59.13
C TYR A 1106 54.84 10.82 -60.40
N GLN A 1107 54.57 11.46 -61.53
CA GLN A 1107 54.47 10.77 -62.80
C GLN A 1107 55.83 10.24 -63.24
N GLN A 1108 56.90 10.86 -62.74
CA GLN A 1108 58.26 10.65 -63.22
C GLN A 1108 58.75 9.32 -62.67
N GLY A 1109 58.40 8.26 -63.40
CA GLY A 1109 58.92 6.92 -63.15
C GLY A 1109 58.83 6.51 -61.70
N ASP A 1110 59.88 5.88 -61.22
CA ASP A 1110 59.99 5.52 -59.81
C ASP A 1110 60.17 6.79 -58.99
N ILE A 1111 59.51 6.84 -57.83
CA ILE A 1111 59.51 8.03 -56.99
C ILE A 1111 60.26 7.85 -55.69
N ARG A 1112 60.93 6.71 -55.50
CA ARG A 1112 61.57 6.43 -54.22
C ARG A 1112 62.68 7.44 -53.92
N ALA A 1113 63.57 7.65 -54.90
CA ALA A 1113 64.61 8.65 -54.72
C ALA A 1113 64.00 10.04 -54.62
N LEU A 1114 62.90 10.27 -55.34
CA LEU A 1114 62.30 11.60 -55.41
C LEU A 1114 61.69 12.01 -54.07
N LEU A 1115 60.93 11.12 -53.43
CA LEU A 1115 60.30 11.46 -52.15
C LEU A 1115 61.33 11.72 -51.06
N CYS A 1116 62.44 10.98 -51.07
CA CYS A 1116 63.45 11.18 -50.04
C CYS A 1116 64.18 12.51 -50.22
N GLU A 1117 64.07 13.12 -51.41
CA GLU A 1117 64.72 14.40 -51.67
C GLU A 1117 64.21 15.51 -50.76
N GLN A 1118 62.95 15.43 -50.34
CA GLN A 1118 62.35 16.48 -49.53
C GLN A 1118 63.07 16.62 -48.18
N SER A 1119 63.02 17.83 -47.62
CA SER A 1119 63.69 18.12 -46.36
C SER A 1119 62.74 18.66 -45.27
N ASP A 1120 61.43 18.60 -45.47
CA ASP A 1120 60.47 19.22 -44.57
C ASP A 1120 59.69 18.16 -43.79
N LYS A 1121 59.55 18.40 -42.49
CA LYS A 1121 58.85 17.46 -41.62
C LYS A 1121 57.39 17.27 -42.02
N ALA A 1122 56.73 18.35 -42.46
CA ALA A 1122 55.30 18.27 -42.76
C ALA A 1122 55.01 17.25 -43.85
N PHE A 1123 55.92 17.08 -44.81
CA PHE A 1123 55.75 16.07 -45.85
C PHE A 1123 55.79 14.67 -45.26
N TYR A 1124 56.78 14.38 -44.42
CA TYR A 1124 56.94 13.04 -43.86
C TYR A 1124 55.84 12.71 -42.85
N SER A 1125 55.49 13.66 -41.97
CA SER A 1125 54.45 13.40 -40.98
C SER A 1125 53.08 13.23 -41.61
N SER A 1126 52.85 13.82 -42.79
CA SER A 1126 51.59 13.65 -43.49
C SER A 1126 51.58 12.38 -44.34
N PHE A 1127 52.76 12.00 -44.85
CA PHE A 1127 52.87 10.77 -45.64
C PHE A 1127 52.43 9.55 -44.85
N MET A 1128 52.78 9.49 -43.57
CA MET A 1128 52.41 8.34 -42.74
C MET A 1128 50.89 8.17 -42.66
N ALA A 1129 50.14 9.27 -42.64
CA ALA A 1129 48.68 9.15 -42.62
C ALA A 1129 48.17 8.52 -43.92
N LEU A 1130 48.72 8.94 -45.06
CA LEU A 1130 48.42 8.26 -46.31
C LEU A 1130 48.90 6.82 -46.27
N MET A 1131 50.10 6.59 -45.73
CA MET A 1131 50.61 5.24 -45.57
C MET A 1131 49.73 4.42 -44.61
N SER A 1132 49.32 5.03 -43.50
CA SER A 1132 48.54 4.30 -42.49
C SER A 1132 47.21 3.84 -43.05
N LEU A 1133 46.55 4.69 -43.85
CA LEU A 1133 45.24 4.33 -44.38
C LEU A 1133 45.34 3.19 -45.39
N MET A 1134 46.40 3.14 -46.19
CA MET A 1134 46.53 2.05 -47.16
C MET A 1134 46.56 0.71 -46.46
N LEU A 1135 47.21 0.64 -45.30
CA LEU A 1135 47.25 -0.57 -44.50
C LEU A 1135 46.08 -0.68 -43.53
N GLN A 1136 45.23 0.35 -43.46
CA GLN A 1136 44.07 0.30 -42.57
C GLN A 1136 43.05 -0.58 -43.27
N MET A 1137 43.23 -1.89 -43.09
CA MET A 1137 42.38 -2.85 -43.76
C MET A 1137 40.95 -2.78 -43.24
N ARG A 1138 40.79 -2.67 -41.93
CA ARG A 1138 39.49 -2.67 -41.28
C ARG A 1138 39.07 -1.23 -41.02
N ASN A 1139 37.96 -0.81 -41.63
CA ASN A 1139 37.43 0.53 -41.48
C ASN A 1139 36.08 0.45 -40.78
N SER A 1140 36.01 0.96 -39.56
CA SER A 1140 34.81 0.95 -38.76
C SER A 1140 34.60 2.33 -38.16
N ILE A 1141 33.34 2.64 -37.83
CA ILE A 1141 32.99 3.87 -37.14
C ILE A 1141 32.03 3.53 -36.01
N THR A 1142 32.28 4.13 -34.83
CA THR A 1142 31.51 3.82 -33.63
C THR A 1142 30.04 4.17 -33.81
N GLY A 1143 29.16 3.24 -33.44
CA GLY A 1143 27.75 3.50 -33.33
C GLY A 1143 26.99 3.61 -34.64
N ARG A 1144 27.65 3.35 -35.76
CA ARG A 1144 27.08 3.59 -37.08
C ARG A 1144 26.81 2.25 -37.77
N THR A 1145 25.56 2.04 -38.18
CA THR A 1145 25.15 0.78 -38.78
C THR A 1145 25.88 0.51 -40.09
N ASP A 1146 26.16 1.57 -40.86
CA ASP A 1146 26.59 1.45 -42.24
C ASP A 1146 28.03 0.99 -42.38
N VAL A 1147 28.89 1.44 -41.48
CA VAL A 1147 30.32 1.37 -41.67
C VAL A 1147 30.89 0.30 -40.74
N ASP A 1148 31.39 -0.77 -41.36
CA ASP A 1148 32.33 -1.71 -40.78
C ASP A 1148 32.74 -2.63 -41.92
N PHE A 1149 33.74 -2.21 -42.69
CA PHE A 1149 34.11 -2.92 -43.90
C PHE A 1149 35.61 -3.15 -43.94
N LEU A 1150 35.98 -4.19 -44.66
CA LEU A 1150 37.36 -4.63 -44.85
C LEU A 1150 37.71 -4.43 -46.31
N ILE A 1151 38.74 -3.64 -46.58
CA ILE A 1151 39.22 -3.44 -47.95
C ILE A 1151 40.73 -3.66 -47.96
N SER A 1152 41.22 -4.34 -49.01
CA SER A 1152 42.58 -4.82 -49.15
C SER A 1152 43.36 -4.02 -50.19
N PRO A 1153 44.65 -3.80 -49.99
CA PRO A 1153 45.46 -3.08 -50.99
C PRO A 1153 46.27 -3.99 -51.90
N VAL A 1154 45.91 -5.27 -52.01
CA VAL A 1154 46.63 -6.23 -52.84
C VAL A 1154 45.67 -6.86 -53.84
N LYS A 1155 46.17 -7.10 -55.05
CA LYS A 1155 45.42 -7.81 -56.08
C LYS A 1155 45.66 -9.31 -55.97
N ASN A 1156 44.58 -10.08 -56.09
CA ASN A 1156 44.64 -11.53 -55.95
C ASN A 1156 45.11 -12.18 -57.25
N SER A 1157 44.93 -13.50 -57.37
CA SER A 1157 45.39 -14.21 -58.55
C SER A 1157 44.70 -13.74 -59.82
N ASP A 1158 43.53 -13.13 -59.72
CA ASP A 1158 42.84 -12.55 -60.86
C ASP A 1158 42.93 -11.03 -60.90
N GLY A 1159 43.81 -10.43 -60.09
CA GLY A 1159 44.03 -8.99 -60.13
C GLY A 1159 42.84 -8.15 -59.73
N ILE A 1160 42.15 -8.51 -58.65
CA ILE A 1160 41.06 -7.72 -58.11
C ILE A 1160 41.21 -7.64 -56.60
N PHE A 1161 40.93 -6.46 -56.06
CA PHE A 1161 41.06 -6.22 -54.63
C PHE A 1161 39.84 -6.77 -53.90
N TYR A 1162 40.05 -7.13 -52.63
CA TYR A 1162 38.97 -7.60 -51.77
C TYR A 1162 38.30 -6.40 -51.11
N ASP A 1163 37.04 -6.14 -51.50
CA ASP A 1163 36.18 -5.19 -50.81
C ASP A 1163 35.01 -5.97 -50.21
N SER A 1164 34.97 -6.04 -48.87
CA SER A 1164 33.90 -6.75 -48.19
C SER A 1164 32.53 -6.23 -48.62
N ARG A 1165 32.44 -4.95 -48.98
CA ARG A 1165 31.19 -4.38 -49.43
C ARG A 1165 30.69 -5.05 -50.70
N ASN A 1166 31.60 -5.47 -51.58
CA ASN A 1166 31.16 -6.21 -52.78
C ASN A 1166 30.55 -7.57 -52.45
N TYR A 1167 30.41 -7.90 -51.17
CA TYR A 1167 29.85 -9.16 -50.72
C TYR A 1167 28.64 -8.99 -49.80
N GLU A 1168 28.65 -7.96 -48.93
CA GLU A 1168 27.55 -7.76 -47.99
C GLU A 1168 26.22 -7.64 -48.70
N ALA A 1169 26.21 -7.26 -49.98
CA ALA A 1169 24.98 -7.26 -50.74
C ALA A 1169 24.52 -8.68 -51.07
N GLN A 1170 25.47 -9.55 -51.42
CA GLN A 1170 25.13 -10.91 -51.85
C GLN A 1170 24.42 -11.67 -50.72
N GLU A 1171 23.47 -12.51 -51.12
CA GLU A 1171 22.84 -13.43 -50.17
C GLU A 1171 23.77 -14.59 -49.84
N ASN A 1172 24.13 -15.37 -50.86
CA ASN A 1172 25.05 -16.49 -50.71
C ASN A 1172 26.41 -16.05 -51.22
N ALA A 1173 27.16 -15.39 -50.35
CA ALA A 1173 28.52 -14.98 -50.69
C ALA A 1173 29.49 -16.14 -50.44
N ILE A 1174 30.65 -16.07 -51.09
CA ILE A 1174 31.68 -17.08 -50.94
C ILE A 1174 32.86 -16.57 -50.13
N LEU A 1175 32.84 -15.31 -49.73
CA LEU A 1175 33.87 -14.71 -48.89
C LEU A 1175 33.18 -13.89 -47.80
N PRO A 1176 33.88 -13.49 -46.75
CA PRO A 1176 33.25 -12.69 -45.69
C PRO A 1176 32.56 -11.45 -46.25
N LYS A 1177 31.41 -11.13 -45.64
CA LYS A 1177 30.68 -9.91 -46.00
C LYS A 1177 31.18 -8.68 -45.26
N ASN A 1178 31.79 -8.85 -44.10
CA ASN A 1178 32.17 -7.72 -43.26
C ASN A 1178 33.33 -8.12 -42.37
N ALA A 1179 33.91 -7.13 -41.70
CA ALA A 1179 35.04 -7.37 -40.80
C ALA A 1179 34.68 -8.31 -39.66
N ASP A 1180 33.40 -8.36 -39.29
CA ASP A 1180 32.97 -9.29 -38.24
C ASP A 1180 32.96 -10.72 -38.75
N ALA A 1181 32.25 -10.97 -39.85
CA ALA A 1181 32.26 -12.31 -40.44
C ALA A 1181 33.65 -12.73 -40.87
N ASN A 1182 34.51 -11.77 -41.25
CA ASN A 1182 35.89 -12.12 -41.56
C ASN A 1182 36.60 -12.72 -40.35
N GLY A 1183 36.29 -12.20 -39.16
CA GLY A 1183 36.82 -12.76 -37.93
C GLY A 1183 36.42 -14.20 -37.74
N ALA A 1184 35.11 -14.46 -37.68
CA ALA A 1184 34.62 -15.81 -37.48
C ALA A 1184 35.11 -16.76 -38.57
N TYR A 1185 35.17 -16.28 -39.82
CA TYR A 1185 35.66 -17.12 -40.91
C TYR A 1185 37.09 -17.59 -40.62
N ASN A 1186 37.95 -16.67 -40.19
CA ASN A 1186 39.34 -17.03 -39.92
C ASN A 1186 39.45 -17.84 -38.63
N ILE A 1187 38.62 -17.51 -37.62
CA ILE A 1187 38.52 -18.32 -36.42
C ILE A 1187 38.23 -19.77 -36.77
N ALA A 1188 37.37 -19.99 -37.76
CA ALA A 1188 37.10 -21.35 -38.22
C ALA A 1188 38.32 -21.93 -38.94
N ARG A 1189 38.94 -21.14 -39.82
CA ARG A 1189 40.10 -21.63 -40.56
C ARG A 1189 41.28 -21.91 -39.64
N LYS A 1190 41.44 -21.12 -38.56
CA LYS A 1190 42.49 -21.42 -37.59
C LYS A 1190 42.37 -22.84 -37.10
N VAL A 1191 41.12 -23.31 -36.92
CA VAL A 1191 40.87 -24.68 -36.50
C VAL A 1191 41.08 -25.64 -37.66
N LEU A 1192 40.69 -25.23 -38.88
CA LEU A 1192 40.91 -26.09 -40.04
C LEU A 1192 42.39 -26.38 -40.23
N TRP A 1193 43.25 -25.41 -39.91
CA TRP A 1193 44.68 -25.68 -39.84
C TRP A 1193 44.98 -26.73 -38.78
N ALA A 1194 44.31 -26.64 -37.62
CA ALA A 1194 44.52 -27.61 -36.56
C ALA A 1194 44.05 -29.00 -36.98
N ILE A 1195 42.96 -29.08 -37.75
CA ILE A 1195 42.55 -30.37 -38.30
C ILE A 1195 43.61 -30.91 -39.24
N GLY A 1196 44.26 -30.02 -40.01
CA GLY A 1196 45.32 -30.44 -40.89
C GLY A 1196 46.51 -31.03 -40.14
N GLN A 1197 46.79 -30.50 -38.95
CA GLN A 1197 47.85 -31.08 -38.13
C GLN A 1197 47.48 -32.47 -37.66
N PHE A 1198 46.20 -32.68 -37.34
CA PHE A 1198 45.72 -33.98 -36.90
C PHE A 1198 45.82 -35.04 -38.00
N LYS A 1199 45.68 -34.63 -39.26
CA LYS A 1199 45.71 -35.57 -40.37
C LYS A 1199 47.07 -36.26 -40.53
N LYS A 1200 48.14 -35.62 -40.06
CA LYS A 1200 49.48 -36.19 -40.21
C LYS A 1200 49.81 -37.20 -39.11
N ALA A 1201 49.47 -36.89 -37.86
CA ALA A 1201 49.99 -37.62 -36.71
C ALA A 1201 49.29 -38.97 -36.54
N GLU A 1202 49.74 -39.74 -35.55
CA GLU A 1202 49.28 -41.10 -35.33
C GLU A 1202 48.54 -41.21 -33.99
N ASP A 1203 47.63 -42.19 -33.92
CA ASP A 1203 46.59 -42.18 -32.89
C ASP A 1203 47.17 -42.20 -31.47
N GLU A 1204 48.33 -42.81 -31.25
CA GLU A 1204 48.96 -42.70 -29.94
C GLU A 1204 49.38 -41.27 -29.65
N LYS A 1205 49.83 -40.54 -30.67
CA LYS A 1205 50.44 -39.23 -30.49
C LYS A 1205 49.56 -38.00 -30.78
N LEU A 1206 48.24 -38.14 -31.00
CA LEU A 1206 47.46 -36.90 -31.16
C LEU A 1206 47.44 -36.04 -29.90
N ASP A 1207 47.61 -36.62 -28.72
CA ASP A 1207 47.69 -35.76 -27.55
C ASP A 1207 48.90 -34.84 -27.68
N LYS A 1208 49.96 -35.31 -28.33
CA LYS A 1208 51.15 -34.48 -28.47
C LYS A 1208 50.98 -33.41 -29.55
N VAL A 1209 49.95 -33.52 -30.39
CA VAL A 1209 49.66 -32.43 -31.31
C VAL A 1209 49.19 -31.22 -30.52
N LYS A 1210 49.69 -30.05 -30.88
CA LYS A 1210 49.33 -28.78 -30.24
C LYS A 1210 48.40 -28.01 -31.16
N ILE A 1211 47.19 -27.71 -30.68
CA ILE A 1211 46.25 -26.96 -31.50
C ILE A 1211 46.56 -25.47 -31.52
N ALA A 1212 47.27 -24.98 -30.51
CA ALA A 1212 47.61 -23.58 -30.47
C ALA A 1212 48.47 -23.20 -31.67
N ILE A 1213 47.91 -22.37 -32.55
CA ILE A 1213 48.60 -21.99 -33.77
C ILE A 1213 49.75 -21.04 -33.42
N SER A 1214 50.87 -21.21 -34.12
CA SER A 1214 51.90 -20.19 -34.12
C SER A 1214 51.54 -19.11 -35.13
N ASN A 1215 51.86 -17.87 -34.79
CA ASN A 1215 51.58 -16.77 -35.70
C ASN A 1215 52.26 -16.96 -37.05
N LYS A 1216 53.41 -17.64 -37.07
CA LYS A 1216 54.13 -17.81 -38.33
C LYS A 1216 53.53 -18.93 -39.20
N GLU A 1217 52.98 -19.99 -38.60
CA GLU A 1217 52.35 -21.03 -39.41
C GLU A 1217 51.05 -20.55 -40.04
N TRP A 1218 50.33 -19.64 -39.36
CA TRP A 1218 49.02 -19.25 -39.85
C TRP A 1218 49.10 -18.41 -41.12
N LEU A 1219 50.09 -17.51 -41.20
CA LEU A 1219 50.22 -16.69 -42.41
C LEU A 1219 50.57 -17.54 -43.62
N GLU A 1220 51.47 -18.50 -43.46
CA GLU A 1220 51.81 -19.39 -44.56
C GLU A 1220 50.60 -20.19 -45.02
N TYR A 1221 49.58 -20.34 -44.17
CA TYR A 1221 48.38 -21.09 -44.49
C TYR A 1221 47.29 -20.23 -45.12
N ALA A 1222 47.14 -18.98 -44.66
CA ALA A 1222 46.16 -18.08 -45.25
C ALA A 1222 46.53 -17.63 -46.65
N GLN A 1223 47.82 -17.66 -46.99
CA GLN A 1223 48.28 -17.25 -48.31
C GLN A 1223 48.41 -18.40 -49.29
N THR A 1224 48.53 -19.64 -48.79
CA THR A 1224 48.56 -20.81 -49.64
C THR A 1224 47.17 -21.35 -49.94
N SER A 1225 46.20 -21.09 -49.07
CA SER A 1225 44.84 -21.60 -49.25
C SER A 1225 44.15 -20.98 -50.46
N VAL A 1226 44.76 -19.99 -51.10
CA VAL A 1226 44.19 -19.34 -52.27
C VAL A 1226 45.29 -18.99 -53.27
N MET E 1 -34.07 -13.07 -9.39
CA MET E 1 -34.29 -14.48 -9.08
C MET E 1 -33.06 -15.08 -8.37
N SER E 2 -31.97 -15.26 -9.12
CA SER E 2 -30.90 -16.17 -8.68
C SER E 2 -30.27 -15.70 -7.37
N LYS E 3 -29.90 -14.42 -7.29
CA LYS E 3 -29.10 -13.95 -6.16
C LYS E 3 -29.90 -13.96 -4.85
N LEU E 4 -31.15 -13.49 -4.88
CA LEU E 4 -31.90 -13.33 -3.63
C LEU E 4 -32.22 -14.66 -2.97
N GLU E 5 -32.60 -15.68 -3.75
CA GLU E 5 -33.12 -16.91 -3.16
C GLU E 5 -32.12 -17.53 -2.19
N LYS E 6 -30.83 -17.27 -2.38
CA LYS E 6 -29.80 -17.84 -1.51
C LYS E 6 -29.89 -17.28 -0.10
N PHE E 7 -30.35 -16.02 0.04
CA PHE E 7 -30.41 -15.34 1.34
C PHE E 7 -31.77 -15.57 2.00
N THR E 8 -31.93 -16.73 2.60
CA THR E 8 -33.05 -16.99 3.51
C THR E 8 -32.54 -17.66 4.77
N ASN E 9 -33.25 -17.42 5.88
CA ASN E 9 -33.01 -18.12 7.14
C ASN E 9 -31.55 -17.95 7.61
N CYS E 10 -31.03 -16.73 7.51
CA CYS E 10 -29.62 -16.48 7.75
C CYS E 10 -29.28 -16.19 9.21
N TYR E 11 -30.07 -15.37 9.91
CA TYR E 11 -29.77 -15.07 11.30
C TYR E 11 -31.05 -14.77 12.06
N SER E 12 -30.89 -14.63 13.37
CA SER E 12 -32.01 -14.54 14.31
C SER E 12 -32.17 -13.11 14.78
N LEU E 13 -33.36 -12.55 14.57
CA LEU E 13 -33.69 -11.22 15.07
C LEU E 13 -35.10 -11.24 15.65
N SER E 14 -35.35 -10.30 16.55
CA SER E 14 -36.65 -10.15 17.19
C SER E 14 -37.33 -8.86 16.75
N LYS E 15 -38.65 -8.91 16.67
CA LYS E 15 -39.50 -7.76 16.45
C LYS E 15 -40.64 -7.79 17.45
N THR E 16 -41.44 -6.73 17.48
CA THR E 16 -42.57 -6.63 18.38
C THR E 16 -43.81 -6.23 17.61
N LEU E 17 -44.89 -7.00 17.79
CA LEU E 17 -46.19 -6.68 17.22
C LEU E 17 -47.05 -6.00 18.28
N ARG E 18 -47.84 -5.02 17.85
CA ARG E 18 -48.68 -4.25 18.74
C ARG E 18 -50.14 -4.42 18.34
N PHE E 19 -51.02 -4.41 19.34
CA PHE E 19 -52.42 -4.74 19.09
C PHE E 19 -53.31 -4.03 20.10
N LYS E 20 -54.35 -3.38 19.61
CA LYS E 20 -55.42 -2.91 20.47
C LYS E 20 -56.13 -4.08 21.13
N ALA E 21 -56.21 -4.05 22.45
CA ALA E 21 -56.95 -5.06 23.20
C ALA E 21 -58.32 -4.50 23.55
N ILE E 22 -59.36 -5.34 23.36
CA ILE E 22 -60.73 -4.92 23.50
C ILE E 22 -61.38 -5.83 24.56
N PRO E 23 -61.98 -5.26 25.61
CA PRO E 23 -62.54 -6.11 26.67
C PRO E 23 -63.76 -6.86 26.19
N VAL E 24 -63.87 -8.11 26.61
CA VAL E 24 -64.93 -9.02 26.17
C VAL E 24 -65.99 -9.12 27.25
N GLY E 25 -67.24 -8.91 26.86
CA GLY E 25 -68.35 -9.09 27.78
C GLY E 25 -68.24 -8.19 29.00
N LYS E 26 -68.39 -8.80 30.17
CA LYS E 26 -68.38 -8.09 31.45
C LYS E 26 -66.98 -7.82 31.98
N THR E 27 -65.95 -8.05 31.16
CA THR E 27 -64.57 -7.95 31.64
C THR E 27 -64.27 -6.57 32.20
N GLN E 28 -64.60 -5.52 31.45
CA GLN E 28 -64.27 -4.17 31.89
C GLN E 28 -65.04 -3.79 33.15
N GLU E 29 -66.31 -4.24 33.26
CA GLU E 29 -67.10 -3.95 34.44
C GLU E 29 -66.40 -4.42 35.71
N ASN E 30 -66.01 -5.69 35.74
CA ASN E 30 -65.31 -6.21 36.92
C ASN E 30 -63.95 -5.57 37.09
N ILE E 31 -63.33 -5.09 36.01
CA ILE E 31 -62.05 -4.40 36.13
C ILE E 31 -62.24 -3.05 36.83
N ASP E 32 -63.26 -2.30 36.43
CA ASP E 32 -63.54 -1.03 37.08
C ASP E 32 -63.99 -1.22 38.53
N ASN E 33 -64.89 -2.19 38.76
CA ASN E 33 -65.42 -2.41 40.09
C ASN E 33 -64.35 -2.87 41.08
N LYS E 34 -63.27 -3.48 40.59
CA LYS E 34 -62.17 -3.92 41.45
C LYS E 34 -61.02 -2.93 41.52
N ARG E 35 -61.17 -1.75 40.90
CA ARG E 35 -60.19 -0.66 41.00
C ARG E 35 -58.79 -1.08 40.56
N LEU E 36 -58.69 -2.02 39.62
CA LEU E 36 -57.38 -2.55 39.26
C LEU E 36 -56.56 -1.53 38.47
N LEU E 37 -57.21 -0.77 37.58
CA LEU E 37 -56.48 0.18 36.75
C LEU E 37 -55.90 1.31 37.58
N VAL E 38 -56.65 1.79 38.58
CA VAL E 38 -56.16 2.89 39.41
C VAL E 38 -54.98 2.45 40.26
N GLU E 39 -54.93 1.18 40.65
CA GLU E 39 -53.78 0.70 41.41
C GLU E 39 -52.54 0.63 40.54
N ASP E 40 -52.69 0.22 39.28
CA ASP E 40 -51.57 0.21 38.35
C ASP E 40 -51.20 1.63 37.93
N GLU E 41 -52.20 2.50 37.74
CA GLU E 41 -51.93 3.90 37.44
C GLU E 41 -51.17 4.55 38.59
N LYS E 42 -51.62 4.34 39.82
CA LYS E 42 -50.91 4.85 40.99
C LYS E 42 -49.55 4.21 41.14
N ARG E 43 -49.41 2.95 40.71
CA ARG E 43 -48.13 2.26 40.84
C ARG E 43 -47.11 2.81 39.84
N ALA E 44 -47.53 3.01 38.59
CA ALA E 44 -46.61 3.47 37.56
C ALA E 44 -46.09 4.87 37.84
N GLU E 45 -46.79 5.65 38.67
CA GLU E 45 -46.23 6.90 39.15
C GLU E 45 -45.28 6.65 40.33
N ASP E 46 -45.68 5.80 41.27
CA ASP E 46 -44.79 5.44 42.37
C ASP E 46 -43.56 4.68 41.87
N TYR E 47 -43.71 3.90 40.81
CA TYR E 47 -42.56 3.17 40.27
C TYR E 47 -41.52 4.10 39.68
N LYS E 48 -41.95 5.23 39.10
CA LYS E 48 -40.99 6.24 38.69
C LYS E 48 -40.36 6.96 39.88
N GLY E 49 -41.04 6.98 41.02
CA GLY E 49 -40.51 7.65 42.19
C GLY E 49 -39.45 6.84 42.91
N VAL E 50 -39.75 5.57 43.18
CA VAL E 50 -38.77 4.69 43.82
C VAL E 50 -37.52 4.58 42.98
N LYS E 51 -37.65 4.64 41.65
CA LYS E 51 -36.48 4.58 40.79
C LYS E 51 -35.59 5.80 40.98
N LYS E 52 -36.20 6.97 41.21
CA LYS E 52 -35.42 8.18 41.46
C LYS E 52 -34.57 8.04 42.72
N LEU E 53 -35.18 7.58 43.82
CA LEU E 53 -34.43 7.35 45.05
C LEU E 53 -33.37 6.28 44.86
N LEU E 54 -33.67 5.25 44.05
CA LEU E 54 -32.67 4.23 43.76
C LEU E 54 -31.46 4.83 43.05
N ASP E 55 -31.71 5.77 42.12
CA ASP E 55 -30.61 6.49 41.48
C ASP E 55 -29.82 7.30 42.50
N ARG E 56 -30.51 7.85 43.50
CA ARG E 56 -29.82 8.58 44.56
C ARG E 56 -28.81 7.70 45.28
N TYR E 57 -29.17 6.44 45.54
CA TYR E 57 -28.22 5.54 46.21
C TYR E 57 -27.12 5.11 45.26
N TYR E 58 -27.46 4.79 44.02
CA TYR E 58 -26.44 4.39 43.06
C TYR E 58 -25.41 5.49 42.88
N LEU E 59 -25.85 6.72 42.62
CA LEU E 59 -24.92 7.84 42.48
C LEU E 59 -24.06 7.99 43.72
N SER E 60 -24.62 7.72 44.90
CA SER E 60 -23.83 7.74 46.13
C SER E 60 -22.81 6.61 46.13
N PHE E 61 -23.24 5.39 45.84
CA PHE E 61 -22.31 4.27 45.70
C PHE E 61 -21.33 4.51 44.56
N ILE E 62 -21.81 5.15 43.49
CA ILE E 62 -20.95 5.47 42.34
C ILE E 62 -19.79 6.37 42.78
N ASN E 63 -20.11 7.41 43.55
CA ASN E 63 -19.11 8.43 43.89
C ASN E 63 -18.18 7.99 45.02
N ASP E 64 -18.57 7.00 45.83
CA ASP E 64 -17.67 6.52 46.87
C ASP E 64 -16.37 5.97 46.29
N VAL E 65 -16.44 5.36 45.11
CA VAL E 65 -15.25 4.85 44.45
C VAL E 65 -14.60 5.91 43.57
N LEU E 66 -15.41 6.70 42.85
CA LEU E 66 -14.85 7.63 41.88
C LEU E 66 -14.10 8.77 42.56
N HIS E 67 -14.47 9.11 43.80
CA HIS E 67 -13.67 10.06 44.56
C HIS E 67 -12.30 9.46 44.91
N SER E 68 -12.28 8.18 45.27
CA SER E 68 -11.10 7.54 45.86
C SER E 68 -10.32 6.71 44.86
N ILE E 69 -10.81 6.60 43.63
CA ILE E 69 -10.12 5.84 42.59
C ILE E 69 -8.80 6.51 42.24
N LYS E 70 -7.74 5.71 42.12
CA LYS E 70 -6.48 6.14 41.53
C LYS E 70 -6.12 5.20 40.39
N LEU E 71 -5.78 5.78 39.24
CA LEU E 71 -5.49 5.00 38.03
C LEU E 71 -3.99 4.73 37.96
N LYS E 72 -3.64 3.44 37.95
CA LYS E 72 -2.25 3.05 37.82
C LYS E 72 -1.72 3.38 36.44
N ASN E 73 -0.50 3.92 36.39
CA ASN E 73 0.27 4.14 35.16
C ASN E 73 -0.56 4.81 34.07
N LEU E 74 -1.21 5.92 34.42
CA LEU E 74 -1.97 6.68 33.44
C LEU E 74 -1.09 7.24 32.34
N ASN E 75 0.15 7.61 32.67
CA ASN E 75 1.07 8.15 31.66
C ASN E 75 1.30 7.16 30.53
N ASN E 76 1.44 5.88 30.88
CA ASN E 76 1.78 4.86 29.88
C ASN E 76 0.70 4.74 28.80
N TYR E 77 -0.57 4.80 29.19
CA TYR E 77 -1.63 4.87 28.20
C TYR E 77 -1.47 6.13 27.35
N ILE E 78 -1.18 7.26 27.99
CA ILE E 78 -1.01 8.52 27.26
C ILE E 78 0.18 8.44 26.32
N SER E 79 1.27 7.78 26.75
CA SER E 79 2.48 7.69 25.94
C SER E 79 2.24 6.94 24.63
N LEU E 80 1.69 5.73 24.71
CA LEU E 80 1.41 4.98 23.48
C LEU E 80 0.32 5.63 22.66
N PHE E 81 -0.59 6.37 23.32
CA PHE E 81 -1.72 6.98 22.62
C PHE E 81 -1.27 8.07 21.64
N ARG E 82 -0.22 8.80 21.97
CA ARG E 82 0.21 9.93 21.17
C ARG E 82 1.40 9.58 20.27
N LYS E 83 1.75 8.31 20.18
CA LYS E 83 2.81 7.87 19.28
C LYS E 83 2.40 8.03 17.83
N LYS E 84 3.23 8.73 17.05
CA LYS E 84 2.97 8.90 15.63
C LYS E 84 3.22 7.62 14.84
N THR E 85 4.02 6.68 15.37
CA THR E 85 4.37 5.46 14.65
C THR E 85 4.23 4.26 15.59
N ARG E 86 3.07 3.61 15.52
CA ARG E 86 2.80 2.35 16.20
C ARG E 86 2.69 1.22 15.21
N THR E 87 3.23 0.05 15.56
CA THR E 87 3.14 -1.15 14.75
C THR E 87 1.91 -1.96 15.12
N GLU E 88 1.62 -2.96 14.28
CA GLU E 88 0.52 -3.89 14.56
C GLU E 88 0.72 -4.61 15.88
N LYS E 89 1.95 -4.58 16.42
CA LYS E 89 2.25 -5.09 17.74
C LYS E 89 1.87 -4.11 18.83
N GLU E 90 2.23 -2.83 18.66
CA GLU E 90 1.87 -1.80 19.64
C GLU E 90 0.39 -1.40 19.58
N ASN E 91 -0.23 -1.45 18.41
CA ASN E 91 -1.65 -1.16 18.34
C ASN E 91 -2.45 -2.13 19.21
N LYS E 92 -2.06 -3.40 19.22
CA LYS E 92 -2.66 -4.35 20.14
C LYS E 92 -2.22 -4.10 21.58
N GLU E 93 -1.08 -3.43 21.77
CA GLU E 93 -0.57 -3.20 23.11
C GLU E 93 -1.39 -2.13 23.84
N LEU E 94 -1.72 -1.04 23.16
CA LEU E 94 -2.53 0.01 23.78
C LEU E 94 -3.92 -0.50 24.11
N GLU E 95 -4.48 -1.38 23.26
CA GLU E 95 -5.80 -1.93 23.54
C GLU E 95 -5.83 -2.65 24.88
N ASN E 96 -4.87 -3.57 25.08
CA ASN E 96 -4.81 -4.30 26.34
C ASN E 96 -4.60 -3.36 27.51
N LEU E 97 -3.91 -2.24 27.27
CA LEU E 97 -3.84 -1.18 28.27
C LEU E 97 -5.22 -0.56 28.49
N GLU E 98 -5.95 -0.27 27.41
CA GLU E 98 -7.28 0.31 27.54
C GLU E 98 -8.24 -0.64 28.24
N ILE E 99 -8.09 -1.95 28.01
CA ILE E 99 -8.95 -2.92 28.67
C ILE E 99 -8.67 -2.96 30.16
N ASN E 100 -7.40 -2.86 30.55
CA ASN E 100 -7.05 -2.91 31.97
C ASN E 100 -7.44 -1.64 32.69
N LEU E 101 -7.43 -0.50 31.99
CA LEU E 101 -7.87 0.75 32.60
C LEU E 101 -9.35 0.70 32.97
N ARG E 102 -10.19 0.16 32.08
CA ARG E 102 -11.60 -0.03 32.42
C ARG E 102 -11.77 -1.07 33.53
N LYS E 103 -10.97 -2.13 33.50
CA LYS E 103 -11.04 -3.15 34.54
C LYS E 103 -10.67 -2.58 35.91
N GLU E 104 -9.67 -1.68 35.94
CA GLU E 104 -9.28 -1.05 37.18
C GLU E 104 -10.44 -0.27 37.80
N ILE E 105 -11.22 0.41 36.97
CA ILE E 105 -12.42 1.10 37.47
C ILE E 105 -13.50 0.09 37.82
N ALA E 106 -13.74 -0.88 36.93
CA ALA E 106 -14.88 -1.78 37.09
C ALA E 106 -14.74 -2.64 38.33
N LYS E 107 -13.55 -3.20 38.57
CA LYS E 107 -13.36 -4.06 39.74
C LYS E 107 -13.47 -3.27 41.03
N ALA E 108 -13.15 -1.98 41.00
CA ALA E 108 -13.24 -1.15 42.20
C ALA E 108 -14.69 -1.01 42.66
N PHE E 109 -15.65 -1.00 41.74
CA PHE E 109 -17.06 -1.10 42.12
C PHE E 109 -17.39 -2.49 42.64
N LYS E 110 -17.07 -3.53 41.85
CA LYS E 110 -17.38 -4.89 42.25
C LYS E 110 -16.68 -5.27 43.55
N GLY E 111 -15.47 -4.74 43.79
CA GLY E 111 -14.71 -5.05 44.98
C GLY E 111 -15.43 -4.82 46.29
N ASN E 112 -16.43 -3.94 46.30
CA ASN E 112 -17.23 -3.74 47.50
C ASN E 112 -18.06 -4.98 47.82
N GLU E 113 -18.16 -5.31 49.11
CA GLU E 113 -18.94 -6.46 49.53
C GLU E 113 -20.44 -6.23 49.38
N GLY E 114 -20.87 -4.97 49.27
CA GLY E 114 -22.25 -4.62 49.02
C GLY E 114 -22.61 -4.51 47.56
N TYR E 115 -21.73 -4.91 46.66
CA TYR E 115 -22.00 -4.79 45.23
C TYR E 115 -23.18 -5.67 44.81
N LYS E 116 -23.12 -6.96 45.13
CA LYS E 116 -24.11 -7.90 44.60
C LYS E 116 -25.52 -7.61 45.11
N SER E 117 -25.65 -7.02 46.29
CA SER E 117 -26.97 -6.75 46.86
C SER E 117 -27.57 -5.44 46.37
N LEU E 118 -26.95 -4.80 45.38
CA LEU E 118 -27.56 -3.64 44.74
C LEU E 118 -28.64 -4.03 43.75
N PHE E 119 -28.67 -5.29 43.31
CA PHE E 119 -29.58 -5.73 42.26
C PHE E 119 -30.40 -6.93 42.68
N LYS E 120 -30.55 -7.14 43.98
CA LYS E 120 -31.44 -8.16 44.54
C LYS E 120 -32.52 -7.46 45.36
N LYS E 121 -33.45 -8.26 45.90
CA LYS E 121 -34.55 -7.71 46.69
C LYS E 121 -34.07 -7.01 47.96
N ASP E 122 -32.81 -7.24 48.36
CA ASP E 122 -32.30 -6.62 49.57
C ASP E 122 -32.26 -5.10 49.47
N ILE E 123 -32.03 -4.57 48.27
CA ILE E 123 -31.91 -3.13 48.11
C ILE E 123 -33.22 -2.40 48.39
N ILE E 124 -34.36 -3.10 48.32
CA ILE E 124 -35.66 -2.47 48.52
C ILE E 124 -36.18 -2.79 49.92
N GLU E 125 -35.87 -3.99 50.40
CA GLU E 125 -36.31 -4.38 51.74
C GLU E 125 -35.34 -3.97 52.82
N THR E 126 -34.06 -3.77 52.49
CA THR E 126 -33.05 -3.64 53.53
C THR E 126 -32.25 -2.35 53.41
N ILE E 127 -31.46 -2.23 52.32
CA ILE E 127 -30.44 -1.18 52.26
C ILE E 127 -31.08 0.20 52.15
N LEU E 128 -31.93 0.42 51.14
CA LEU E 128 -32.57 1.72 50.98
C LEU E 128 -33.41 2.13 52.18
N PRO E 129 -34.09 1.23 52.91
CA PRO E 129 -34.72 1.65 54.17
C PRO E 129 -33.77 2.31 55.17
N GLU E 130 -32.47 2.07 55.11
CA GLU E 130 -31.55 2.76 56.01
C GLU E 130 -31.06 4.09 55.44
N PHE E 131 -30.61 4.07 54.17
CA PHE E 131 -30.04 5.27 53.56
C PHE E 131 -31.03 6.43 53.59
N LEU E 132 -32.29 6.16 53.26
CA LEU E 132 -33.29 7.21 53.20
C LEU E 132 -33.54 7.79 54.59
N ASP E 133 -33.83 9.10 54.62
CA ASP E 133 -34.10 9.80 55.86
C ASP E 133 -35.49 10.42 55.91
N ASP E 134 -36.18 10.50 54.78
CA ASP E 134 -37.54 11.02 54.75
C ASP E 134 -38.51 9.96 55.24
N LYS E 135 -39.50 10.38 56.02
CA LYS E 135 -40.53 9.47 56.50
C LYS E 135 -41.46 9.04 55.37
N ASP E 136 -41.62 9.88 54.34
CA ASP E 136 -42.45 9.51 53.19
C ASP E 136 -41.69 8.63 52.21
N GLU E 137 -40.43 8.98 51.92
CA GLU E 137 -39.62 8.14 51.03
C GLU E 137 -39.44 6.74 51.61
N ILE E 138 -39.53 6.59 52.92
CA ILE E 138 -39.45 5.26 53.50
C ILE E 138 -40.75 4.50 53.24
N ALA E 139 -41.87 5.20 53.07
CA ALA E 139 -43.16 4.55 52.91
C ALA E 139 -43.42 4.13 51.47
N LEU E 140 -42.86 4.85 50.49
CA LEU E 140 -43.06 4.50 49.10
C LEU E 140 -42.23 3.29 48.68
N VAL E 141 -41.21 2.95 49.45
CA VAL E 141 -40.44 1.74 49.16
C VAL E 141 -41.09 0.49 49.80
N ASN E 142 -41.84 0.66 50.89
CA ASN E 142 -42.48 -0.49 51.53
C ASN E 142 -43.66 -1.02 50.71
N SER E 143 -44.41 -0.14 50.04
CA SER E 143 -45.50 -0.61 49.20
C SER E 143 -45.00 -1.55 48.12
N PHE E 144 -43.72 -1.47 47.78
CA PHE E 144 -43.12 -2.30 46.75
C PHE E 144 -42.47 -3.56 47.31
N ASN E 145 -42.79 -3.92 48.56
CA ASN E 145 -42.20 -5.12 49.15
C ASN E 145 -42.55 -6.36 48.36
N GLY E 146 -43.77 -6.40 47.82
CA GLY E 146 -44.18 -7.51 46.98
C GLY E 146 -43.44 -7.59 45.65
N PHE E 147 -43.09 -6.43 45.08
CA PHE E 147 -42.92 -6.30 43.63
C PHE E 147 -41.47 -6.26 43.16
N THR E 148 -40.51 -6.81 43.92
CA THR E 148 -39.10 -6.55 43.56
C THR E 148 -38.73 -7.09 42.18
N THR E 149 -39.43 -8.11 41.68
CA THR E 149 -39.09 -8.62 40.35
C THR E 149 -39.54 -7.69 39.24
N ALA E 150 -40.49 -6.79 39.52
CA ALA E 150 -40.84 -5.75 38.57
C ALA E 150 -39.69 -4.79 38.30
N PHE E 151 -38.62 -4.84 39.11
CA PHE E 151 -37.42 -4.03 38.91
C PHE E 151 -36.31 -4.75 38.17
N THR E 152 -36.50 -6.03 37.83
CA THR E 152 -35.41 -6.81 37.25
C THR E 152 -34.89 -6.14 35.99
N GLY E 153 -35.78 -5.72 35.10
CA GLY E 153 -35.36 -4.98 33.93
C GLY E 153 -34.74 -3.63 34.26
N PHE E 154 -35.06 -3.07 35.43
CA PHE E 154 -34.42 -1.82 35.86
C PHE E 154 -33.07 -2.09 36.48
N PHE E 155 -32.88 -3.26 37.10
CA PHE E 155 -31.57 -3.63 37.62
C PHE E 155 -30.60 -3.94 36.48
N ASP E 156 -31.10 -4.50 35.38
CA ASP E 156 -30.25 -4.74 34.21
C ASP E 156 -29.71 -3.43 33.66
N ASN E 157 -30.54 -2.39 33.61
CA ASN E 157 -30.08 -1.09 33.14
C ASN E 157 -29.00 -0.50 34.02
N ARG E 158 -28.83 -1.03 35.23
CA ARG E 158 -27.89 -0.49 36.19
C ARG E 158 -26.60 -1.29 36.31
N GLU E 159 -26.64 -2.60 36.03
CA GLU E 159 -25.41 -3.38 35.97
C GLU E 159 -24.58 -3.01 34.76
N ASN E 160 -25.22 -2.55 33.68
CA ASN E 160 -24.49 -2.02 32.54
C ASN E 160 -23.63 -0.84 32.94
N MET E 161 -24.10 -0.04 33.90
CA MET E 161 -23.31 1.07 34.41
C MET E 161 -22.01 0.58 35.06
N PHE E 162 -22.00 -0.65 35.55
CA PHE E 162 -20.82 -1.22 36.20
C PHE E 162 -20.14 -2.26 35.31
N SER E 163 -20.29 -2.14 34.00
CA SER E 163 -19.64 -3.06 33.09
C SER E 163 -18.17 -2.71 32.93
N GLU E 164 -17.38 -3.71 32.51
CA GLU E 164 -15.97 -3.51 32.20
C GLU E 164 -15.71 -3.37 30.71
N GLU E 165 -16.61 -3.85 29.87
CA GLU E 165 -16.40 -3.89 28.43
C GLU E 165 -16.60 -2.50 27.82
N ALA E 166 -16.35 -2.40 26.52
CA ALA E 166 -16.59 -1.16 25.78
C ALA E 166 -18.07 -1.07 25.43
N LYS E 167 -18.87 -0.79 26.45
CA LYS E 167 -20.32 -0.65 26.33
C LYS E 167 -20.70 0.79 26.59
N SER E 168 -21.57 1.34 25.74
CA SER E 168 -21.84 2.77 25.75
C SER E 168 -22.41 3.25 27.09
N THR E 169 -23.10 2.36 27.82
CA THR E 169 -23.70 2.73 29.09
C THR E 169 -22.81 2.46 30.29
N SER E 170 -21.61 1.95 30.08
CA SER E 170 -20.69 1.68 31.19
C SER E 170 -20.01 2.96 31.64
N ILE E 171 -19.92 3.14 32.96
CA ILE E 171 -19.16 4.27 33.50
C ILE E 171 -17.69 4.17 33.13
N ALA E 172 -17.14 2.94 33.16
CA ALA E 172 -15.75 2.74 32.76
C ALA E 172 -15.54 3.18 31.31
N PHE E 173 -16.54 2.96 30.47
CA PHE E 173 -16.49 3.45 29.10
C PHE E 173 -16.40 4.98 29.08
N ARG E 174 -17.22 5.64 29.90
CA ARG E 174 -17.30 7.10 29.88
C ARG E 174 -15.97 7.72 30.32
N CYS E 175 -15.42 7.26 31.44
CA CYS E 175 -14.21 7.86 31.97
C CYS E 175 -13.02 7.62 31.05
N ILE E 176 -12.85 6.41 30.53
CA ILE E 176 -11.64 5.99 29.83
C ILE E 176 -11.77 6.12 28.33
N ASN E 177 -12.83 5.57 27.74
CA ASN E 177 -12.91 5.59 26.28
C ASN E 177 -13.27 6.99 25.78
N GLU E 178 -14.14 7.70 26.48
CA GLU E 178 -14.64 8.99 26.01
C GLU E 178 -13.92 10.17 26.67
N ASN E 179 -13.92 10.21 28.00
CA ASN E 179 -13.29 11.33 28.69
C ASN E 179 -11.78 11.38 28.46
N LEU E 180 -11.09 10.23 28.48
CA LEU E 180 -9.64 10.23 28.32
C LEU E 180 -9.22 10.81 26.98
N THR E 181 -9.70 10.19 25.90
CA THR E 181 -9.31 10.63 24.57
C THR E 181 -9.66 12.08 24.34
N ARG E 182 -10.84 12.51 24.83
CA ARG E 182 -11.18 13.92 24.81
C ARG E 182 -10.20 14.72 25.66
N TYR E 183 -9.83 14.18 26.82
CA TYR E 183 -8.87 14.84 27.70
C TYR E 183 -7.47 14.84 27.10
N ILE E 184 -7.05 13.71 26.53
CA ILE E 184 -5.73 13.63 25.90
C ILE E 184 -5.66 14.49 24.64
N SER E 185 -6.73 14.50 23.84
CA SER E 185 -6.71 15.29 22.61
C SER E 185 -6.58 16.78 22.91
N ASN E 186 -7.24 17.25 23.97
CA ASN E 186 -7.03 18.63 24.41
C ASN E 186 -5.59 18.85 24.87
N MET E 187 -4.97 17.83 25.46
CA MET E 187 -3.58 17.95 25.87
C MET E 187 -2.67 18.19 24.67
N ASP E 188 -2.99 17.57 23.54
CA ASP E 188 -2.24 17.82 22.32
C ASP E 188 -2.46 19.24 21.82
N ILE E 189 -3.68 19.76 22.00
CA ILE E 189 -4.01 21.10 21.54
C ILE E 189 -3.44 22.18 22.45
N PHE E 190 -3.49 21.98 23.77
CA PHE E 190 -3.02 22.99 24.70
C PHE E 190 -1.57 23.38 24.43
N GLU E 191 -0.72 22.39 24.17
CA GLU E 191 0.68 22.67 23.87
C GLU E 191 0.79 23.53 22.61
N LYS E 192 -0.03 23.24 21.61
CA LYS E 192 0.01 23.99 20.35
C LYS E 192 -0.44 25.44 20.52
N VAL E 193 -1.38 25.71 21.43
CA VAL E 193 -1.98 27.03 21.54
C VAL E 193 -1.73 27.67 22.90
N ASP E 194 -0.78 27.14 23.68
CA ASP E 194 -0.44 27.76 24.96
C ASP E 194 0.21 29.12 24.79
N ALA E 195 0.79 29.40 23.62
CA ALA E 195 1.56 30.62 23.45
C ALA E 195 0.68 31.86 23.57
N ILE E 196 -0.52 31.82 23.00
CA ILE E 196 -1.32 33.03 22.82
C ILE E 196 -1.98 33.52 24.10
N PHE E 197 -1.90 32.76 25.19
CA PHE E 197 -2.60 33.09 26.42
C PHE E 197 -1.78 34.08 27.24
N ASP E 198 -2.38 35.25 27.48
CA ASP E 198 -1.75 36.29 28.29
C ASP E 198 -1.54 35.79 29.71
N LYS E 199 -0.52 36.35 30.38
CA LYS E 199 -0.23 35.94 31.76
C LYS E 199 -1.38 36.30 32.71
N HIS E 200 -2.07 37.41 32.45
CA HIS E 200 -3.26 37.72 33.24
C HIS E 200 -4.39 36.76 32.95
N GLU E 201 -4.54 36.33 31.68
CA GLU E 201 -5.59 35.37 31.35
C GLU E 201 -5.41 34.05 32.09
N VAL E 202 -4.16 33.58 32.20
CA VAL E 202 -3.89 32.44 33.08
C VAL E 202 -4.29 32.77 34.51
N GLN E 203 -3.93 33.98 34.96
CA GLN E 203 -4.32 34.42 36.30
C GLN E 203 -5.81 34.69 36.38
N GLU E 204 -6.38 35.30 35.32
CA GLU E 204 -7.81 35.61 35.32
C GLU E 204 -8.65 34.34 35.43
N ILE E 205 -8.31 33.32 34.65
CA ILE E 205 -8.98 32.03 34.77
C ILE E 205 -8.65 31.37 36.10
N LYS E 206 -7.39 31.45 36.53
CA LYS E 206 -7.01 30.86 37.82
C LYS E 206 -7.71 31.55 38.97
N GLU E 207 -7.73 32.89 38.97
CA GLU E 207 -8.42 33.60 40.03
C GLU E 207 -9.93 33.49 39.89
N LYS E 208 -10.49 33.73 38.70
CA LYS E 208 -11.94 33.74 38.62
C LYS E 208 -12.53 32.33 38.79
N ILE E 209 -11.89 31.33 38.21
CA ILE E 209 -12.44 29.96 38.15
C ILE E 209 -11.72 29.02 39.11
N LEU E 210 -10.40 28.85 38.93
CA LEU E 210 -9.64 27.82 39.64
C LEU E 210 -9.56 28.06 41.14
N ASN E 211 -9.72 29.30 41.57
CA ASN E 211 -9.69 29.74 42.97
C ASN E 211 -8.28 29.76 43.53
N SER E 212 -7.27 29.82 42.65
CA SER E 212 -5.85 29.80 42.96
C SER E 212 -5.41 28.52 43.65
N ASP E 213 -6.30 27.53 43.78
CA ASP E 213 -5.95 26.24 44.35
C ASP E 213 -5.17 25.38 43.36
N TYR E 214 -5.32 25.63 42.06
CA TYR E 214 -4.53 24.96 41.04
C TYR E 214 -4.18 25.98 39.96
N ASP E 215 -3.12 25.68 39.21
CA ASP E 215 -2.82 26.45 38.01
C ASP E 215 -3.64 25.94 36.84
N VAL E 216 -3.75 26.78 35.80
CA VAL E 216 -4.55 26.38 34.64
C VAL E 216 -3.91 25.21 33.92
N GLU E 217 -2.60 25.29 33.68
CA GLU E 217 -1.87 24.21 33.03
C GLU E 217 -1.87 22.91 33.84
N ASP E 218 -2.25 22.97 35.12
CA ASP E 218 -2.27 21.76 35.94
C ASP E 218 -3.18 20.69 35.35
N PHE E 219 -4.34 21.10 34.81
CA PHE E 219 -5.30 20.12 34.32
C PHE E 219 -4.75 19.32 33.15
N PHE E 220 -3.99 19.95 32.26
CA PHE E 220 -3.53 19.24 31.08
C PHE E 220 -2.36 18.32 31.37
N GLU E 221 -1.88 18.27 32.61
CA GLU E 221 -0.93 17.25 32.99
C GLU E 221 -1.63 15.89 33.02
N GLY E 222 -0.88 14.85 32.67
CA GLY E 222 -1.49 13.53 32.61
C GLY E 222 -2.09 13.08 33.92
N GLU E 223 -1.39 13.33 35.02
CA GLU E 223 -1.77 12.76 36.31
C GLU E 223 -2.78 13.60 37.08
N PHE E 224 -3.30 14.67 36.50
CA PHE E 224 -4.34 15.47 37.15
C PHE E 224 -5.72 15.04 36.70
N PHE E 225 -5.80 13.93 35.96
CA PHE E 225 -7.08 13.41 35.47
C PHE E 225 -8.02 13.11 36.62
N ASN E 226 -7.47 12.60 37.73
CA ASN E 226 -8.27 12.01 38.78
C ASN E 226 -9.34 12.96 39.32
N PHE E 227 -9.18 14.26 39.07
CA PHE E 227 -10.16 15.24 39.53
C PHE E 227 -11.45 15.19 38.71
N VAL E 228 -11.35 14.97 37.40
CA VAL E 228 -12.49 15.14 36.51
C VAL E 228 -13.32 13.85 36.36
N LEU E 229 -12.94 12.77 37.04
CA LEU E 229 -13.74 11.54 36.97
C LEU E 229 -15.17 11.75 37.45
N THR E 230 -15.36 12.63 38.43
CA THR E 230 -16.70 12.96 38.92
C THR E 230 -17.29 14.14 38.16
N GLN E 231 -18.61 14.33 38.35
CA GLN E 231 -19.27 15.51 37.83
C GLN E 231 -18.68 16.78 38.46
N GLU E 232 -18.28 16.69 39.73
CA GLU E 232 -17.70 17.85 40.40
C GLU E 232 -16.49 18.34 39.64
N GLY E 233 -15.66 17.41 39.17
CA GLY E 233 -14.49 17.78 38.39
C GLY E 233 -14.83 18.22 36.98
N ILE E 234 -15.77 17.53 36.34
CA ILE E 234 -16.13 17.83 34.95
C ILE E 234 -16.67 19.26 34.85
N ASP E 235 -17.55 19.65 35.77
CA ASP E 235 -18.12 20.98 35.77
C ASP E 235 -17.03 22.06 35.83
N VAL E 236 -16.01 21.85 36.66
CA VAL E 236 -14.90 22.79 36.75
C VAL E 236 -14.03 22.74 35.49
N TYR E 237 -13.77 21.53 34.99
CA TYR E 237 -12.94 21.40 33.79
C TYR E 237 -13.58 22.12 32.60
N ASN E 238 -14.88 21.87 32.37
CA ASN E 238 -15.57 22.54 31.28
C ASN E 238 -15.59 24.05 31.46
N ALA E 239 -15.51 24.53 32.71
CA ALA E 239 -15.47 25.97 32.94
C ALA E 239 -14.16 26.56 32.42
N ILE E 240 -13.07 25.80 32.49
CA ILE E 240 -11.79 26.28 31.98
C ILE E 240 -11.89 26.53 30.48
N ILE E 241 -12.57 25.63 29.77
CA ILE E 241 -12.77 25.81 28.33
C ILE E 241 -13.84 26.88 28.06
N GLY E 242 -15.02 26.69 28.64
CA GLY E 242 -16.17 27.51 28.31
C GLY E 242 -16.37 28.78 29.12
N GLY E 243 -15.97 28.77 30.38
CA GLY E 243 -16.27 29.86 31.29
C GLY E 243 -17.57 29.62 32.02
N PHE E 244 -17.97 30.62 32.80
CA PHE E 244 -19.20 30.54 33.58
C PHE E 244 -19.70 31.95 33.88
N VAL E 245 -20.85 32.03 34.54
CA VAL E 245 -21.53 33.30 34.82
C VAL E 245 -21.71 33.43 36.32
N THR E 246 -21.29 34.58 36.87
CA THR E 246 -21.37 34.85 38.29
C THR E 246 -22.79 35.27 38.67
N GLU E 247 -22.97 35.71 39.91
CA GLU E 247 -24.24 36.28 40.32
C GLU E 247 -24.55 37.55 39.55
N SER E 248 -23.56 38.42 39.36
CA SER E 248 -23.72 39.71 38.71
C SER E 248 -23.86 39.60 37.20
N GLY E 249 -23.75 38.41 36.64
CA GLY E 249 -23.91 38.27 35.20
C GLY E 249 -22.67 38.63 34.42
N GLU E 250 -21.49 38.49 35.01
CA GLU E 250 -20.25 38.73 34.28
C GLU E 250 -19.87 37.47 33.53
N LYS E 251 -19.61 37.62 32.23
CA LYS E 251 -19.24 36.49 31.38
C LYS E 251 -17.75 36.28 31.53
N ILE E 252 -17.37 35.43 32.49
CA ILE E 252 -15.97 35.08 32.64
C ILE E 252 -15.55 34.24 31.44
N LYS E 253 -14.48 34.68 30.77
CA LYS E 253 -14.07 34.01 29.55
C LYS E 253 -13.27 32.75 29.86
N GLY E 254 -13.28 31.82 28.90
CA GLY E 254 -12.57 30.58 28.99
C GLY E 254 -11.58 30.45 27.85
N LEU E 255 -10.69 29.45 27.99
CA LEU E 255 -9.65 29.26 26.98
C LEU E 255 -10.21 29.14 25.57
N ASN E 256 -11.42 28.58 25.43
CA ASN E 256 -12.00 28.52 24.09
C ASN E 256 -12.43 29.90 23.61
N GLU E 257 -12.90 30.74 24.53
CA GLU E 257 -13.27 32.11 24.17
C GLU E 257 -12.05 32.95 23.84
N TYR E 258 -10.96 32.78 24.60
CA TYR E 258 -9.74 33.54 24.35
C TYR E 258 -9.10 33.13 23.03
N ILE E 259 -9.04 31.82 22.76
CA ILE E 259 -8.50 31.33 21.50
C ILE E 259 -9.30 31.89 20.33
N ASN E 260 -10.62 31.97 20.50
CA ASN E 260 -11.46 32.54 19.44
C ASN E 260 -11.11 33.99 19.18
N LEU E 261 -10.87 34.78 20.23
CA LEU E 261 -10.54 36.19 20.06
C LEU E 261 -9.23 36.36 19.32
N TYR E 262 -8.22 35.52 19.63
CA TYR E 262 -6.95 35.59 18.93
C TYR E 262 -7.08 35.26 17.45
N ASN E 263 -7.88 34.25 17.12
CA ASN E 263 -8.01 33.84 15.73
C ASN E 263 -8.73 34.89 14.90
N GLN E 264 -9.60 35.68 15.53
CA GLN E 264 -10.28 36.77 14.83
C GLN E 264 -9.37 37.98 14.69
N LYS E 265 -8.45 38.18 15.64
CA LYS E 265 -7.51 39.29 15.58
C LYS E 265 -6.33 39.00 14.67
N THR E 266 -5.89 37.74 14.57
CA THR E 266 -4.76 37.36 13.74
C THR E 266 -5.14 36.54 12.51
N LYS E 267 -6.43 36.32 12.27
CA LYS E 267 -6.92 35.72 11.04
C LYS E 267 -6.35 34.31 10.82
N GLN E 268 -6.31 33.52 11.89
CA GLN E 268 -5.83 32.15 11.84
C GLN E 268 -6.94 31.18 12.24
N LYS E 269 -6.66 29.89 12.03
CA LYS E 269 -7.55 28.80 12.44
C LYS E 269 -6.74 27.95 13.42
N LEU E 270 -6.78 28.31 14.70
CA LEU E 270 -6.16 27.54 15.76
C LEU E 270 -7.21 26.77 16.53
N PRO E 271 -6.96 25.49 16.83
CA PRO E 271 -8.02 24.63 17.36
C PRO E 271 -8.54 25.08 18.72
N LYS E 272 -9.83 24.84 18.94
CA LYS E 272 -10.48 25.01 20.22
C LYS E 272 -10.66 23.66 20.91
N PHE E 273 -10.84 23.72 22.23
CA PHE E 273 -10.91 22.52 23.06
C PHE E 273 -12.27 21.82 22.95
N LYS E 274 -12.26 20.52 23.23
CA LYS E 274 -13.48 19.75 23.36
C LYS E 274 -13.90 19.69 24.82
N PRO E 275 -15.13 20.07 25.17
CA PRO E 275 -15.62 19.87 26.53
C PRO E 275 -15.74 18.39 26.85
N LEU E 276 -15.80 18.09 28.14
CA LEU E 276 -15.96 16.72 28.60
C LEU E 276 -17.42 16.38 28.84
N TYR E 277 -17.80 15.17 28.46
CA TYR E 277 -19.17 14.70 28.64
C TYR E 277 -19.45 14.49 30.12
N LYS E 278 -20.72 14.59 30.48
CA LYS E 278 -21.13 14.38 31.87
C LYS E 278 -20.81 12.94 32.30
N GLN E 279 -20.83 12.72 33.60
CA GLN E 279 -20.59 11.40 34.17
C GLN E 279 -21.92 10.71 34.41
N VAL E 280 -21.92 9.38 34.25
CA VAL E 280 -23.14 8.58 34.34
C VAL E 280 -23.87 8.86 35.64
N LEU E 281 -25.19 9.04 35.54
CA LEU E 281 -26.13 9.17 36.64
C LEU E 281 -25.95 10.45 37.47
N SER E 282 -25.10 11.36 37.02
CA SER E 282 -24.86 12.58 37.80
C SER E 282 -26.08 13.50 37.73
N ASP E 283 -26.52 13.96 38.90
CA ASP E 283 -27.52 15.02 38.99
C ASP E 283 -26.73 16.32 38.98
N ARG E 284 -26.42 16.80 37.79
CA ARG E 284 -25.46 17.89 37.63
C ARG E 284 -26.19 19.23 37.76
N GLU E 285 -25.86 19.97 38.81
CA GLU E 285 -26.30 21.34 38.95
C GLU E 285 -25.28 22.23 38.25
N SER E 286 -25.75 23.04 37.30
CA SER E 286 -24.85 23.87 36.52
C SER E 286 -24.20 24.93 37.40
N LEU E 287 -22.99 25.35 36.99
CA LEU E 287 -22.26 26.36 37.75
C LEU E 287 -22.78 27.76 37.48
N SER E 288 -23.07 28.06 36.21
CA SER E 288 -23.53 29.40 35.83
C SER E 288 -24.84 29.73 36.52
N PHE E 289 -24.91 30.93 37.09
CA PHE E 289 -26.07 31.37 37.86
C PHE E 289 -27.24 31.71 36.94
N TYR E 290 -28.43 31.22 37.30
CA TYR E 290 -29.64 31.48 36.55
C TYR E 290 -30.80 31.47 37.53
N GLY E 291 -31.88 32.18 37.15
CA GLY E 291 -33.05 32.30 37.98
C GLY E 291 -34.07 31.22 37.64
N GLU E 292 -34.48 30.48 38.67
CA GLU E 292 -35.29 29.29 38.47
C GLU E 292 -36.66 29.63 37.86
N GLY E 293 -37.13 28.76 36.98
CA GLY E 293 -38.40 28.97 36.33
C GLY E 293 -39.58 28.78 37.26
N TYR E 294 -40.70 29.38 36.87
CA TYR E 294 -41.93 29.30 37.66
C TYR E 294 -42.54 27.90 37.60
N THR E 295 -43.01 27.43 38.76
CA THR E 295 -43.53 26.07 38.86
C THR E 295 -44.86 25.90 38.13
N SER E 296 -45.79 26.84 38.30
CA SER E 296 -47.16 26.60 37.89
C SER E 296 -47.74 27.83 37.21
N ASP E 297 -48.90 27.62 36.56
CA ASP E 297 -49.58 28.68 35.81
C ASP E 297 -49.86 29.90 36.67
N GLU E 298 -50.20 29.69 37.95
CA GLU E 298 -50.59 30.80 38.81
C GLU E 298 -49.43 31.77 39.02
N GLU E 299 -48.22 31.26 39.24
CA GLU E 299 -47.07 32.11 39.47
C GLU E 299 -46.83 33.06 38.30
N VAL E 300 -46.74 32.52 37.08
CA VAL E 300 -46.48 33.33 35.90
C VAL E 300 -47.40 34.54 35.85
N LEU E 301 -48.70 34.31 36.02
CA LEU E 301 -49.66 35.40 36.04
C LEU E 301 -49.29 36.42 37.12
N GLU E 302 -49.15 35.95 38.37
CA GLU E 302 -48.95 36.88 39.48
C GLU E 302 -47.66 37.68 39.31
N VAL E 303 -46.65 37.10 38.67
CA VAL E 303 -45.49 37.87 38.25
C VAL E 303 -45.87 38.81 37.10
N PHE E 304 -46.61 38.29 36.12
CA PHE E 304 -46.91 39.07 34.92
C PHE E 304 -47.68 40.34 35.26
N ARG E 305 -48.72 40.23 36.09
CA ARG E 305 -49.47 41.42 36.45
C ARG E 305 -48.62 42.38 37.28
N ASN E 306 -48.02 41.87 38.36
CA ASN E 306 -47.37 42.74 39.34
C ASN E 306 -46.15 43.45 38.76
N THR E 307 -45.31 42.73 38.02
CA THR E 307 -44.09 43.35 37.49
C THR E 307 -44.33 44.24 36.27
N LEU E 308 -45.36 43.98 35.46
CA LEU E 308 -45.50 44.73 34.22
C LEU E 308 -46.55 45.83 34.25
N ASN E 309 -47.41 45.90 35.26
CA ASN E 309 -48.49 46.89 35.23
C ASN E 309 -47.94 48.31 35.37
N LYS E 310 -48.86 49.27 35.25
CA LYS E 310 -48.49 50.69 35.35
C LYS E 310 -47.89 51.02 36.71
N ASN E 311 -48.42 50.44 37.79
CA ASN E 311 -47.94 50.74 39.12
C ASN E 311 -46.48 50.31 39.32
N SER E 312 -46.10 49.18 38.72
CA SER E 312 -44.79 48.59 38.90
C SER E 312 -43.66 49.50 38.41
N GLU E 313 -42.47 49.26 38.98
CA GLU E 313 -41.29 50.07 38.66
C GLU E 313 -40.98 50.03 37.16
N ILE E 314 -41.30 48.92 36.51
CA ILE E 314 -40.95 48.75 35.10
C ILE E 314 -41.56 49.86 34.26
N PHE E 315 -42.80 50.26 34.56
CA PHE E 315 -43.32 51.47 33.95
C PHE E 315 -42.64 52.72 34.49
N SER E 316 -42.32 52.74 35.78
CA SER E 316 -41.59 53.88 36.32
C SER E 316 -40.26 54.05 35.59
N SER E 317 -39.64 52.94 35.19
CA SER E 317 -38.43 53.02 34.37
C SER E 317 -38.73 53.68 33.03
N ILE E 318 -39.86 53.34 32.42
CA ILE E 318 -40.26 53.98 31.16
C ILE E 318 -40.85 55.37 31.42
N LYS E 319 -41.64 55.51 32.47
CA LYS E 319 -42.32 56.79 32.71
C LYS E 319 -41.31 57.91 32.96
N LYS E 320 -40.20 57.58 33.63
CA LYS E 320 -39.10 58.54 33.79
C LYS E 320 -38.26 58.64 32.52
N LEU E 321 -38.01 57.50 31.86
CA LEU E 321 -37.19 57.53 30.64
C LEU E 321 -37.84 58.39 29.57
N GLU E 322 -39.17 58.40 29.51
CA GLU E 322 -39.87 59.28 28.59
C GLU E 322 -39.59 60.75 28.92
N LYS E 323 -39.51 61.07 30.22
CA LYS E 323 -39.27 62.45 30.63
C LYS E 323 -37.93 62.97 30.10
N LEU E 324 -36.90 62.13 30.10
CA LEU E 324 -35.57 62.57 29.70
C LEU E 324 -35.52 63.02 28.26
N PHE E 325 -36.16 62.27 27.35
CA PHE E 325 -36.03 62.57 25.93
C PHE E 325 -36.77 63.83 25.53
N LYS E 326 -37.92 64.11 26.17
CA LYS E 326 -38.58 65.39 25.92
C LYS E 326 -37.71 66.54 26.41
N ASN E 327 -37.00 66.33 27.53
CA ASN E 327 -36.07 67.30 28.08
C ASN E 327 -34.65 67.13 27.55
N PHE E 328 -34.50 66.42 26.42
CA PHE E 328 -33.17 66.04 25.94
C PHE E 328 -32.30 67.26 25.65
N ASP E 329 -32.87 68.30 25.03
CA ASP E 329 -32.08 69.45 24.61
C ASP E 329 -31.42 70.17 25.79
N GLU E 330 -32.02 70.08 26.99
CA GLU E 330 -31.47 70.79 28.14
C GLU E 330 -30.06 70.33 28.48
N TYR E 331 -29.81 69.02 28.39
CA TYR E 331 -28.51 68.47 28.74
C TYR E 331 -27.47 68.73 27.64
N SER E 332 -26.21 68.68 28.06
CA SER E 332 -25.09 68.92 27.15
C SER E 332 -25.12 67.93 26.00
N SER E 333 -25.21 68.46 24.78
CA SER E 333 -25.14 67.62 23.59
C SER E 333 -23.75 67.05 23.35
N ALA E 334 -22.78 67.39 24.20
CA ALA E 334 -21.50 66.70 24.23
C ALA E 334 -21.40 65.73 25.40
N GLY E 335 -22.39 65.71 26.29
CA GLY E 335 -22.43 64.79 27.41
C GLY E 335 -23.22 63.52 27.17
N ILE E 336 -24.00 63.45 26.09
CA ILE E 336 -24.77 62.27 25.74
C ILE E 336 -24.13 61.64 24.51
N PHE E 337 -24.10 60.31 24.49
CA PHE E 337 -23.35 59.60 23.46
C PHE E 337 -24.16 58.39 23.00
N VAL E 338 -24.13 58.12 21.71
CA VAL E 338 -24.79 56.94 21.14
C VAL E 338 -23.71 55.90 20.85
N LYS E 339 -23.86 54.71 21.45
CA LYS E 339 -22.84 53.68 21.30
C LYS E 339 -22.68 53.31 19.82
N ASN E 340 -21.53 52.74 19.51
CA ASN E 340 -21.21 52.32 18.14
C ASN E 340 -21.29 50.81 18.04
N GLY E 341 -21.93 50.34 16.97
CA GLY E 341 -22.00 48.95 16.63
C GLY E 341 -22.60 48.78 15.25
N PRO E 342 -22.85 47.55 14.82
CA PRO E 342 -23.58 47.35 13.56
C PRO E 342 -25.03 47.79 13.64
N ALA E 343 -25.60 47.87 14.83
CA ALA E 343 -26.99 48.24 15.02
C ALA E 343 -27.23 49.76 14.96
N ILE E 344 -26.26 50.52 14.45
CA ILE E 344 -26.40 51.98 14.36
C ILE E 344 -26.83 52.43 12.96
N SER E 345 -26.73 51.54 11.96
CA SER E 345 -27.32 51.84 10.66
C SER E 345 -28.83 52.03 10.77
N THR E 346 -29.46 51.29 11.67
CA THR E 346 -30.88 51.51 11.95
C THR E 346 -31.11 52.87 12.60
N ILE E 347 -30.15 53.35 13.40
CA ILE E 347 -30.31 54.62 14.10
C ILE E 347 -30.31 55.78 13.10
N SER E 348 -29.39 55.75 12.13
CA SER E 348 -29.35 56.79 11.10
C SER E 348 -30.67 56.89 10.36
N LYS E 349 -31.42 55.79 10.27
CA LYS E 349 -32.71 55.81 9.58
C LYS E 349 -33.79 56.50 10.40
N ASP E 350 -33.82 56.24 11.72
CA ASP E 350 -34.93 56.72 12.54
C ASP E 350 -34.99 58.24 12.62
N ILE E 351 -33.97 58.96 12.16
CA ILE E 351 -33.93 60.42 12.27
C ILE E 351 -34.28 61.05 10.93
N PHE E 352 -33.43 60.81 9.93
CA PHE E 352 -33.59 61.41 8.61
C PHE E 352 -33.91 60.39 7.52
N GLY E 353 -34.22 59.15 7.89
CA GLY E 353 -34.78 58.21 6.94
C GLY E 353 -33.82 57.50 6.03
N GLU E 354 -32.56 57.30 6.44
CA GLU E 354 -31.61 56.56 5.62
C GLU E 354 -30.59 55.86 6.50
N TRP E 355 -30.17 54.67 6.07
CA TRP E 355 -29.35 53.80 6.90
C TRP E 355 -27.90 54.26 6.97
N ASN E 356 -27.26 54.42 5.81
CA ASN E 356 -25.80 54.53 5.74
C ASN E 356 -25.30 55.97 5.82
N VAL E 357 -26.15 56.94 6.14
CA VAL E 357 -25.73 58.33 6.13
C VAL E 357 -24.72 58.61 7.23
N ILE E 358 -24.94 58.05 8.43
CA ILE E 358 -24.00 58.27 9.53
C ILE E 358 -22.65 57.66 9.19
N ARG E 359 -22.64 56.51 8.51
CA ARG E 359 -21.38 55.94 8.05
C ARG E 359 -20.74 56.80 6.97
N ASP E 360 -21.54 57.27 6.00
CA ASP E 360 -21.00 58.03 4.89
C ASP E 360 -20.55 59.42 5.32
N LYS E 361 -21.27 60.04 6.27
CA LYS E 361 -20.86 61.35 6.77
C LYS E 361 -19.48 61.28 7.42
N TRP E 362 -19.28 60.30 8.31
CA TRP E 362 -18.00 60.15 8.97
C TRP E 362 -16.92 59.73 7.99
N ASN E 363 -17.27 58.94 6.97
CA ASN E 363 -16.30 58.55 5.95
C ASN E 363 -15.82 59.74 5.13
N ALA E 364 -16.59 60.82 5.07
CA ALA E 364 -16.08 62.04 4.46
C ALA E 364 -15.07 62.73 5.36
N GLU E 365 -15.20 62.54 6.68
CA GLU E 365 -14.27 63.15 7.63
C GLU E 365 -12.94 62.41 7.65
N TYR E 366 -12.99 61.08 7.80
CA TYR E 366 -11.74 60.31 7.81
C TYR E 366 -11.02 60.40 6.46
N ASP E 367 -11.77 60.62 5.38
CA ASP E 367 -11.15 60.61 4.06
C ASP E 367 -10.31 61.85 3.85
N ASP E 368 -10.87 63.04 4.07
CA ASP E 368 -10.22 64.27 3.64
C ASP E 368 -8.80 64.40 4.20
N ILE E 369 -8.59 64.05 5.47
CA ILE E 369 -7.24 64.07 6.03
C ILE E 369 -6.40 62.95 5.42
N HIS E 370 -6.89 61.73 5.53
CA HIS E 370 -6.18 60.54 5.05
C HIS E 370 -6.68 60.14 3.68
N LEU E 371 -6.77 61.09 2.75
CA LEU E 371 -6.90 60.78 1.33
C LEU E 371 -6.03 61.77 0.57
N LYS E 372 -4.76 61.42 0.39
CA LYS E 372 -3.85 62.22 -0.42
C LYS E 372 -4.25 62.14 -1.89
N LYS E 373 -4.22 63.31 -2.55
CA LYS E 373 -4.86 63.49 -3.85
C LYS E 373 -4.39 62.52 -4.92
N LYS E 374 -3.25 61.84 -4.73
CA LYS E 374 -2.79 60.87 -5.72
C LYS E 374 -3.76 59.71 -5.85
N ALA E 375 -4.15 59.13 -4.72
CA ALA E 375 -4.91 57.89 -4.69
C ALA E 375 -6.36 58.08 -5.14
N VAL E 376 -7.05 59.05 -4.54
CA VAL E 376 -8.48 59.40 -4.64
C VAL E 376 -9.38 58.36 -3.96
N VAL E 377 -9.20 57.06 -4.26
CA VAL E 377 -9.89 55.97 -3.55
C VAL E 377 -9.18 54.64 -3.74
N THR E 378 -7.99 54.49 -3.16
CA THR E 378 -7.37 53.17 -3.18
C THR E 378 -8.13 52.21 -2.26
N GLU E 379 -7.89 50.91 -2.47
CA GLU E 379 -8.52 49.91 -1.63
C GLU E 379 -8.12 50.07 -0.17
N LYS E 380 -6.88 50.50 0.08
CA LYS E 380 -6.43 50.69 1.46
C LYS E 380 -7.22 51.81 2.15
N TYR E 381 -7.44 52.92 1.47
CA TYR E 381 -8.18 54.01 2.10
C TYR E 381 -9.64 53.62 2.34
N GLU E 382 -10.26 52.95 1.37
CA GLU E 382 -11.62 52.48 1.56
C GLU E 382 -11.72 51.43 2.65
N ASP E 383 -10.76 50.48 2.66
CA ASP E 383 -10.79 49.42 3.66
C ASP E 383 -10.45 49.94 5.05
N ASP E 384 -9.43 50.80 5.17
CA ASP E 384 -9.02 51.28 6.48
C ASP E 384 -10.13 52.05 7.18
N ARG E 385 -10.99 52.74 6.42
CA ARG E 385 -12.11 53.45 7.01
C ARG E 385 -13.04 52.49 7.75
N ARG E 386 -13.17 51.26 7.25
CA ARG E 386 -13.93 50.24 7.99
C ARG E 386 -13.27 49.92 9.32
N LYS E 387 -11.94 49.85 9.35
CA LYS E 387 -11.24 49.62 10.61
C LYS E 387 -11.51 50.74 11.60
N SER E 388 -11.45 51.99 11.15
CA SER E 388 -11.65 53.12 12.03
C SER E 388 -13.11 53.25 12.48
N PHE E 389 -14.07 52.87 11.61
CA PHE E 389 -15.47 53.15 11.91
C PHE E 389 -16.09 52.17 12.90
N LYS E 390 -15.46 51.03 13.17
CA LYS E 390 -15.91 50.19 14.27
C LYS E 390 -15.03 50.31 15.50
N LYS E 391 -13.78 50.76 15.34
CA LYS E 391 -12.95 51.07 16.50
C LYS E 391 -13.59 52.16 17.35
N ILE E 392 -14.22 53.14 16.71
CA ILE E 392 -14.93 54.20 17.42
C ILE E 392 -15.97 53.58 18.34
N GLY E 393 -15.97 54.00 19.60
CA GLY E 393 -16.85 53.41 20.59
C GLY E 393 -18.24 54.02 20.64
N SER E 394 -18.37 55.31 20.30
CA SER E 394 -19.65 56.00 20.43
C SER E 394 -19.58 57.32 19.66
N PHE E 395 -20.73 57.97 19.53
CA PHE E 395 -20.81 59.30 18.93
C PHE E 395 -21.56 60.24 19.89
N SER E 396 -20.97 61.41 20.12
CA SER E 396 -21.63 62.48 20.85
C SER E 396 -22.83 62.98 20.07
N LEU E 397 -23.81 63.52 20.81
CA LEU E 397 -24.96 64.14 20.14
C LEU E 397 -24.52 65.25 19.20
N GLU E 398 -23.47 65.99 19.55
CA GLU E 398 -23.04 67.09 18.70
C GLU E 398 -22.32 66.62 17.44
N GLN E 399 -21.52 65.54 17.52
CA GLN E 399 -20.92 65.06 16.28
C GLN E 399 -22.00 64.58 15.32
N LEU E 400 -23.13 64.12 15.86
CA LEU E 400 -24.29 63.83 15.02
C LEU E 400 -24.96 65.11 14.54
N GLN E 401 -25.13 66.09 15.44
CA GLN E 401 -25.75 67.35 15.05
C GLN E 401 -24.91 68.06 14.00
N GLU E 402 -23.58 68.00 14.12
CA GLU E 402 -22.71 68.56 13.09
C GLU E 402 -22.93 67.86 11.76
N TYR E 403 -23.12 66.54 11.79
CA TYR E 403 -23.37 65.79 10.57
C TYR E 403 -24.70 66.22 9.96
N ALA E 404 -25.72 66.42 10.79
CA ALA E 404 -27.05 66.74 10.31
C ALA E 404 -27.05 68.11 9.62
N ASP E 405 -27.78 68.18 8.51
CA ASP E 405 -27.95 69.42 7.77
C ASP E 405 -29.21 70.14 8.24
N ALA E 406 -29.09 71.43 8.50
CA ALA E 406 -30.24 72.22 8.93
C ALA E 406 -31.31 72.15 7.85
N ASP E 407 -32.58 72.29 8.25
CA ASP E 407 -33.05 72.72 9.57
C ASP E 407 -33.02 71.60 10.60
N LEU E 408 -32.86 70.36 10.12
CA LEU E 408 -33.04 69.19 10.97
C LEU E 408 -32.16 69.28 12.22
N SER E 409 -32.77 69.03 13.38
CA SER E 409 -32.06 69.07 14.64
C SER E 409 -32.16 67.70 15.28
N VAL E 410 -30.98 67.10 15.56
CA VAL E 410 -30.93 65.73 16.04
C VAL E 410 -31.70 65.56 17.35
N VAL E 411 -31.56 66.53 18.25
CA VAL E 411 -32.13 66.39 19.59
C VAL E 411 -33.66 66.46 19.56
N GLU E 412 -34.23 67.20 18.61
CA GLU E 412 -35.69 67.25 18.48
C GLU E 412 -36.23 65.95 17.90
N LYS E 413 -35.55 65.40 16.90
CA LYS E 413 -36.01 64.17 16.28
C LYS E 413 -35.76 62.95 17.14
N LEU E 414 -34.80 63.01 18.08
CA LEU E 414 -34.71 61.97 19.10
C LEU E 414 -35.93 62.00 20.02
N LYS E 415 -36.40 63.19 20.37
CA LYS E 415 -37.62 63.31 21.15
C LYS E 415 -38.84 62.81 20.39
N GLU E 416 -38.78 62.81 19.06
CA GLU E 416 -39.91 62.32 18.27
C GLU E 416 -40.02 60.81 18.33
N ILE E 417 -38.89 60.11 18.18
CA ILE E 417 -38.91 58.64 18.12
C ILE E 417 -39.35 58.06 19.45
N ILE E 418 -38.78 58.55 20.55
CA ILE E 418 -39.06 57.96 21.85
C ILE E 418 -40.52 58.21 22.24
N ILE E 419 -41.03 59.40 21.92
CA ILE E 419 -42.45 59.67 22.10
C ILE E 419 -43.29 58.72 21.25
N GLN E 420 -42.80 58.39 20.06
CA GLN E 420 -43.50 57.45 19.19
C GLN E 420 -43.52 56.04 19.77
N LYS E 421 -42.40 55.57 20.31
CA LYS E 421 -42.32 54.19 20.77
C LYS E 421 -43.01 53.98 22.12
N VAL E 422 -42.95 54.98 23.03
CA VAL E 422 -43.63 54.83 24.30
C VAL E 422 -45.14 54.93 24.15
N ASP E 423 -45.62 55.56 23.08
CA ASP E 423 -47.06 55.60 22.82
C ASP E 423 -47.59 54.21 22.45
N GLU E 424 -46.83 53.48 21.63
CA GLU E 424 -47.23 52.14 21.22
C GLU E 424 -47.38 51.20 22.41
N ILE E 425 -46.52 51.33 23.42
CA ILE E 425 -46.57 50.45 24.58
C ILE E 425 -47.83 50.70 25.39
N TYR E 426 -48.22 51.97 25.57
CA TYR E 426 -49.44 52.26 26.32
C TYR E 426 -50.67 51.67 25.63
N LYS E 427 -50.60 51.52 24.31
CA LYS E 427 -51.71 50.97 23.52
C LYS E 427 -51.81 49.45 23.66
N VAL E 428 -50.67 48.76 23.72
CA VAL E 428 -50.68 47.31 23.89
C VAL E 428 -51.32 46.93 25.22
N TYR E 429 -51.13 47.77 26.25
CA TYR E 429 -51.76 47.54 27.54
C TYR E 429 -53.28 47.54 27.44
N GLY E 430 -53.84 48.33 26.53
CA GLY E 430 -55.28 48.35 26.36
C GLY E 430 -55.84 46.99 25.99
N SER E 431 -55.21 46.32 25.02
CA SER E 431 -55.61 44.97 24.67
C SER E 431 -55.38 44.01 25.83
N SER E 432 -54.30 44.22 26.59
CA SER E 432 -53.87 43.29 27.61
C SER E 432 -54.41 43.62 29.00
N GLU E 433 -55.30 44.61 29.12
CA GLU E 433 -55.85 44.94 30.43
C GLU E 433 -56.56 43.75 31.05
N LYS E 434 -57.07 42.85 30.22
CA LYS E 434 -57.80 41.69 30.72
C LYS E 434 -56.88 40.79 31.54
N LEU E 435 -55.61 40.67 31.11
CA LEU E 435 -54.61 39.91 31.87
C LEU E 435 -54.39 40.47 33.27
N PHE E 436 -54.34 41.81 33.39
CA PHE E 436 -53.86 42.42 34.63
C PHE E 436 -54.87 42.36 35.77
N ASP E 437 -56.17 42.39 35.48
CA ASP E 437 -57.16 42.54 36.53
C ASP E 437 -57.00 41.47 37.60
N ALA E 438 -57.27 41.87 38.85
CA ALA E 438 -57.20 40.92 39.97
C ALA E 438 -58.19 39.79 39.79
N ASP E 439 -59.39 40.11 39.28
CA ASP E 439 -60.46 39.13 39.15
C ASP E 439 -60.12 38.03 38.14
N PHE E 440 -59.47 38.40 37.03
CA PHE E 440 -59.42 37.55 35.84
C PHE E 440 -58.96 36.13 36.15
N VAL E 441 -59.70 35.16 35.60
CA VAL E 441 -59.45 33.75 35.80
C VAL E 441 -59.26 33.10 34.44
N LEU E 442 -58.22 32.27 34.32
CA LEU E 442 -57.83 31.73 33.02
C LEU E 442 -58.79 30.65 32.54
N GLU E 443 -59.16 30.71 31.27
CA GLU E 443 -60.03 29.71 30.66
C GLU E 443 -59.34 28.36 30.55
N LYS E 444 -58.10 28.36 30.07
CA LYS E 444 -57.41 27.14 29.65
C LYS E 444 -55.95 27.21 30.10
N SER E 445 -55.34 26.04 30.23
CA SER E 445 -53.94 25.96 30.63
C SER E 445 -53.08 26.83 29.71
N LEU E 446 -52.00 27.39 30.28
CA LEU E 446 -51.20 28.37 29.56
C LEU E 446 -50.66 27.80 28.24
N LYS E 447 -50.30 26.51 28.24
CA LYS E 447 -49.80 25.90 27.01
C LYS E 447 -50.93 25.62 26.03
N LYS E 448 -52.11 25.26 26.52
CA LYS E 448 -53.26 25.14 25.64
C LYS E 448 -53.81 26.50 25.21
N ASN E 449 -53.43 27.58 25.89
CA ASN E 449 -53.99 28.90 25.63
C ASN E 449 -53.01 29.67 24.74
N ASP E 450 -53.16 29.45 23.44
CA ASP E 450 -52.41 30.23 22.46
C ASP E 450 -52.82 31.69 22.47
N ALA E 451 -54.08 31.97 22.82
CA ALA E 451 -54.60 33.34 22.72
C ALA E 451 -54.02 34.24 23.80
N VAL E 452 -53.81 33.72 25.01
CA VAL E 452 -53.32 34.55 26.10
C VAL E 452 -51.82 34.74 26.00
N VAL E 453 -51.10 33.74 25.50
CA VAL E 453 -49.65 33.82 25.41
C VAL E 453 -49.24 34.88 24.38
N ALA E 454 -49.86 34.86 23.21
CA ALA E 454 -49.60 35.88 22.21
C ALA E 454 -49.83 37.28 22.77
N ILE E 455 -50.70 37.41 23.77
CA ILE E 455 -50.88 38.69 24.44
C ILE E 455 -49.67 39.00 25.32
N MET E 456 -49.22 38.02 26.12
CA MET E 456 -48.00 38.21 26.90
C MET E 456 -46.80 38.41 25.99
N LYS E 457 -46.67 37.56 24.96
CA LYS E 457 -45.60 37.72 23.99
C LYS E 457 -45.63 39.07 23.30
N ASP E 458 -46.82 39.66 23.16
CA ASP E 458 -46.93 40.96 22.50
C ASP E 458 -46.51 42.09 23.44
N LEU E 459 -46.90 42.00 24.71
CA LEU E 459 -46.51 43.03 25.67
C LEU E 459 -45.03 42.94 26.01
N LEU E 460 -44.49 41.71 26.08
CA LEU E 460 -43.09 41.53 26.41
C LEU E 460 -42.18 42.00 25.27
N ASP E 461 -42.56 41.73 24.03
CA ASP E 461 -41.74 42.16 22.90
C ASP E 461 -41.82 43.67 22.69
N SER E 462 -42.93 44.30 23.02
CA SER E 462 -43.01 45.75 22.91
C SER E 462 -42.18 46.43 24.00
N VAL E 463 -42.08 45.81 25.16
CA VAL E 463 -41.18 46.31 26.20
C VAL E 463 -39.74 45.96 25.85
N LYS E 464 -39.52 44.82 25.20
CA LYS E 464 -38.17 44.39 24.88
C LYS E 464 -37.52 45.29 23.84
N SER E 465 -38.31 45.81 22.88
CA SER E 465 -37.74 46.61 21.80
C SER E 465 -37.42 48.02 22.27
N PHE E 466 -38.23 48.58 23.16
CA PHE E 466 -37.94 49.91 23.69
C PHE E 466 -36.65 49.89 24.51
N GLU E 467 -36.46 48.86 25.33
CA GLU E 467 -35.23 48.75 26.10
C GLU E 467 -34.03 48.45 25.20
N ASN E 468 -34.18 47.49 24.28
CA ASN E 468 -33.09 47.12 23.39
C ASN E 468 -32.66 48.30 22.52
N TYR E 469 -33.58 49.23 22.25
CA TYR E 469 -33.22 50.46 21.55
C TYR E 469 -32.37 51.38 22.42
N ILE E 470 -32.80 51.60 23.67
CA ILE E 470 -32.15 52.56 24.57
C ILE E 470 -30.73 52.11 24.91
N LYS E 471 -30.48 50.79 24.93
CA LYS E 471 -29.20 50.26 25.39
C LYS E 471 -28.02 50.88 24.64
N ALA E 472 -28.20 51.18 23.35
CA ALA E 472 -27.15 51.80 22.56
C ALA E 472 -26.81 53.21 23.05
N PHE E 473 -27.68 53.85 23.81
CA PHE E 473 -27.37 55.19 24.28
C PHE E 473 -26.35 55.20 25.41
N PHE E 474 -25.97 54.04 25.95
CA PHE E 474 -25.01 54.02 27.04
C PHE E 474 -23.63 54.50 26.59
N GLY E 475 -23.13 53.99 25.47
CA GLY E 475 -21.83 54.41 24.99
C GLY E 475 -20.64 53.79 25.69
N GLU E 476 -20.87 52.85 26.62
CA GLU E 476 -19.86 52.08 27.37
C GLU E 476 -18.76 52.95 27.96
N GLY E 477 -19.00 54.24 28.16
CA GLY E 477 -17.96 55.13 28.65
C GLY E 477 -17.68 55.00 30.14
N LYS E 478 -16.39 55.06 30.52
CA LYS E 478 -15.18 55.27 29.69
C LYS E 478 -15.24 56.47 28.72
N GLU E 479 -15.75 57.60 29.20
CA GLU E 479 -15.89 58.78 28.36
C GLU E 479 -15.44 60.01 29.12
N THR E 480 -14.76 60.92 28.42
CA THR E 480 -14.07 62.02 29.09
C THR E 480 -15.05 62.88 29.87
N ASN E 481 -16.09 63.39 29.21
CA ASN E 481 -17.12 64.16 29.88
C ASN E 481 -18.47 63.49 29.63
N ARG E 482 -19.16 63.19 30.72
CA ARG E 482 -20.48 62.59 30.69
C ARG E 482 -21.40 63.57 31.38
N ASP E 483 -22.53 63.90 30.74
CA ASP E 483 -23.45 64.79 31.44
C ASP E 483 -24.00 64.02 32.62
N GLU E 484 -23.16 63.80 33.64
CA GLU E 484 -23.45 62.80 34.65
C GLU E 484 -24.71 63.14 35.44
N SER E 485 -25.16 64.39 35.38
CA SER E 485 -26.52 64.71 35.83
C SER E 485 -27.55 63.93 35.02
N PHE E 486 -27.34 63.83 33.70
CA PHE E 486 -28.24 63.04 32.87
C PHE E 486 -28.08 61.55 33.16
N TYR E 487 -26.85 61.04 33.09
CA TYR E 487 -26.67 59.59 33.14
C TYR E 487 -27.06 59.02 34.50
N GLY E 488 -26.79 59.76 35.58
CA GLY E 488 -27.15 59.25 36.90
C GLY E 488 -28.63 58.92 37.00
N ASP E 489 -29.49 59.80 36.47
CA ASP E 489 -30.90 59.48 36.33
C ASP E 489 -31.10 58.29 35.41
N PHE E 490 -30.40 58.29 34.27
CA PHE E 490 -30.58 57.26 33.27
C PHE E 490 -30.22 55.88 33.80
N VAL E 491 -29.10 55.77 34.52
CA VAL E 491 -28.72 54.47 35.10
C VAL E 491 -29.75 54.00 36.12
N LEU E 492 -30.33 54.93 36.88
CA LEU E 492 -31.33 54.56 37.87
C LEU E 492 -32.52 53.84 37.23
N ALA E 493 -33.01 54.38 36.12
CA ALA E 493 -34.14 53.76 35.43
C ALA E 493 -33.73 52.48 34.72
N TYR E 494 -32.68 52.56 33.88
CA TYR E 494 -32.37 51.44 32.98
C TYR E 494 -32.05 50.16 33.74
N ASP E 495 -31.33 50.26 34.86
CA ASP E 495 -31.04 49.06 35.63
C ASP E 495 -32.31 48.39 36.13
N ILE E 496 -33.37 49.17 36.33
CA ILE E 496 -34.63 48.60 36.78
C ILE E 496 -35.46 48.07 35.61
N LEU E 497 -35.40 48.73 34.45
CA LEU E 497 -35.95 48.16 33.24
C LEU E 497 -35.20 46.91 32.81
N LEU E 498 -33.97 46.73 33.27
CA LEU E 498 -33.20 45.52 32.98
C LEU E 498 -33.75 44.31 33.71
N LYS E 499 -34.73 44.50 34.61
CA LYS E 499 -35.33 43.39 35.33
C LYS E 499 -36.21 42.55 34.41
N VAL E 500 -36.72 43.14 33.33
CA VAL E 500 -37.58 42.41 32.40
C VAL E 500 -36.80 41.29 31.71
N ASP E 501 -35.48 41.46 31.56
CA ASP E 501 -34.70 40.49 30.81
C ASP E 501 -34.70 39.13 31.48
N HIS E 502 -34.79 39.10 32.81
CA HIS E 502 -34.94 37.83 33.51
C HIS E 502 -36.35 37.26 33.33
N ILE E 503 -37.36 38.13 33.22
CA ILE E 503 -38.73 37.66 33.11
C ILE E 503 -39.03 37.18 31.70
N TYR E 504 -38.54 37.91 30.68
CA TYR E 504 -38.60 37.41 29.31
C TYR E 504 -37.97 36.03 29.20
N ASP E 505 -36.89 35.80 29.96
CA ASP E 505 -36.26 34.49 29.99
C ASP E 505 -37.15 33.46 30.69
N ALA E 506 -37.44 33.67 31.97
CA ALA E 506 -38.13 32.67 32.78
C ALA E 506 -39.50 32.33 32.21
N ILE E 507 -40.22 33.33 31.70
CA ILE E 507 -41.56 33.08 31.16
C ILE E 507 -41.47 32.26 29.87
N ARG E 508 -40.57 32.66 28.96
CA ARG E 508 -40.35 31.87 27.74
C ARG E 508 -40.09 30.41 28.07
N ASN E 509 -39.39 30.15 29.18
CA ASN E 509 -39.04 28.79 29.55
C ASN E 509 -40.20 28.04 30.20
N TYR E 510 -41.22 28.76 30.67
CA TYR E 510 -42.42 28.11 31.18
C TYR E 510 -43.45 27.89 30.07
N VAL E 511 -43.91 28.98 29.47
CA VAL E 511 -44.98 28.92 28.46
C VAL E 511 -44.68 27.88 27.39
N THR E 512 -43.42 27.82 26.94
CA THR E 512 -43.06 27.01 25.78
C THR E 512 -42.77 25.56 26.12
N GLN E 513 -43.11 25.09 27.32
CA GLN E 513 -42.83 23.71 27.69
C GLN E 513 -44.07 22.85 27.43
N LYS E 514 -43.84 21.64 26.94
CA LYS E 514 -44.92 20.79 26.46
C LYS E 514 -45.97 20.58 27.55
N PRO E 515 -47.25 20.58 27.21
CA PRO E 515 -48.29 20.48 28.24
C PRO E 515 -48.24 19.13 28.94
N TYR E 516 -48.82 19.09 30.14
CA TYR E 516 -48.87 17.85 30.90
C TYR E 516 -49.78 16.86 30.19
N SER E 517 -49.27 15.64 30.01
CA SER E 517 -50.00 14.57 29.34
C SER E 517 -49.74 13.27 30.07
N LYS E 518 -50.75 12.42 30.12
CA LYS E 518 -50.70 11.20 30.92
C LYS E 518 -50.19 10.05 30.05
N ASP E 519 -48.98 9.58 30.36
CA ASP E 519 -48.40 8.46 29.65
C ASP E 519 -49.18 7.19 29.96
N LYS E 520 -49.20 6.27 29.01
CA LYS E 520 -49.79 4.96 29.29
C LYS E 520 -49.02 4.29 30.43
N PHE E 521 -49.71 3.40 31.13
CA PHE E 521 -49.11 2.70 32.27
C PHE E 521 -49.27 1.19 32.10
N LYS E 522 -48.20 0.47 32.40
CA LYS E 522 -48.23 -0.99 32.33
C LYS E 522 -49.29 -1.55 33.26
N LEU E 523 -49.99 -2.59 32.79
CA LEU E 523 -50.88 -3.34 33.65
C LEU E 523 -50.12 -4.53 34.24
N TYR E 524 -50.32 -4.76 35.53
CA TYR E 524 -49.71 -5.87 36.24
C TYR E 524 -50.71 -6.87 36.80
N PHE E 525 -51.93 -6.46 37.08
CA PHE E 525 -52.94 -7.32 37.69
C PHE E 525 -52.38 -8.01 38.93
N GLN E 526 -51.73 -7.20 39.78
CA GLN E 526 -51.21 -7.65 41.07
C GLN E 526 -50.23 -8.81 40.91
N ASN E 527 -49.45 -8.80 39.84
CA ASN E 527 -48.36 -9.76 39.70
C ASN E 527 -47.11 -9.06 39.20
N PRO E 528 -46.00 -9.18 39.92
CA PRO E 528 -44.77 -8.47 39.50
C PRO E 528 -44.25 -8.92 38.14
N GLN E 529 -44.38 -10.20 37.81
CA GLN E 529 -43.94 -10.73 36.53
C GLN E 529 -45.12 -11.11 35.63
N PHE E 530 -46.19 -10.32 35.70
CA PHE E 530 -47.42 -10.63 34.99
C PHE E 530 -47.17 -10.81 33.49
N MET E 531 -47.61 -11.94 32.96
CA MET E 531 -47.58 -12.23 31.52
C MET E 531 -46.15 -12.23 30.98
N GLY E 532 -45.20 -12.66 31.80
CA GLY E 532 -43.81 -12.72 31.35
C GLY E 532 -43.58 -13.76 30.27
N GLY E 533 -44.19 -14.93 30.41
CA GLY E 533 -43.94 -16.03 29.51
C GLY E 533 -45.19 -16.85 29.31
N TRP E 534 -45.20 -17.61 28.21
CA TRP E 534 -46.41 -18.31 27.77
C TRP E 534 -46.42 -19.79 28.07
N ASP E 535 -45.35 -20.34 28.66
CA ASP E 535 -45.29 -21.77 28.89
C ASP E 535 -46.49 -22.25 29.71
N LYS E 536 -47.07 -23.38 29.29
CA LYS E 536 -48.26 -23.88 29.96
C LYS E 536 -47.97 -24.21 31.42
N ASP E 537 -46.75 -24.65 31.74
CA ASP E 537 -46.40 -24.95 33.12
C ASP E 537 -46.46 -23.69 33.99
N LYS E 538 -46.18 -22.53 33.40
CA LYS E 538 -46.18 -21.26 34.12
C LYS E 538 -47.50 -20.51 34.03
N GLU E 539 -48.53 -21.07 33.38
CA GLU E 539 -49.77 -20.32 33.18
C GLU E 539 -50.37 -19.88 34.51
N THR E 540 -50.28 -20.74 35.54
CA THR E 540 -50.69 -20.34 36.87
C THR E 540 -49.80 -19.23 37.43
N ASP E 541 -48.48 -19.33 37.19
CA ASP E 541 -47.55 -18.37 37.76
C ASP E 541 -47.75 -16.97 37.19
N TYR E 542 -47.72 -16.84 35.86
CA TYR E 542 -47.88 -15.54 35.23
C TYR E 542 -49.32 -15.07 35.22
N ARG E 543 -50.27 -15.97 34.97
CA ARG E 543 -51.72 -15.74 35.06
C ARG E 543 -52.31 -15.09 33.82
N ALA E 544 -51.69 -15.23 32.65
CA ALA E 544 -52.32 -14.79 31.42
C ALA E 544 -51.90 -15.69 30.27
N THR E 545 -52.87 -16.04 29.42
CA THR E 545 -52.62 -16.93 28.29
C THR E 545 -53.59 -16.57 27.16
N ILE E 546 -53.34 -17.14 25.98
CA ILE E 546 -54.03 -16.76 24.76
C ILE E 546 -55.13 -17.76 24.45
N LEU E 547 -56.19 -17.28 23.79
CA LEU E 547 -57.31 -18.11 23.37
C LEU E 547 -57.68 -17.78 21.93
N ARG E 548 -58.43 -18.69 21.32
CA ARG E 548 -58.75 -18.60 19.90
C ARG E 548 -60.16 -19.14 19.66
N TYR E 549 -60.97 -18.37 18.94
CA TYR E 549 -62.32 -18.77 18.54
C TYR E 549 -62.46 -18.56 17.04
N GLY E 550 -61.79 -19.41 16.27
CA GLY E 550 -61.79 -19.28 14.83
C GLY E 550 -60.78 -18.26 14.35
N SER E 551 -61.28 -17.21 13.70
CA SER E 551 -60.44 -16.18 13.12
C SER E 551 -60.11 -15.07 14.12
N LYS E 552 -60.42 -15.25 15.39
CA LYS E 552 -60.27 -14.22 16.40
C LYS E 552 -59.45 -14.75 17.56
N TYR E 553 -58.39 -14.03 17.93
CA TYR E 553 -57.57 -14.37 19.08
C TYR E 553 -57.87 -13.42 20.25
N TYR E 554 -57.93 -14.00 21.43
CA TYR E 554 -58.22 -13.28 22.66
C TYR E 554 -57.03 -13.43 23.62
N LEU E 555 -57.02 -12.57 24.65
CA LEU E 555 -56.05 -12.64 25.73
C LEU E 555 -56.80 -12.81 27.04
N ALA E 556 -56.69 -13.99 27.65
CA ALA E 556 -57.35 -14.27 28.91
C ALA E 556 -56.39 -14.02 30.06
N ILE E 557 -56.87 -13.35 31.10
CA ILE E 557 -56.07 -13.01 32.28
C ILE E 557 -56.84 -13.44 33.51
N MET E 558 -56.22 -14.28 34.34
CA MET E 558 -56.87 -14.86 35.51
C MET E 558 -56.55 -14.04 36.74
N ASP E 559 -57.60 -13.62 37.45
CA ASP E 559 -57.45 -12.79 38.64
C ASP E 559 -56.64 -13.53 39.70
N LYS E 560 -56.00 -12.73 40.57
CA LYS E 560 -55.14 -13.27 41.62
C LYS E 560 -55.90 -14.23 42.54
N LYS E 561 -57.18 -13.95 42.80
CA LYS E 561 -57.96 -14.76 43.73
C LYS E 561 -58.18 -16.18 43.21
N TYR E 562 -58.30 -16.33 41.89
CA TYR E 562 -58.56 -17.63 41.26
C TYR E 562 -57.45 -17.90 40.25
N ALA E 563 -56.26 -18.24 40.76
CA ALA E 563 -55.09 -18.41 39.91
C ALA E 563 -55.22 -19.61 38.99
N LYS E 564 -55.84 -20.69 39.46
CA LYS E 564 -55.88 -21.96 38.73
C LYS E 564 -57.24 -22.20 38.07
N CYS E 565 -57.96 -21.13 37.72
CA CYS E 565 -59.35 -21.29 37.28
C CYS E 565 -59.45 -21.98 35.92
N LEU E 566 -58.62 -21.58 34.96
CA LEU E 566 -58.69 -22.16 33.62
C LEU E 566 -58.09 -23.55 33.52
N GLN E 567 -57.50 -24.07 34.60
CA GLN E 567 -56.89 -25.40 34.54
C GLN E 567 -57.92 -26.51 34.60
N LYS E 568 -59.01 -26.31 35.34
CA LYS E 568 -60.03 -27.32 35.57
C LYS E 568 -61.05 -27.44 34.44
N ILE E 569 -60.87 -26.72 33.33
CA ILE E 569 -61.84 -26.74 32.25
C ILE E 569 -61.57 -27.91 31.33
N ASP E 570 -62.64 -28.55 30.86
CA ASP E 570 -62.54 -29.68 29.95
C ASP E 570 -63.38 -29.40 28.70
N LYS E 571 -63.17 -30.24 27.68
CA LYS E 571 -63.87 -30.08 26.41
C LYS E 571 -65.37 -30.29 26.58
N ASP E 572 -66.15 -29.51 25.84
CA ASP E 572 -67.58 -29.72 25.72
C ASP E 572 -67.84 -30.28 24.32
N ASP E 573 -68.35 -31.51 24.26
CA ASP E 573 -68.48 -32.19 22.98
C ASP E 573 -69.45 -31.48 22.04
N VAL E 574 -70.59 -31.04 22.54
CA VAL E 574 -71.68 -30.52 21.71
C VAL E 574 -71.69 -29.00 21.66
N ASN E 575 -71.65 -28.34 22.81
CA ASN E 575 -71.73 -26.90 22.85
C ASN E 575 -70.36 -26.28 22.55
N GLY E 576 -70.36 -24.98 22.29
CA GLY E 576 -69.20 -24.33 21.73
C GLY E 576 -67.97 -24.42 22.63
N ASN E 577 -66.80 -24.51 21.99
CA ASN E 577 -65.52 -24.61 22.67
C ASN E 577 -64.57 -23.54 22.14
N TYR E 578 -63.66 -23.10 23.00
CA TYR E 578 -62.52 -22.30 22.58
C TYR E 578 -61.35 -23.19 22.23
N GLU E 579 -60.40 -22.63 21.48
CA GLU E 579 -59.09 -23.23 21.32
C GLU E 579 -58.14 -22.57 22.31
N LYS E 580 -57.56 -23.37 23.20
CA LYS E 580 -56.68 -22.88 24.24
C LYS E 580 -55.25 -23.29 23.92
N ILE E 581 -54.32 -22.37 24.15
CA ILE E 581 -52.93 -22.59 23.73
C ILE E 581 -52.25 -23.62 24.64
N ASN E 582 -51.21 -24.25 24.09
CA ASN E 582 -50.39 -25.22 24.81
C ASN E 582 -48.93 -24.88 24.48
N TYR E 583 -48.50 -23.70 24.92
CA TYR E 583 -47.17 -23.20 24.63
C TYR E 583 -46.12 -23.94 25.47
N LYS E 584 -45.04 -24.35 24.82
CA LYS E 584 -43.93 -25.04 25.46
C LYS E 584 -42.63 -24.52 24.88
N LEU E 585 -41.70 -24.11 25.76
CA LEU E 585 -40.48 -23.45 25.31
C LEU E 585 -39.34 -23.78 26.26
N LEU E 586 -38.14 -23.90 25.68
CA LEU E 586 -36.91 -24.18 26.42
C LEU E 586 -35.92 -23.09 26.04
N PRO E 587 -36.00 -21.93 26.70
CA PRO E 587 -35.08 -20.85 26.37
C PRO E 587 -33.67 -21.14 26.90
N GLY E 588 -32.67 -20.77 26.10
CA GLY E 588 -31.30 -20.84 26.53
C GLY E 588 -30.86 -22.23 26.94
N PRO E 589 -30.66 -23.11 25.95
CA PRO E 589 -30.17 -24.46 26.28
C PRO E 589 -28.90 -24.44 27.11
N ASN E 590 -27.98 -23.53 26.78
CA ASN E 590 -26.77 -23.36 27.58
C ASN E 590 -27.10 -22.88 28.99
N LYS E 591 -28.18 -22.12 29.16
CA LYS E 591 -28.54 -21.68 30.50
C LYS E 591 -29.35 -22.75 31.24
N MET E 592 -30.25 -23.44 30.55
CA MET E 592 -31.21 -24.31 31.23
C MET E 592 -30.71 -25.73 31.45
N LEU E 593 -29.87 -26.28 30.57
CA LEU E 593 -29.41 -27.65 30.76
C LEU E 593 -28.47 -27.81 31.96
N PRO E 594 -27.45 -26.96 32.14
CA PRO E 594 -26.61 -27.10 33.34
C PRO E 594 -27.31 -26.62 34.59
N LYS E 595 -28.16 -25.59 34.48
CA LYS E 595 -28.88 -25.11 35.65
C LYS E 595 -29.72 -26.22 36.28
N VAL E 596 -30.41 -27.01 35.47
CA VAL E 596 -31.29 -28.03 36.03
C VAL E 596 -30.51 -29.25 36.50
N PHE E 597 -29.55 -29.73 35.72
CA PHE E 597 -28.91 -30.99 36.03
C PHE E 597 -27.76 -30.87 37.02
N PHE E 598 -27.35 -29.64 37.35
CA PHE E 598 -26.45 -29.40 38.46
C PHE E 598 -27.14 -28.69 39.61
N SER E 599 -28.45 -28.50 39.53
CA SER E 599 -29.18 -27.82 40.59
C SER E 599 -29.34 -28.73 41.80
N LYS E 600 -29.55 -28.10 42.96
CA LYS E 600 -29.68 -28.84 44.21
C LYS E 600 -30.84 -29.83 44.16
N LYS E 601 -31.95 -29.46 43.51
CA LYS E 601 -33.13 -30.33 43.49
C LYS E 601 -32.86 -31.64 42.76
N TRP E 602 -32.20 -31.59 41.59
CA TRP E 602 -31.96 -32.79 40.78
C TRP E 602 -30.50 -33.21 40.71
N MET E 603 -29.59 -32.57 41.45
CA MET E 603 -28.18 -32.98 41.40
C MET E 603 -28.00 -34.41 41.89
N ALA E 604 -28.75 -34.80 42.92
CA ALA E 604 -28.73 -36.18 43.39
C ALA E 604 -29.43 -37.11 42.41
N TYR E 605 -30.60 -36.70 41.89
CA TYR E 605 -31.46 -37.60 41.14
C TYR E 605 -30.72 -38.17 39.92
N TYR E 606 -30.14 -37.30 39.12
CA TYR E 606 -29.19 -37.71 38.09
C TYR E 606 -27.84 -37.63 38.77
N ASN E 607 -27.17 -38.76 38.94
CA ASN E 607 -25.88 -38.74 39.61
C ASN E 607 -24.78 -38.57 38.58
N PRO E 608 -24.40 -37.34 38.23
CA PRO E 608 -23.39 -37.17 37.19
C PRO E 608 -22.08 -37.72 37.69
N SER E 609 -21.37 -38.44 36.82
CA SER E 609 -20.12 -39.02 37.27
C SER E 609 -19.21 -37.88 37.71
N GLU E 610 -18.38 -38.15 38.72
CA GLU E 610 -17.49 -37.10 39.22
C GLU E 610 -16.68 -36.50 38.08
N ASP E 611 -16.44 -37.29 37.03
CA ASP E 611 -15.78 -36.79 35.84
C ASP E 611 -16.55 -35.59 35.27
N ILE E 612 -17.87 -35.70 35.17
CA ILE E 612 -18.69 -34.64 34.58
C ILE E 612 -18.49 -33.32 35.32
N GLN E 613 -18.70 -33.32 36.64
CA GLN E 613 -18.68 -32.06 37.38
C GLN E 613 -17.33 -31.35 37.30
N LYS E 614 -16.25 -32.11 37.09
CA LYS E 614 -14.96 -31.48 36.88
C LYS E 614 -14.82 -30.93 35.46
N ILE E 615 -15.49 -31.57 34.50
CA ILE E 615 -15.44 -31.08 33.11
C ILE E 615 -16.12 -29.73 33.01
N TYR E 616 -17.31 -29.61 33.62
CA TYR E 616 -18.02 -28.34 33.61
C TYR E 616 -17.25 -27.28 34.38
N LYS E 617 -16.72 -27.64 35.55
CA LYS E 617 -15.98 -26.67 36.37
C LYS E 617 -14.70 -26.23 35.67
N ASN E 618 -13.98 -27.17 35.06
CA ASN E 618 -12.78 -26.83 34.29
C ASN E 618 -13.12 -26.26 32.92
N GLY E 619 -14.37 -26.35 32.49
CA GLY E 619 -14.78 -25.78 31.21
C GLY E 619 -14.09 -26.38 30.01
N THR E 620 -13.71 -27.66 30.08
CA THR E 620 -13.08 -28.32 28.94
C THR E 620 -14.04 -28.55 27.78
N PHE E 621 -15.36 -28.47 28.02
CA PHE E 621 -16.32 -28.62 26.94
C PHE E 621 -16.33 -27.40 26.02
N LYS E 622 -15.95 -26.23 26.54
CA LYS E 622 -15.88 -25.03 25.70
C LYS E 622 -14.65 -25.10 24.79
N LYS E 623 -14.82 -24.60 23.57
CA LYS E 623 -13.70 -24.53 22.64
C LYS E 623 -12.65 -23.55 23.13
N GLY E 624 -11.38 -23.90 22.98
CA GLY E 624 -10.29 -23.06 23.39
C GLY E 624 -9.08 -23.88 23.77
N ASP E 625 -8.20 -23.27 24.57
CA ASP E 625 -7.06 -24.01 25.12
C ASP E 625 -7.49 -25.01 26.19
N MET E 626 -8.62 -24.77 26.83
CA MET E 626 -9.19 -25.71 27.79
C MET E 626 -9.88 -26.88 27.11
N PHE E 627 -10.12 -26.79 25.81
CA PHE E 627 -11.06 -27.66 25.11
C PHE E 627 -10.57 -29.11 25.02
N ASN E 628 -11.48 -30.05 25.31
CA ASN E 628 -11.27 -31.48 25.08
C ASN E 628 -12.48 -32.04 24.34
N LEU E 629 -12.22 -32.95 23.40
CA LEU E 629 -13.30 -33.45 22.54
C LEU E 629 -14.15 -34.51 23.25
N ASN E 630 -13.51 -35.56 23.77
CA ASN E 630 -14.26 -36.65 24.39
C ASN E 630 -15.00 -36.16 25.64
N ASP E 631 -14.38 -35.26 26.40
CA ASP E 631 -15.07 -34.67 27.56
C ASP E 631 -16.35 -33.98 27.11
N CYS E 632 -16.29 -33.24 26.01
CA CYS E 632 -17.50 -32.64 25.45
C CYS E 632 -18.46 -33.74 25.00
N HIS E 633 -17.94 -34.80 24.39
CA HIS E 633 -18.79 -35.93 24.04
C HIS E 633 -19.50 -36.50 25.27
N LYS E 634 -18.78 -36.65 26.38
CA LYS E 634 -19.38 -37.23 27.57
C LYS E 634 -20.35 -36.27 28.24
N LEU E 635 -20.07 -34.96 28.19
CA LEU E 635 -21.03 -34.00 28.71
C LEU E 635 -22.33 -34.04 27.92
N ILE E 636 -22.22 -34.29 26.62
CA ILE E 636 -23.40 -34.32 25.77
C ILE E 636 -24.26 -35.53 26.13
N ASP E 637 -23.63 -36.68 26.39
CA ASP E 637 -24.38 -37.89 26.73
C ASP E 637 -25.10 -37.77 28.06
N PHE E 638 -24.49 -37.08 29.03
CA PHE E 638 -25.16 -36.87 30.31
C PHE E 638 -26.41 -36.03 30.12
N PHE E 639 -26.28 -34.94 29.37
CA PHE E 639 -27.43 -34.09 29.10
C PHE E 639 -28.48 -34.84 28.28
N LYS E 640 -28.05 -35.64 27.30
CA LYS E 640 -29.00 -36.41 26.52
C LYS E 640 -29.80 -37.39 27.38
N ASP E 641 -29.09 -38.21 28.17
CA ASP E 641 -29.76 -39.18 29.02
C ASP E 641 -30.68 -38.48 30.02
N SER E 642 -30.19 -37.41 30.64
CA SER E 642 -30.93 -36.75 31.71
C SER E 642 -32.21 -36.12 31.19
N ILE E 643 -32.23 -35.66 29.94
CA ILE E 643 -33.47 -35.15 29.35
C ILE E 643 -34.49 -36.27 29.18
N SER E 644 -34.06 -37.42 28.66
CA SER E 644 -34.96 -38.55 28.51
C SER E 644 -35.55 -38.99 29.84
N ARG E 645 -34.80 -38.78 30.93
CA ARG E 645 -35.30 -39.06 32.27
C ARG E 645 -36.08 -37.89 32.85
N TYR E 646 -35.92 -36.69 32.28
CA TYR E 646 -36.67 -35.52 32.71
C TYR E 646 -38.07 -35.55 32.12
N PRO E 647 -39.12 -35.51 32.94
CA PRO E 647 -40.48 -35.70 32.41
C PRO E 647 -41.04 -34.51 31.65
N LYS E 648 -40.99 -33.31 32.24
CA LYS E 648 -41.64 -32.14 31.63
C LYS E 648 -40.91 -31.64 30.40
N TRP E 649 -39.75 -32.19 30.09
CA TRP E 649 -39.01 -31.89 28.87
C TRP E 649 -39.16 -33.00 27.83
N SER E 650 -39.04 -34.26 28.24
CA SER E 650 -39.09 -35.38 27.31
C SER E 650 -40.47 -35.52 26.67
N ASN E 651 -41.52 -35.49 27.49
CA ASN E 651 -42.87 -35.64 26.97
C ASN E 651 -43.27 -34.42 26.14
N ALA E 652 -42.92 -33.22 26.60
CA ALA E 652 -43.38 -31.99 25.93
C ALA E 652 -42.82 -31.88 24.53
N TYR E 653 -41.56 -32.29 24.32
CA TYR E 653 -40.87 -32.12 23.06
C TYR E 653 -40.54 -33.47 22.46
N ASP E 654 -40.38 -33.51 21.14
CA ASP E 654 -39.93 -34.71 20.44
C ASP E 654 -38.49 -34.47 20.03
N PHE E 655 -37.57 -35.22 20.62
CA PHE E 655 -36.14 -34.92 20.55
C PHE E 655 -35.45 -35.90 19.61
N ASN E 656 -34.78 -35.36 18.60
CA ASN E 656 -33.89 -36.10 17.72
C ASN E 656 -32.51 -35.48 17.82
N PHE E 657 -31.55 -36.28 18.26
CA PHE E 657 -30.18 -35.81 18.45
C PHE E 657 -29.28 -36.64 17.55
N SER E 658 -28.52 -35.96 16.69
CA SER E 658 -27.54 -36.67 15.89
C SER E 658 -26.50 -37.29 16.80
N GLU E 659 -25.95 -38.42 16.37
CA GLU E 659 -24.97 -39.19 17.13
C GLU E 659 -23.94 -38.28 17.78
N THR E 660 -23.75 -38.44 19.10
CA THR E 660 -22.83 -37.59 19.83
C THR E 660 -21.44 -37.58 19.19
N GLU E 661 -21.04 -38.69 18.56
CA GLU E 661 -19.77 -38.79 17.88
C GLU E 661 -19.67 -37.90 16.65
N LYS E 662 -20.74 -37.19 16.28
CA LYS E 662 -20.75 -36.33 15.11
C LYS E 662 -20.64 -34.85 15.46
N TYR E 663 -21.02 -34.46 16.67
CA TYR E 663 -20.86 -33.07 17.11
C TYR E 663 -19.39 -32.67 17.11
N LYS E 664 -19.14 -31.44 16.65
CA LYS E 664 -17.79 -30.87 16.69
C LYS E 664 -17.57 -29.92 17.86
N ASP E 665 -18.65 -29.35 18.42
CA ASP E 665 -18.55 -28.55 19.63
C ASP E 665 -19.85 -28.67 20.40
N ILE E 666 -19.79 -28.30 21.68
CA ILE E 666 -20.99 -28.29 22.51
C ILE E 666 -22.03 -27.30 21.97
N ALA E 667 -21.59 -26.31 21.20
CA ALA E 667 -22.54 -25.37 20.59
C ALA E 667 -23.47 -26.08 19.62
N GLY E 668 -22.95 -27.10 18.91
CA GLY E 668 -23.78 -27.83 17.98
C GLY E 668 -24.89 -28.60 18.66
N PHE E 669 -24.64 -29.09 19.88
CA PHE E 669 -25.68 -29.82 20.60
C PHE E 669 -26.73 -28.87 21.17
N TYR E 670 -26.30 -27.80 21.84
CA TYR E 670 -27.24 -26.83 22.39
C TYR E 670 -28.19 -26.31 21.33
N ARG E 671 -27.71 -26.25 20.07
CA ARG E 671 -28.53 -25.77 18.97
C ARG E 671 -29.70 -26.70 18.69
N GLU E 672 -29.44 -28.02 18.70
CA GLU E 672 -30.51 -28.95 18.38
C GLU E 672 -31.63 -28.87 19.40
N VAL E 673 -31.30 -28.80 20.69
CA VAL E 673 -32.32 -28.64 21.72
C VAL E 673 -33.08 -27.33 21.49
N GLU E 674 -32.36 -26.26 21.16
CA GLU E 674 -33.01 -24.99 20.88
C GLU E 674 -33.93 -25.08 19.67
N GLU E 675 -33.51 -25.82 18.64
CA GLU E 675 -34.33 -25.93 17.43
C GLU E 675 -35.64 -26.66 17.70
N GLN E 676 -35.60 -27.78 18.43
CA GLN E 676 -36.80 -28.54 18.77
C GLN E 676 -37.39 -28.21 20.15
N GLY E 677 -36.75 -27.35 20.93
CA GLY E 677 -37.31 -27.07 22.25
C GLY E 677 -38.46 -26.10 22.25
N TYR E 678 -39.19 -25.97 21.15
CA TYR E 678 -40.36 -25.09 21.08
C TYR E 678 -41.43 -25.81 20.28
N LYS E 679 -42.58 -26.03 20.90
CA LYS E 679 -43.73 -26.65 20.25
C LYS E 679 -44.97 -25.92 20.70
N VAL E 680 -45.76 -25.43 19.75
CA VAL E 680 -46.99 -24.72 20.04
C VAL E 680 -48.15 -25.57 19.55
N SER E 681 -49.13 -25.76 20.43
CA SER E 681 -50.26 -26.64 20.17
C SER E 681 -51.47 -26.02 20.83
N PHE E 682 -52.64 -26.55 20.50
CA PHE E 682 -53.90 -26.04 21.02
C PHE E 682 -54.73 -27.18 21.60
N GLU E 683 -55.63 -26.83 22.51
CA GLU E 683 -56.59 -27.75 23.09
C GLU E 683 -57.97 -27.11 23.05
N SER E 684 -58.98 -27.91 23.37
CA SER E 684 -60.37 -27.46 23.38
C SER E 684 -60.79 -27.20 24.81
N ALA E 685 -61.43 -26.05 25.04
CA ALA E 685 -61.93 -25.68 26.35
C ALA E 685 -63.28 -25.01 26.18
N SER E 686 -64.24 -25.39 27.02
CA SER E 686 -65.65 -25.03 26.81
C SER E 686 -65.83 -23.52 26.76
N LYS E 687 -66.55 -23.06 25.74
CA LYS E 687 -66.91 -21.64 25.66
C LYS E 687 -67.88 -21.24 26.77
N LYS E 688 -68.89 -22.07 27.02
CA LYS E 688 -69.92 -21.71 27.99
C LYS E 688 -69.35 -21.59 29.40
N GLU E 689 -68.29 -22.36 29.69
CA GLU E 689 -67.70 -22.33 31.01
C GLU E 689 -66.71 -21.17 31.15
N VAL E 690 -65.88 -20.94 30.13
CA VAL E 690 -64.98 -19.78 30.14
C VAL E 690 -65.77 -18.49 30.21
N ASP E 691 -66.82 -18.36 29.38
CA ASP E 691 -67.64 -17.16 29.40
C ASP E 691 -68.29 -16.97 30.77
N LYS E 692 -68.63 -18.07 31.44
CA LYS E 692 -69.11 -17.98 32.82
C LYS E 692 -68.01 -17.44 33.73
N LEU E 693 -66.75 -17.77 33.45
CA LEU E 693 -65.63 -17.27 34.24
C LEU E 693 -65.32 -15.80 33.96
N VAL E 694 -65.96 -15.19 32.97
CA VAL E 694 -65.75 -13.78 32.65
C VAL E 694 -66.81 -12.94 33.36
N GLU E 695 -68.08 -13.25 33.11
CA GLU E 695 -69.16 -12.56 33.82
C GLU E 695 -69.01 -12.66 35.33
N GLU E 696 -68.46 -13.77 35.82
CA GLU E 696 -68.24 -13.95 37.25
C GLU E 696 -67.10 -13.08 37.77
N GLY E 697 -66.25 -12.58 36.88
CA GLY E 697 -65.09 -11.82 37.31
C GLY E 697 -63.91 -12.68 37.71
N LYS E 698 -63.95 -13.98 37.42
CA LYS E 698 -62.85 -14.88 37.72
C LYS E 698 -61.75 -14.80 36.68
N LEU E 699 -62.06 -14.31 35.49
CA LEU E 699 -61.13 -14.26 34.36
C LEU E 699 -61.38 -13.00 33.56
N TYR E 700 -60.31 -12.27 33.26
CA TYR E 700 -60.40 -11.13 32.37
C TYR E 700 -59.93 -11.53 30.97
N MET E 701 -60.57 -10.96 29.96
CA MET E 701 -60.40 -11.45 28.59
C MET E 701 -60.55 -10.28 27.62
N PHE E 702 -59.55 -10.07 26.78
CA PHE E 702 -59.59 -9.06 25.74
C PHE E 702 -59.39 -9.70 24.37
N GLN E 703 -60.02 -9.14 23.35
CA GLN E 703 -59.76 -9.60 21.99
C GLN E 703 -58.55 -8.87 21.42
N ILE E 704 -57.61 -9.64 20.87
CA ILE E 704 -56.45 -9.08 20.19
C ILE E 704 -56.89 -8.61 18.81
N TYR E 705 -56.54 -7.38 18.45
CA TYR E 705 -57.21 -6.74 17.32
C TYR E 705 -56.34 -5.67 16.68
N ASN E 706 -56.43 -5.60 15.35
CA ASN E 706 -56.13 -4.42 14.57
C ASN E 706 -57.13 -4.38 13.42
N LYS E 707 -57.04 -3.36 12.57
CA LYS E 707 -58.10 -3.15 11.59
C LYS E 707 -58.20 -4.27 10.57
N ASP E 708 -57.12 -5.01 10.34
CA ASP E 708 -57.18 -6.17 9.44
C ASP E 708 -58.13 -7.23 9.97
N PHE E 709 -58.30 -7.30 11.30
CA PHE E 709 -59.15 -8.31 11.91
C PHE E 709 -60.63 -7.98 11.80
N SER E 710 -60.97 -6.80 11.29
CA SER E 710 -62.36 -6.41 11.14
C SER E 710 -63.03 -7.26 10.07
N ASP E 711 -64.34 -7.48 10.25
CA ASP E 711 -65.12 -8.22 9.26
C ASP E 711 -65.57 -7.35 8.11
N LYS E 712 -65.20 -6.08 8.12
CA LYS E 712 -65.50 -5.15 7.04
C LYS E 712 -64.31 -4.89 6.12
N SER E 713 -63.19 -5.55 6.35
CA SER E 713 -61.97 -5.34 5.58
C SER E 713 -61.78 -6.48 4.58
N HIS E 714 -61.67 -6.14 3.31
CA HIS E 714 -61.40 -7.11 2.25
C HIS E 714 -60.06 -6.86 1.58
N GLY E 715 -59.15 -6.20 2.28
CA GLY E 715 -57.92 -5.70 1.68
C GLY E 715 -56.68 -6.39 2.20
N THR E 716 -55.56 -6.17 1.50
CA THR E 716 -54.31 -6.84 1.85
C THR E 716 -53.89 -6.48 3.28
N PRO E 717 -53.53 -7.46 4.09
CA PRO E 717 -53.27 -7.18 5.51
C PRO E 717 -51.98 -6.39 5.71
N ASN E 718 -51.86 -5.83 6.91
CA ASN E 718 -50.61 -5.23 7.33
C ASN E 718 -49.54 -6.31 7.41
N LEU E 719 -48.29 -5.92 7.18
CA LEU E 719 -47.22 -6.92 7.20
C LEU E 719 -47.12 -7.57 8.56
N HIS E 720 -47.33 -6.80 9.63
CA HIS E 720 -47.33 -7.36 10.98
C HIS E 720 -48.55 -8.26 11.21
N THR E 721 -49.69 -7.94 10.58
CA THR E 721 -50.86 -8.80 10.71
C THR E 721 -50.57 -10.19 10.17
N MET E 722 -49.79 -10.29 9.10
CA MET E 722 -49.41 -11.59 8.55
C MET E 722 -48.61 -12.39 9.57
N TYR E 723 -47.60 -11.75 10.18
CA TYR E 723 -46.76 -12.44 11.16
C TYR E 723 -47.60 -13.09 12.25
N PHE E 724 -48.61 -12.38 12.74
CA PHE E 724 -49.45 -12.91 13.82
C PHE E 724 -50.14 -14.20 13.37
N LYS E 725 -50.68 -14.20 12.14
CA LYS E 725 -51.33 -15.39 11.62
C LYS E 725 -50.36 -16.57 11.50
N LEU E 726 -49.11 -16.30 11.08
CA LEU E 726 -48.16 -17.38 10.87
C LEU E 726 -47.73 -18.07 12.16
N LEU E 727 -47.70 -17.35 13.29
CA LEU E 727 -47.21 -17.96 14.52
C LEU E 727 -47.98 -19.22 14.87
N PHE E 728 -49.29 -19.22 14.61
CA PHE E 728 -50.15 -20.34 14.97
C PHE E 728 -50.55 -21.17 13.76
N ASP E 729 -50.17 -20.74 12.56
CA ASP E 729 -50.36 -21.56 11.37
C ASP E 729 -49.49 -22.81 11.44
N GLU E 730 -50.06 -23.94 11.03
CA GLU E 730 -49.35 -25.22 11.08
C GLU E 730 -48.25 -25.33 10.04
N ASN E 731 -48.20 -24.44 9.06
CA ASN E 731 -47.13 -24.45 8.06
C ASN E 731 -45.90 -23.67 8.50
N ASN E 732 -45.93 -23.07 9.70
CA ASN E 732 -44.76 -22.38 10.25
C ASN E 732 -43.98 -23.39 11.06
N HIS E 733 -42.91 -23.94 10.47
CA HIS E 733 -42.03 -24.87 11.17
C HIS E 733 -40.93 -24.11 11.91
N GLY E 734 -41.36 -23.24 12.80
CA GLY E 734 -40.45 -22.49 13.65
C GLY E 734 -39.84 -21.25 13.03
N GLN E 735 -40.32 -20.81 11.86
CA GLN E 735 -39.77 -19.61 11.25
C GLN E 735 -39.97 -18.40 12.16
N ILE E 736 -41.19 -18.21 12.65
CA ILE E 736 -41.53 -17.12 13.55
C ILE E 736 -42.00 -17.72 14.86
N ARG E 737 -41.38 -17.30 15.96
CA ARG E 737 -41.63 -17.87 17.27
C ARG E 737 -42.37 -16.85 18.12
N LEU E 738 -43.36 -17.32 18.87
CA LEU E 738 -44.01 -16.48 19.87
C LEU E 738 -43.10 -16.41 21.09
N SER E 739 -42.49 -15.25 21.31
CA SER E 739 -41.53 -15.08 22.39
C SER E 739 -42.20 -14.46 23.60
N GLY E 740 -41.53 -14.57 24.74
CA GLY E 740 -42.05 -14.05 25.99
C GLY E 740 -41.89 -12.54 26.10
N GLY E 741 -42.17 -12.04 27.28
CA GLY E 741 -41.92 -10.63 27.58
C GLY E 741 -43.01 -9.70 27.10
N ALA E 742 -44.23 -10.18 26.92
CA ALA E 742 -45.30 -9.30 26.50
C ALA E 742 -45.70 -8.36 27.62
N GLU E 743 -46.26 -7.21 27.23
CA GLU E 743 -46.72 -6.21 28.18
C GLU E 743 -48.10 -5.73 27.76
N LEU E 744 -48.89 -5.27 28.73
CA LEU E 744 -50.24 -4.79 28.50
C LEU E 744 -50.39 -3.41 29.15
N PHE E 745 -50.60 -2.39 28.33
CA PHE E 745 -50.65 -1.02 28.79
C PHE E 745 -52.09 -0.50 28.73
N MET E 746 -52.32 0.59 29.46
CA MET E 746 -53.57 1.33 29.39
C MET E 746 -53.26 2.78 29.05
N ARG E 747 -53.74 3.24 27.91
CA ARG E 747 -53.54 4.61 27.43
C ARG E 747 -54.89 5.31 27.52
N ARG E 748 -55.09 6.10 28.57
CA ARG E 748 -56.32 6.87 28.71
C ARG E 748 -56.48 7.85 27.56
N ALA E 749 -57.73 8.17 27.25
CA ALA E 749 -58.02 9.11 26.18
C ALA E 749 -57.34 10.45 26.45
N SER E 750 -56.83 11.06 25.39
CA SER E 750 -56.19 12.36 25.47
C SER E 750 -56.97 13.44 24.76
N LEU E 751 -58.07 13.09 24.09
CA LEU E 751 -58.91 14.05 23.39
C LEU E 751 -60.35 13.84 23.81
N LYS E 752 -61.15 14.89 23.69
CA LYS E 752 -62.56 14.85 23.99
C LYS E 752 -63.37 14.66 22.71
N LYS E 753 -64.39 13.82 22.79
CA LYS E 753 -65.20 13.49 21.62
C LYS E 753 -65.84 14.74 21.03
N GLU E 754 -66.30 15.65 21.89
CA GLU E 754 -66.97 16.86 21.41
C GLU E 754 -66.02 17.77 20.65
N GLU E 755 -64.72 17.71 20.95
CA GLU E 755 -63.72 18.61 20.39
C GLU E 755 -63.26 18.19 19.00
N LEU E 756 -63.62 17.00 18.54
CA LEU E 756 -63.01 16.41 17.36
C LEU E 756 -63.48 17.04 16.05
N VAL E 757 -62.62 16.98 15.05
CA VAL E 757 -62.99 17.32 13.67
C VAL E 757 -63.83 16.18 13.10
N VAL E 758 -65.07 16.48 12.72
CA VAL E 758 -66.01 15.46 12.26
C VAL E 758 -66.49 15.85 10.86
N HIS E 759 -66.47 14.88 9.95
CA HIS E 759 -67.08 15.04 8.63
C HIS E 759 -68.47 14.43 8.66
N PRO E 760 -69.54 15.23 8.65
CA PRO E 760 -70.87 14.69 8.93
C PRO E 760 -71.34 13.70 7.86
N ALA E 761 -72.02 12.66 8.33
CA ALA E 761 -72.56 11.65 7.43
C ALA E 761 -73.62 12.28 6.52
N ASN E 762 -73.65 11.83 5.27
CA ASN E 762 -74.62 12.19 4.23
C ASN E 762 -74.35 13.60 3.72
N SER E 763 -73.33 14.28 4.21
CA SER E 763 -72.89 15.57 3.71
C SER E 763 -71.54 15.39 3.03
N PRO E 764 -71.40 15.82 1.77
CA PRO E 764 -70.28 15.34 0.95
C PRO E 764 -68.93 15.87 1.42
N ILE E 765 -67.95 14.97 1.48
CA ILE E 765 -66.57 15.29 1.80
C ILE E 765 -65.81 15.40 0.48
N ALA E 766 -64.81 16.29 0.46
CA ALA E 766 -64.04 16.54 -0.75
C ALA E 766 -62.73 15.76 -0.72
N ASN E 767 -62.37 15.19 -1.86
CA ASN E 767 -61.15 14.39 -1.97
C ASN E 767 -60.00 15.24 -2.48
N LYS E 768 -58.81 14.99 -1.91
CA LYS E 768 -57.67 15.89 -2.07
C LYS E 768 -56.76 15.51 -3.23
N ASN E 769 -56.85 14.30 -3.76
CA ASN E 769 -55.98 13.90 -4.87
C ASN E 769 -56.47 14.51 -6.17
N PRO E 770 -55.68 15.37 -6.83
CA PRO E 770 -56.13 15.95 -8.10
C PRO E 770 -56.26 14.93 -9.24
N ASP E 771 -55.66 13.75 -9.11
CA ASP E 771 -55.79 12.73 -10.14
C ASP E 771 -56.99 11.82 -9.95
N ASN E 772 -57.37 11.52 -8.71
CA ASN E 772 -58.56 10.75 -8.38
C ASN E 772 -59.77 11.33 -9.09
N PRO E 773 -60.38 10.61 -10.04
CA PRO E 773 -61.51 11.17 -10.79
C PRO E 773 -62.81 11.26 -10.00
N LYS E 774 -62.83 10.84 -8.73
CA LYS E 774 -64.03 10.96 -7.89
C LYS E 774 -63.72 11.97 -6.80
N LYS E 775 -64.26 13.18 -6.94
CA LYS E 775 -63.91 14.31 -6.09
C LYS E 775 -64.78 14.42 -4.84
N THR E 776 -65.69 13.48 -4.61
CA THR E 776 -66.60 13.56 -3.48
C THR E 776 -66.82 12.17 -2.90
N THR E 777 -66.83 12.07 -1.57
CA THR E 777 -67.27 10.88 -0.87
C THR E 777 -68.42 11.24 0.06
N THR E 778 -69.54 10.56 -0.10
CA THR E 778 -70.72 10.77 0.74
C THR E 778 -70.92 9.48 1.54
N LEU E 779 -70.49 9.52 2.80
CA LEU E 779 -70.58 8.35 3.67
C LEU E 779 -71.79 8.47 4.58
N SER E 780 -72.35 7.32 4.94
CA SER E 780 -73.51 7.25 5.81
C SER E 780 -73.13 7.15 7.28
N TYR E 781 -71.92 7.59 7.64
CA TYR E 781 -71.42 7.48 9.00
C TYR E 781 -70.31 8.49 9.20
N ASP E 782 -70.13 8.95 10.44
CA ASP E 782 -69.26 10.06 10.74
C ASP E 782 -67.78 9.64 10.74
N VAL E 783 -66.92 10.59 10.42
CA VAL E 783 -65.48 10.39 10.40
C VAL E 783 -64.87 11.35 11.42
N TYR E 784 -64.49 10.82 12.59
CA TYR E 784 -63.82 11.60 13.61
C TYR E 784 -62.32 11.53 13.41
N LYS E 785 -61.67 12.69 13.32
CA LYS E 785 -60.21 12.72 13.25
C LYS E 785 -59.63 12.36 14.60
N ASP E 786 -58.64 11.45 14.59
CA ASP E 786 -57.96 11.01 15.80
C ASP E 786 -58.94 10.38 16.80
N LYS E 787 -59.89 9.60 16.30
CA LYS E 787 -60.85 8.94 17.17
C LYS E 787 -60.18 7.94 18.10
N ARG E 788 -59.04 7.38 17.69
CA ARG E 788 -58.34 6.40 18.52
C ARG E 788 -57.80 7.01 19.81
N PHE E 789 -57.73 8.33 19.91
CA PHE E 789 -57.33 8.99 21.14
C PHE E 789 -58.51 9.61 21.87
N SER E 790 -59.73 9.41 21.38
CA SER E 790 -60.93 9.94 22.01
C SER E 790 -61.61 8.93 22.92
N GLU E 791 -61.08 7.71 22.99
CA GLU E 791 -61.55 6.69 23.91
C GLU E 791 -60.35 6.02 24.55
N ASP E 792 -60.56 5.45 25.73
CA ASP E 792 -59.48 4.76 26.41
C ASP E 792 -59.14 3.47 25.68
N GLN E 793 -57.86 3.22 25.47
CA GLN E 793 -57.43 2.05 24.70
C GLN E 793 -56.49 1.17 25.51
N TYR E 794 -56.68 -0.13 25.38
CA TYR E 794 -55.75 -1.12 25.92
C TYR E 794 -54.67 -1.42 24.88
N GLU E 795 -53.47 -1.74 25.37
CA GLU E 795 -52.33 -1.97 24.49
C GLU E 795 -51.73 -3.33 24.81
N LEU E 796 -51.34 -4.06 23.77
CA LEU E 796 -50.67 -5.35 23.93
C LEU E 796 -49.44 -5.39 23.03
N HIS E 797 -48.28 -5.62 23.63
CA HIS E 797 -47.00 -5.62 22.92
C HIS E 797 -46.43 -7.02 22.99
N ILE E 798 -46.45 -7.72 21.86
CA ILE E 798 -46.10 -9.13 21.81
C ILE E 798 -44.79 -9.27 21.04
N PRO E 799 -43.67 -9.60 21.69
CA PRO E 799 -42.43 -9.86 20.95
C PRO E 799 -42.47 -11.18 20.23
N ILE E 800 -41.88 -11.20 19.03
CA ILE E 800 -41.70 -12.41 18.25
C ILE E 800 -40.23 -12.53 17.89
N ALA E 801 -39.82 -13.75 17.55
CA ALA E 801 -38.44 -14.06 17.21
C ALA E 801 -38.41 -14.74 15.84
N ILE E 802 -37.75 -14.09 14.89
CA ILE E 802 -37.67 -14.57 13.51
C ILE E 802 -36.36 -15.32 13.33
N ASN E 803 -36.45 -16.53 12.77
CA ASN E 803 -35.29 -17.37 12.47
C ASN E 803 -34.42 -17.60 13.70
N LYS E 804 -35.06 -17.98 14.80
CA LYS E 804 -34.33 -18.31 16.02
C LYS E 804 -33.31 -19.41 15.81
N CYS E 805 -33.58 -20.35 14.90
CA CYS E 805 -32.65 -21.41 14.55
C CYS E 805 -32.19 -21.20 13.11
N PRO E 806 -31.12 -20.43 12.88
CA PRO E 806 -30.68 -20.14 11.51
C PRO E 806 -30.00 -21.35 10.88
N LYS E 807 -30.56 -21.85 9.79
CA LYS E 807 -29.92 -22.92 9.02
C LYS E 807 -28.73 -22.38 8.24
N ASN E 808 -29.00 -21.62 7.18
CA ASN E 808 -27.95 -21.06 6.32
C ASN E 808 -26.98 -20.20 7.12
N ILE E 809 -25.76 -20.68 7.32
CA ILE E 809 -24.74 -19.97 8.08
C ILE E 809 -23.55 -19.77 7.15
N PHE E 810 -23.32 -18.54 6.74
CA PHE E 810 -22.10 -18.16 6.04
C PHE E 810 -21.92 -16.66 6.16
N LYS E 811 -20.81 -16.16 5.62
CA LYS E 811 -20.55 -14.73 5.59
C LYS E 811 -21.34 -14.10 4.46
N ILE E 812 -22.12 -13.08 4.78
CA ILE E 812 -23.05 -12.51 3.82
C ILE E 812 -22.33 -11.63 2.82
N ASN E 813 -21.44 -10.77 3.31
CA ASN E 813 -20.62 -9.94 2.44
C ASN E 813 -19.77 -10.79 1.51
N THR E 814 -19.44 -12.01 1.92
CA THR E 814 -18.73 -12.94 1.06
C THR E 814 -19.65 -13.57 0.03
N GLU E 815 -20.85 -14.00 0.46
CA GLU E 815 -21.77 -14.66 -0.45
C GLU E 815 -22.30 -13.71 -1.52
N VAL E 816 -22.40 -12.41 -1.22
CA VAL E 816 -22.75 -11.45 -2.25
C VAL E 816 -21.62 -11.35 -3.27
N ARG E 817 -20.37 -11.37 -2.80
CA ARG E 817 -19.23 -11.31 -3.70
C ARG E 817 -19.12 -12.55 -4.56
N VAL E 818 -19.51 -13.71 -4.03
CA VAL E 818 -19.42 -14.95 -4.81
C VAL E 818 -20.37 -14.92 -6.00
N LEU E 819 -21.57 -14.39 -5.80
CA LEU E 819 -22.55 -14.34 -6.89
C LEU E 819 -22.33 -13.18 -7.83
N LEU E 820 -21.66 -12.11 -7.38
CA LEU E 820 -21.28 -11.05 -8.31
C LEU E 820 -20.16 -11.50 -9.23
N LYS E 821 -19.33 -12.43 -8.78
CA LYS E 821 -18.30 -13.00 -9.64
C LYS E 821 -18.88 -13.83 -10.76
N HIS E 822 -20.14 -14.26 -10.63
CA HIS E 822 -20.72 -15.21 -11.57
C HIS E 822 -21.98 -14.71 -12.27
N ASP E 823 -22.45 -13.50 -11.95
CA ASP E 823 -23.59 -12.92 -12.66
C ASP E 823 -23.13 -12.29 -13.97
N ASP E 824 -23.81 -12.63 -15.07
CA ASP E 824 -23.40 -12.14 -16.37
C ASP E 824 -23.79 -10.68 -16.56
N ASN E 825 -25.06 -10.34 -16.29
CA ASN E 825 -25.57 -8.98 -16.38
C ASN E 825 -26.06 -8.56 -14.99
N PRO E 826 -25.16 -8.14 -14.11
CA PRO E 826 -25.59 -7.66 -12.80
C PRO E 826 -26.04 -6.21 -12.86
N TYR E 827 -26.99 -5.89 -11.99
CA TYR E 827 -27.57 -4.55 -11.93
C TYR E 827 -27.13 -3.86 -10.63
N VAL E 828 -26.99 -2.55 -10.69
CA VAL E 828 -26.58 -1.76 -9.53
C VAL E 828 -27.52 -0.58 -9.38
N ILE E 829 -27.99 -0.35 -8.15
CA ILE E 829 -28.82 0.80 -7.84
C ILE E 829 -27.93 1.92 -7.29
N GLY E 830 -28.16 3.14 -7.76
CA GLY E 830 -27.39 4.28 -7.31
C GLY E 830 -28.25 5.34 -6.64
N ILE E 831 -27.94 5.65 -5.38
CA ILE E 831 -28.75 6.55 -4.56
C ILE E 831 -27.87 7.70 -4.11
N ASP E 832 -28.26 8.93 -4.48
CA ASP E 832 -27.45 10.12 -4.29
C ASP E 832 -28.23 11.15 -3.52
N ARG E 833 -27.60 11.71 -2.48
CA ARG E 833 -28.22 12.70 -1.62
C ARG E 833 -28.03 14.10 -2.21
N GLY E 834 -28.88 15.02 -1.76
CA GLY E 834 -28.78 16.40 -2.22
C GLY E 834 -29.66 17.30 -1.40
N GLU E 835 -29.52 18.60 -1.65
CA GLU E 835 -30.41 19.60 -1.06
C GLU E 835 -31.48 20.08 -2.01
N ARG E 836 -31.28 19.92 -3.33
CA ARG E 836 -32.31 20.26 -4.31
C ARG E 836 -33.20 19.06 -4.63
N ASN E 837 -32.62 17.86 -4.68
CA ASN E 837 -33.37 16.61 -4.70
C ASN E 837 -32.98 15.82 -3.46
N LEU E 838 -33.98 15.47 -2.64
CA LEU E 838 -33.71 14.70 -1.43
C LEU E 838 -32.96 13.42 -1.73
N LEU E 839 -33.41 12.70 -2.75
CA LEU E 839 -32.79 11.44 -3.14
C LEU E 839 -32.99 11.26 -4.63
N TYR E 840 -31.93 10.80 -5.31
CA TYR E 840 -31.99 10.52 -6.74
C TYR E 840 -31.49 9.09 -7.00
N ILE E 841 -32.29 8.33 -7.72
CA ILE E 841 -32.01 6.93 -8.02
C ILE E 841 -31.52 6.82 -9.46
N VAL E 842 -30.50 5.98 -9.67
CA VAL E 842 -30.02 5.63 -11.00
C VAL E 842 -29.73 4.14 -11.00
N VAL E 843 -30.33 3.41 -11.96
CA VAL E 843 -30.17 1.96 -12.07
C VAL E 843 -29.41 1.66 -13.35
N VAL E 844 -28.38 0.83 -13.24
CA VAL E 844 -27.51 0.51 -14.36
C VAL E 844 -27.31 -1.00 -14.43
N ASP E 845 -27.00 -1.49 -15.62
CA ASP E 845 -26.75 -2.91 -15.85
C ASP E 845 -25.25 -3.19 -15.76
N GLY E 846 -24.86 -4.42 -16.09
CA GLY E 846 -23.47 -4.84 -16.00
C GLY E 846 -22.54 -4.15 -16.98
N LYS E 847 -23.08 -3.41 -17.95
CA LYS E 847 -22.27 -2.69 -18.93
C LYS E 847 -22.28 -1.19 -18.68
N GLY E 848 -22.85 -0.72 -17.57
CA GLY E 848 -22.94 0.70 -17.32
C GLY E 848 -24.09 1.39 -18.02
N ASN E 849 -25.03 0.64 -18.57
CA ASN E 849 -26.17 1.22 -19.28
C ASN E 849 -27.26 1.63 -18.30
N ILE E 850 -27.86 2.79 -18.57
CA ILE E 850 -28.94 3.29 -17.73
C ILE E 850 -30.24 2.61 -18.12
N VAL E 851 -30.91 2.02 -17.14
CA VAL E 851 -32.25 1.49 -17.36
C VAL E 851 -33.27 2.44 -16.74
N GLU E 852 -32.88 3.10 -15.65
CA GLU E 852 -33.82 3.94 -14.94
C GLU E 852 -33.07 5.05 -14.21
N GLN E 853 -33.67 6.24 -14.20
CA GLN E 853 -33.20 7.35 -13.38
C GLN E 853 -34.38 8.27 -13.13
N TYR E 854 -34.73 8.48 -11.86
CA TYR E 854 -35.76 9.45 -11.51
C TYR E 854 -35.49 10.02 -10.13
N SER E 855 -35.89 11.27 -9.95
CA SER E 855 -35.78 11.92 -8.65
C SER E 855 -36.83 11.37 -7.68
N LEU E 856 -36.52 11.46 -6.39
CA LEU E 856 -37.43 11.00 -5.35
C LEU E 856 -37.96 12.16 -4.50
N ASN E 857 -37.95 13.37 -5.04
CA ASN E 857 -38.65 14.48 -4.39
C ASN E 857 -40.12 14.17 -4.22
N GLU E 858 -40.72 13.47 -5.18
CA GLU E 858 -42.13 13.14 -5.16
C GLU E 858 -42.31 11.63 -5.25
N ILE E 859 -43.21 11.10 -4.43
CA ILE E 859 -43.54 9.68 -4.44
C ILE E 859 -44.74 9.48 -5.35
N ILE E 860 -44.63 8.53 -6.27
CA ILE E 860 -45.70 8.24 -7.23
C ILE E 860 -46.13 6.80 -7.05
N ASN E 861 -47.44 6.60 -6.84
CA ASN E 861 -48.04 5.28 -6.69
C ASN E 861 -49.32 5.21 -7.50
N ASN E 862 -49.59 4.04 -8.08
CA ASN E 862 -50.86 3.76 -8.74
C ASN E 862 -51.50 2.54 -8.09
N PHE E 863 -52.78 2.65 -7.75
CA PHE E 863 -53.59 1.52 -7.34
C PHE E 863 -54.87 1.53 -8.16
N ASN E 864 -55.10 0.48 -8.95
CA ASN E 864 -56.30 0.33 -9.77
C ASN E 864 -56.50 1.53 -10.70
N GLY E 865 -55.40 1.97 -11.31
CA GLY E 865 -55.52 3.06 -12.26
C GLY E 865 -55.73 4.41 -11.61
N ILE E 866 -55.64 4.50 -10.29
CA ILE E 866 -55.77 5.76 -9.58
C ILE E 866 -54.36 6.17 -9.21
N ARG E 867 -53.85 7.20 -9.87
CA ARG E 867 -52.50 7.68 -9.59
C ARG E 867 -52.55 8.74 -8.50
N ILE E 868 -51.56 8.72 -7.61
CA ILE E 868 -51.44 9.72 -6.57
C ILE E 868 -49.95 10.05 -6.43
N LYS E 869 -49.60 11.31 -6.66
CA LYS E 869 -48.23 11.79 -6.60
C LYS E 869 -48.11 12.79 -5.47
N THR E 870 -47.37 12.43 -4.43
CA THR E 870 -47.20 13.25 -3.24
C THR E 870 -45.83 13.90 -3.24
N ASP E 871 -45.80 15.23 -3.10
CA ASP E 871 -44.56 16.00 -3.13
C ASP E 871 -43.96 16.06 -1.73
N TYR E 872 -43.48 14.90 -1.27
CA TYR E 872 -42.96 14.77 0.09
C TYR E 872 -41.85 15.78 0.38
N HIS E 873 -41.12 16.22 -0.64
CA HIS E 873 -40.09 17.24 -0.43
C HIS E 873 -40.71 18.58 -0.05
N SER E 874 -41.85 18.91 -0.65
CA SER E 874 -42.58 20.10 -0.24
C SER E 874 -43.15 19.91 1.17
N LEU E 875 -43.64 18.70 1.46
CA LEU E 875 -44.19 18.43 2.78
C LEU E 875 -43.15 18.65 3.87
N LEU E 876 -41.93 18.15 3.66
CA LEU E 876 -40.86 18.36 4.63
C LEU E 876 -40.43 19.82 4.71
N ASP E 877 -40.55 20.55 3.60
CA ASP E 877 -40.19 21.96 3.61
C ASP E 877 -41.21 22.77 4.41
N LYS E 878 -42.50 22.54 4.15
CA LYS E 878 -43.53 23.32 4.83
C LYS E 878 -43.57 23.00 6.32
N LYS E 879 -43.38 21.72 6.68
CA LYS E 879 -43.36 21.37 8.10
C LYS E 879 -42.11 21.88 8.80
N GLU E 880 -41.01 22.08 8.06
CA GLU E 880 -39.82 22.65 8.67
C GLU E 880 -40.06 24.11 9.05
N LYS E 881 -40.66 24.89 8.16
CA LYS E 881 -40.94 26.29 8.48
C LYS E 881 -42.11 26.42 9.45
N GLU E 882 -42.94 25.38 9.59
CA GLU E 882 -43.99 25.37 10.60
C GLU E 882 -43.45 25.11 12.00
N ARG E 883 -42.17 24.76 12.13
CA ARG E 883 -41.49 24.67 13.41
C ARG E 883 -40.58 25.87 13.66
N PHE E 884 -39.92 26.36 12.60
CA PHE E 884 -39.10 27.56 12.69
C PHE E 884 -39.93 28.74 13.19
N GLU E 885 -40.99 29.09 12.47
CA GLU E 885 -41.87 30.16 12.88
C GLU E 885 -42.69 29.79 14.12
N ALA E 886 -42.81 28.49 14.44
CA ALA E 886 -43.41 28.10 15.70
C ALA E 886 -42.48 28.34 16.87
N ARG E 887 -41.18 28.10 16.68
CA ARG E 887 -40.21 28.32 17.76
C ARG E 887 -40.08 29.81 18.08
N GLN E 888 -40.16 30.67 17.06
CA GLN E 888 -40.03 32.10 17.29
C GLN E 888 -41.20 32.64 18.12
N ASN E 889 -42.42 32.19 17.82
CA ASN E 889 -43.63 32.79 18.35
C ASN E 889 -44.17 32.06 19.57
N TRP E 890 -43.40 31.13 20.14
CA TRP E 890 -43.72 30.38 21.35
C TRP E 890 -44.91 29.44 21.18
N THR E 891 -45.44 29.31 19.96
CA THR E 891 -46.60 28.48 19.72
C THR E 891 -46.19 27.01 19.78
N SER E 892 -47.11 26.13 19.39
CA SER E 892 -46.84 24.71 19.45
C SER E 892 -45.91 24.28 18.32
N ILE E 893 -44.98 23.39 18.64
CA ILE E 893 -43.96 22.93 17.71
C ILE E 893 -44.41 21.59 17.13
N GLU E 894 -44.65 21.56 15.83
CA GLU E 894 -45.11 20.34 15.17
C GLU E 894 -44.00 19.30 15.17
N ASN E 895 -44.40 18.02 15.23
CA ASN E 895 -43.45 16.92 15.09
C ASN E 895 -43.13 16.67 13.63
N ILE E 896 -41.84 16.51 13.32
CA ILE E 896 -41.40 16.28 11.95
C ILE E 896 -40.77 14.90 11.76
N LYS E 897 -40.43 14.18 12.83
CA LYS E 897 -39.78 12.88 12.68
C LYS E 897 -40.70 11.88 11.98
N GLU E 898 -41.99 11.90 12.29
CA GLU E 898 -42.92 11.00 11.61
C GLU E 898 -43.00 11.30 10.13
N LEU E 899 -43.07 12.59 9.77
CA LEU E 899 -43.16 12.96 8.36
C LEU E 899 -41.97 12.40 7.59
N LYS E 900 -40.77 12.54 8.16
CA LYS E 900 -39.58 11.94 7.54
C LYS E 900 -39.73 10.43 7.44
N ALA E 901 -40.21 9.80 8.52
CA ALA E 901 -40.35 8.33 8.52
C ALA E 901 -41.38 7.87 7.51
N GLY E 902 -42.51 8.58 7.41
CA GLY E 902 -43.50 8.25 6.39
C GLY E 902 -42.93 8.36 4.99
N TYR E 903 -42.06 9.34 4.77
CA TYR E 903 -41.40 9.47 3.48
C TYR E 903 -40.53 8.26 3.17
N ILE E 904 -39.70 7.84 4.14
CA ILE E 904 -38.73 6.78 3.88
C ILE E 904 -39.43 5.47 3.60
N SER E 905 -40.52 5.19 4.32
CA SER E 905 -41.26 3.95 4.10
C SER E 905 -41.71 3.83 2.65
N GLN E 906 -42.12 4.94 2.05
CA GLN E 906 -42.42 4.95 0.62
C GLN E 906 -41.15 4.82 -0.21
N VAL E 907 -40.05 5.41 0.26
CA VAL E 907 -38.79 5.28 -0.45
C VAL E 907 -38.26 3.85 -0.32
N VAL E 908 -38.19 3.34 0.92
CA VAL E 908 -37.67 2.00 1.17
C VAL E 908 -38.44 0.98 0.34
N HIS E 909 -39.76 1.15 0.22
CA HIS E 909 -40.53 0.26 -0.63
C HIS E 909 -40.00 0.27 -2.06
N LYS E 910 -39.73 1.46 -2.60
CA LYS E 910 -39.33 1.56 -3.99
C LYS E 910 -38.00 0.87 -4.25
N ILE E 911 -37.03 1.03 -3.34
CA ILE E 911 -35.75 0.31 -3.48
C ILE E 911 -35.97 -1.20 -3.42
N CYS E 912 -36.76 -1.68 -2.45
CA CYS E 912 -36.99 -3.11 -2.35
C CYS E 912 -37.62 -3.65 -3.64
N GLU E 913 -38.56 -2.89 -4.22
CA GLU E 913 -39.12 -3.28 -5.51
C GLU E 913 -38.06 -3.29 -6.59
N LEU E 914 -37.18 -2.28 -6.59
CA LEU E 914 -36.09 -2.23 -7.56
C LEU E 914 -35.11 -3.38 -7.38
N VAL E 915 -34.78 -3.71 -6.12
CA VAL E 915 -33.86 -4.82 -5.87
C VAL E 915 -34.50 -6.14 -6.28
N GLU E 916 -35.79 -6.32 -6.03
CA GLU E 916 -36.47 -7.55 -6.42
C GLU E 916 -36.51 -7.70 -7.93
N LYS E 917 -36.87 -6.62 -8.64
CA LYS E 917 -37.05 -6.69 -10.08
C LYS E 917 -35.72 -6.92 -10.81
N TYR E 918 -34.71 -6.11 -10.50
CA TYR E 918 -33.45 -6.15 -11.21
C TYR E 918 -32.41 -7.03 -10.55
N ASP E 919 -32.70 -7.57 -9.37
CA ASP E 919 -31.76 -8.37 -8.60
C ASP E 919 -30.47 -7.59 -8.41
N ALA E 920 -30.63 -6.35 -7.95
CA ALA E 920 -29.57 -5.35 -7.99
C ALA E 920 -29.06 -5.04 -6.58
N VAL E 921 -27.75 -4.82 -6.48
CA VAL E 921 -27.14 -4.31 -5.26
C VAL E 921 -27.41 -2.82 -5.16
N ILE E 922 -27.12 -2.23 -4.00
CA ILE E 922 -27.39 -0.83 -3.70
C ILE E 922 -26.07 -0.12 -3.50
N ALA E 923 -26.00 1.15 -3.92
CA ALA E 923 -24.78 1.95 -3.81
C ALA E 923 -25.09 3.28 -3.14
N LEU E 924 -24.42 3.54 -2.01
CA LEU E 924 -24.60 4.77 -1.25
C LEU E 924 -23.25 5.48 -1.12
N GLU E 925 -23.31 6.72 -0.62
CA GLU E 925 -22.12 7.54 -0.45
C GLU E 925 -21.41 7.22 0.86
N ASP E 926 -20.08 7.17 0.80
CA ASP E 926 -19.27 6.91 2.00
C ASP E 926 -19.16 8.21 2.78
N LEU E 927 -19.95 8.32 3.85
CA LEU E 927 -19.99 9.51 4.68
C LEU E 927 -19.55 9.13 6.10
N ASN E 928 -18.58 9.86 6.62
CA ASN E 928 -18.16 9.69 8.01
C ASN E 928 -18.95 10.65 8.90
N SER E 929 -18.46 10.90 10.12
CA SER E 929 -19.18 11.75 11.06
C SER E 929 -19.31 13.20 10.56
N GLY E 930 -18.30 13.70 9.84
CA GLY E 930 -18.24 15.12 9.55
C GLY E 930 -19.36 15.62 8.65
N PHE E 931 -19.72 14.86 7.62
CA PHE E 931 -20.59 15.37 6.57
C PHE E 931 -22.02 15.66 7.03
N LYS E 932 -22.39 15.25 8.24
CA LYS E 932 -23.72 15.56 8.73
C LYS E 932 -23.96 17.07 8.78
N ASN E 933 -22.92 17.83 9.16
CA ASN E 933 -23.02 19.28 9.23
C ASN E 933 -23.16 19.91 7.84
N SER E 934 -24.06 20.89 7.71
CA SER E 934 -24.28 21.59 6.45
C SER E 934 -24.46 23.09 6.70
N ARG E 935 -24.12 23.88 5.67
CA ARG E 935 -24.19 25.34 5.77
C ARG E 935 -25.61 25.87 5.93
N VAL E 936 -26.59 25.22 5.27
CA VAL E 936 -27.96 25.72 5.18
C VAL E 936 -28.90 24.67 5.75
N LYS E 937 -30.12 25.09 6.09
CA LYS E 937 -31.07 24.23 6.79
C LYS E 937 -31.23 22.90 6.05
N VAL E 938 -31.06 21.81 6.80
CA VAL E 938 -30.70 20.50 6.26
C VAL E 938 -31.89 19.55 6.37
N GLU E 939 -32.26 18.88 5.27
CA GLU E 939 -33.07 17.69 5.47
C GLU E 939 -32.26 16.41 5.47
N LYS E 940 -30.97 16.45 5.13
CA LYS E 940 -30.15 15.25 5.04
C LYS E 940 -30.13 14.45 6.34
N GLN E 941 -30.71 14.97 7.42
CA GLN E 941 -31.14 14.08 8.49
C GLN E 941 -32.09 13.01 7.96
N VAL E 942 -32.75 13.28 6.83
CA VAL E 942 -33.53 12.25 6.15
C VAL E 942 -32.60 11.15 5.62
N TYR E 943 -31.39 11.53 5.18
CA TYR E 943 -30.47 10.55 4.63
C TYR E 943 -30.04 9.53 5.67
N GLN E 944 -29.68 10.00 6.86
CA GLN E 944 -29.28 9.06 7.91
C GLN E 944 -30.44 8.17 8.32
N LYS E 945 -31.65 8.73 8.39
CA LYS E 945 -32.84 7.91 8.61
C LYS E 945 -33.08 6.97 7.45
N PHE E 946 -32.75 7.40 6.22
CA PHE E 946 -32.97 6.55 5.06
C PHE E 946 -32.17 5.26 5.15
N GLU E 947 -30.92 5.35 5.60
CA GLU E 947 -30.09 4.16 5.78
C GLU E 947 -30.72 3.20 6.79
N LYS E 948 -30.95 3.68 8.01
CA LYS E 948 -31.42 2.83 9.10
C LYS E 948 -32.65 2.01 8.69
N MET E 949 -33.73 2.70 8.30
CA MET E 949 -34.95 1.96 7.95
C MET E 949 -34.80 1.16 6.66
N LEU E 950 -33.81 1.48 5.81
CA LEU E 950 -33.52 0.62 4.68
C LEU E 950 -32.79 -0.64 5.15
N ILE E 951 -31.68 -0.45 5.87
CA ILE E 951 -30.92 -1.59 6.40
C ILE E 951 -31.82 -2.49 7.23
N ASP E 952 -32.67 -1.90 8.07
CA ASP E 952 -33.57 -2.69 8.90
C ASP E 952 -34.52 -3.50 8.04
N LYS E 953 -35.03 -2.91 6.95
CA LYS E 953 -35.91 -3.64 6.04
C LYS E 953 -35.17 -4.75 5.31
N LEU E 954 -33.94 -4.49 4.88
CA LEU E 954 -33.15 -5.53 4.23
C LEU E 954 -32.75 -6.63 5.19
N ASN E 955 -32.68 -6.33 6.50
CA ASN E 955 -32.33 -7.35 7.47
C ASN E 955 -33.30 -8.52 7.42
N TYR E 956 -34.59 -8.22 7.21
CA TYR E 956 -35.60 -9.23 6.86
C TYR E 956 -36.53 -8.61 5.83
N MET E 957 -36.41 -9.02 4.57
CA MET E 957 -37.11 -8.40 3.46
C MET E 957 -38.24 -9.30 2.97
N VAL E 958 -39.45 -8.73 2.89
CA VAL E 958 -40.66 -9.48 2.62
C VAL E 958 -41.47 -8.78 1.54
N ASP E 959 -42.19 -9.56 0.75
CA ASP E 959 -43.22 -9.06 -0.16
C ASP E 959 -44.56 -9.64 0.25
N LYS E 960 -45.52 -8.76 0.58
CA LYS E 960 -46.80 -9.19 1.13
C LYS E 960 -47.69 -9.89 0.11
N LYS E 961 -47.30 -9.95 -1.17
CA LYS E 961 -48.08 -10.61 -2.21
C LYS E 961 -47.64 -12.05 -2.46
N SER E 962 -46.34 -12.32 -2.38
CA SER E 962 -45.85 -13.69 -2.50
C SER E 962 -46.39 -14.55 -1.37
N ASN E 963 -46.67 -15.81 -1.69
CA ASN E 963 -47.15 -16.75 -0.67
C ASN E 963 -46.07 -16.90 0.39
N PRO E 964 -46.41 -16.80 1.67
CA PRO E 964 -45.38 -16.89 2.72
C PRO E 964 -44.56 -18.17 2.67
N CYS E 965 -45.19 -19.32 2.44
CA CYS E 965 -44.46 -20.58 2.45
C CYS E 965 -43.45 -20.67 1.31
N ALA E 966 -43.58 -19.83 0.30
CA ALA E 966 -42.60 -19.80 -0.78
C ALA E 966 -41.52 -18.76 -0.49
N THR E 967 -40.41 -18.89 -1.19
CA THR E 967 -39.25 -18.03 -0.93
C THR E 967 -39.58 -16.57 -1.19
N GLY E 968 -39.18 -15.72 -0.26
CA GLY E 968 -39.45 -14.30 -0.33
C GLY E 968 -40.70 -13.84 0.40
N GLY E 969 -41.55 -14.77 0.83
CA GLY E 969 -42.76 -14.43 1.55
C GLY E 969 -42.51 -14.14 3.02
N ALA E 970 -43.59 -14.16 3.79
CA ALA E 970 -43.50 -13.81 5.20
C ALA E 970 -42.67 -14.82 5.99
N LEU E 971 -42.82 -16.11 5.68
CA LEU E 971 -42.10 -17.14 6.43
C LEU E 971 -40.66 -17.31 5.97
N LYS E 972 -40.35 -17.02 4.71
CA LYS E 972 -39.00 -17.14 4.19
C LYS E 972 -38.60 -15.82 3.51
N GLY E 973 -38.41 -14.79 4.34
CA GLY E 973 -38.05 -13.50 3.82
C GLY E 973 -36.57 -13.39 3.54
N TYR E 974 -36.23 -12.47 2.62
CA TYR E 974 -34.84 -12.28 2.28
C TYR E 974 -34.09 -11.54 3.38
N GLN E 975 -32.84 -11.92 3.59
CA GLN E 975 -31.94 -11.25 4.53
C GLN E 975 -30.66 -10.93 3.76
N ILE E 976 -30.49 -9.69 3.33
CA ILE E 976 -29.38 -9.34 2.45
C ILE E 976 -28.51 -8.24 3.04
N THR E 977 -28.62 -7.99 4.35
CA THR E 977 -27.72 -7.08 5.04
C THR E 977 -27.32 -7.71 6.36
N ASN E 978 -26.07 -7.47 6.76
CA ASN E 978 -25.62 -7.95 8.06
C ASN E 978 -26.47 -7.37 9.17
N LYS E 979 -26.70 -8.17 10.20
CA LYS E 979 -27.63 -7.80 11.27
C LYS E 979 -27.23 -6.48 11.90
N PHE E 980 -28.19 -5.58 12.03
CA PHE E 980 -27.96 -4.24 12.57
C PHE E 980 -27.70 -4.34 14.07
N GLU E 981 -26.46 -4.04 14.47
CA GLU E 981 -26.10 -3.85 15.86
C GLU E 981 -25.87 -2.38 16.17
N SER E 982 -25.04 -1.70 15.38
CA SER E 982 -24.76 -0.29 15.58
C SER E 982 -24.22 0.29 14.28
N PHE E 983 -24.33 1.61 14.14
CA PHE E 983 -23.78 2.30 12.98
C PHE E 983 -22.26 2.26 12.93
N LYS E 984 -21.57 2.02 14.07
CA LYS E 984 -20.12 2.06 14.12
C LYS E 984 -19.44 0.83 13.54
N SER E 985 -20.11 -0.32 13.52
CA SER E 985 -19.46 -1.57 13.14
C SER E 985 -19.21 -1.70 11.65
N MET E 986 -19.88 -0.89 10.82
CA MET E 986 -19.93 -1.15 9.38
C MET E 986 -18.57 -1.01 8.72
N SER E 987 -18.39 -1.78 7.64
CA SER E 987 -17.28 -1.60 6.75
C SER E 987 -17.79 -0.96 5.46
N THR E 988 -16.97 -0.98 4.42
CA THR E 988 -17.39 -0.43 3.14
C THR E 988 -18.56 -1.23 2.57
N GLN E 989 -18.59 -2.53 2.85
CA GLN E 989 -19.57 -3.45 2.30
C GLN E 989 -20.51 -3.92 3.41
N ASN E 990 -21.83 -3.90 3.14
CA ASN E 990 -22.85 -4.42 4.07
C ASN E 990 -23.85 -5.23 3.23
N GLY E 991 -23.47 -6.45 2.89
CA GLY E 991 -24.37 -7.28 2.10
C GLY E 991 -24.56 -6.72 0.71
N PHE E 992 -25.80 -6.34 0.40
CA PHE E 992 -26.07 -5.66 -0.86
C PHE E 992 -25.64 -4.19 -0.86
N ILE E 993 -25.44 -3.58 0.31
CA ILE E 993 -25.10 -2.17 0.40
C ILE E 993 -23.59 -1.97 0.31
N PHE E 994 -23.19 -0.99 -0.49
CA PHE E 994 -21.79 -0.60 -0.69
C PHE E 994 -21.70 0.88 -0.36
N TYR E 995 -20.86 1.25 0.61
CA TYR E 995 -20.61 2.65 0.93
C TYR E 995 -19.34 3.09 0.22
N ILE E 996 -19.49 3.88 -0.84
CA ILE E 996 -18.35 4.16 -1.72
C ILE E 996 -17.98 5.64 -1.63
N PRO E 997 -16.69 5.98 -1.71
CA PRO E 997 -16.31 7.39 -1.69
C PRO E 997 -16.94 8.14 -2.85
N ALA E 998 -17.17 9.45 -2.63
CA ALA E 998 -17.85 10.29 -3.58
C ALA E 998 -16.90 11.14 -4.42
N TRP E 999 -15.60 10.90 -4.31
CA TRP E 999 -14.63 11.72 -5.04
C TRP E 999 -14.83 11.55 -6.54
N LEU E 1000 -15.00 12.67 -7.23
CA LEU E 1000 -15.16 12.73 -8.68
C LEU E 1000 -16.42 12.03 -9.17
N THR E 1001 -17.40 11.85 -8.30
CA THR E 1001 -18.69 11.30 -8.74
C THR E 1001 -19.50 12.33 -9.51
N SER E 1002 -19.43 13.60 -9.11
CA SER E 1002 -20.31 14.63 -9.66
C SER E 1002 -19.63 15.50 -10.71
N LYS E 1003 -18.48 16.07 -10.39
CA LYS E 1003 -17.76 16.94 -11.33
C LYS E 1003 -16.88 16.10 -12.26
N ILE E 1004 -17.55 15.23 -13.01
CA ILE E 1004 -16.92 14.37 -14.01
C ILE E 1004 -17.84 14.30 -15.21
N ASP E 1005 -17.24 14.19 -16.39
CA ASP E 1005 -17.95 14.13 -17.67
C ASP E 1005 -18.38 12.70 -17.91
N PRO E 1006 -19.67 12.37 -17.84
CA PRO E 1006 -20.10 11.00 -18.17
C PRO E 1006 -19.80 10.60 -19.60
N SER E 1007 -19.84 11.55 -20.54
CA SER E 1007 -19.60 11.21 -21.94
C SER E 1007 -18.16 10.77 -22.18
N THR E 1008 -17.19 11.42 -21.52
CA THR E 1008 -15.78 11.13 -21.76
C THR E 1008 -14.97 10.77 -20.52
N GLY E 1009 -15.49 10.98 -19.32
CA GLY E 1009 -14.69 10.77 -18.13
C GLY E 1009 -13.77 11.90 -17.77
N PHE E 1010 -13.86 13.03 -18.48
CA PHE E 1010 -12.95 14.14 -18.25
C PHE E 1010 -13.19 14.77 -16.88
N VAL E 1011 -12.11 15.21 -16.24
CA VAL E 1011 -12.15 15.81 -14.90
C VAL E 1011 -11.26 17.04 -14.84
N ASN E 1012 -11.61 17.93 -13.91
CA ASN E 1012 -10.84 19.14 -13.62
C ASN E 1012 -9.82 18.80 -12.55
N LEU E 1013 -8.58 18.54 -12.97
CA LEU E 1013 -7.46 18.37 -12.04
C LEU E 1013 -6.55 19.59 -12.02
N LEU E 1014 -6.94 20.67 -12.68
CA LEU E 1014 -6.16 21.89 -12.69
C LEU E 1014 -6.55 22.80 -11.53
N LYS E 1015 -5.56 23.46 -10.95
CA LYS E 1015 -5.81 24.55 -10.01
C LYS E 1015 -5.63 25.86 -10.76
N THR E 1016 -6.66 26.70 -10.68
CA THR E 1016 -6.73 27.90 -11.50
C THR E 1016 -6.77 29.19 -10.70
N LYS E 1017 -6.83 29.12 -9.38
CA LYS E 1017 -6.86 30.35 -8.59
C LYS E 1017 -5.57 31.14 -8.80
N TYR E 1018 -5.71 32.46 -8.84
CA TYR E 1018 -4.59 33.32 -9.22
C TYR E 1018 -3.67 33.50 -8.02
N THR E 1019 -2.39 33.19 -8.21
CA THR E 1019 -1.35 33.40 -7.19
C THR E 1019 -0.39 34.51 -7.56
N SER E 1020 0.15 34.50 -8.78
CA SER E 1020 1.12 35.49 -9.21
C SER E 1020 1.13 35.54 -10.72
N ILE E 1021 1.77 36.57 -11.26
CA ILE E 1021 1.96 36.66 -12.71
C ILE E 1021 2.81 35.49 -13.21
N ALA E 1022 3.91 35.20 -12.51
CA ALA E 1022 4.80 34.14 -12.94
C ALA E 1022 4.09 32.80 -12.96
N ASP E 1023 3.31 32.50 -11.92
CA ASP E 1023 2.55 31.26 -11.90
C ASP E 1023 1.59 31.21 -13.08
N SER E 1024 0.98 32.36 -13.41
CA SER E 1024 0.14 32.45 -14.60
C SER E 1024 0.95 32.25 -15.87
N LYS E 1025 2.17 32.81 -15.91
CA LYS E 1025 3.02 32.66 -17.09
C LYS E 1025 3.43 31.21 -17.32
N LYS E 1026 3.82 30.50 -16.25
CA LYS E 1026 4.13 29.08 -16.38
C LYS E 1026 2.88 28.28 -16.75
N PHE E 1027 1.72 28.70 -16.26
CA PHE E 1027 0.46 28.05 -16.60
C PHE E 1027 0.23 28.06 -18.11
N ILE E 1028 0.23 29.25 -18.72
CA ILE E 1028 -0.12 29.37 -20.13
C ILE E 1028 0.87 28.58 -21.00
N SER E 1029 2.16 28.69 -20.69
CA SER E 1029 3.18 28.01 -21.49
C SER E 1029 3.04 26.50 -21.40
N SER E 1030 2.47 25.98 -20.29
CA SER E 1030 2.32 24.55 -20.13
C SER E 1030 1.39 23.96 -21.19
N PHE E 1031 0.30 24.66 -21.50
CA PHE E 1031 -0.66 24.17 -22.48
C PHE E 1031 0.05 23.88 -23.79
N ASP E 1032 -0.36 22.81 -24.47
CA ASP E 1032 0.30 22.45 -25.71
C ASP E 1032 0.08 23.51 -26.79
N ARG E 1033 -1.13 24.06 -26.86
CA ARG E 1033 -1.44 25.21 -27.71
C ARG E 1033 -2.65 25.93 -27.14
N ILE E 1034 -2.65 27.24 -27.30
CA ILE E 1034 -3.85 28.07 -27.13
C ILE E 1034 -4.12 28.75 -28.46
N MET E 1035 -5.32 28.51 -29.01
CA MET E 1035 -5.62 29.00 -30.34
C MET E 1035 -7.09 29.37 -30.43
N TYR E 1036 -7.42 30.11 -31.48
CA TYR E 1036 -8.80 30.37 -31.87
C TYR E 1036 -9.11 29.53 -33.11
N VAL E 1037 -10.17 28.73 -33.03
CA VAL E 1037 -10.70 27.99 -34.16
C VAL E 1037 -11.86 28.78 -34.73
N PRO E 1038 -11.70 29.46 -35.88
CA PRO E 1038 -12.76 30.37 -36.35
C PRO E 1038 -13.96 29.66 -36.95
N GLU E 1039 -13.75 28.54 -37.64
CA GLU E 1039 -14.86 27.81 -38.24
C GLU E 1039 -15.85 27.27 -37.21
N GLU E 1040 -15.50 27.27 -35.93
CA GLU E 1040 -16.40 26.81 -34.88
C GLU E 1040 -16.77 27.90 -33.88
N ASP E 1041 -16.16 29.08 -33.96
CA ASP E 1041 -16.35 30.15 -32.98
C ASP E 1041 -16.10 29.62 -31.57
N LEU E 1042 -14.93 29.01 -31.39
CA LEU E 1042 -14.51 28.46 -30.10
C LEU E 1042 -13.02 28.69 -29.92
N PHE E 1043 -12.61 28.79 -28.66
CA PHE E 1043 -11.20 28.74 -28.30
C PHE E 1043 -10.85 27.32 -27.89
N GLU E 1044 -9.68 26.86 -28.30
CA GLU E 1044 -9.23 25.50 -28.03
C GLU E 1044 -7.98 25.54 -27.18
N PHE E 1045 -8.00 24.80 -26.06
CA PHE E 1045 -6.88 24.73 -25.12
C PHE E 1045 -6.44 23.27 -25.05
N ALA E 1046 -5.51 22.89 -25.92
CA ALA E 1046 -4.98 21.53 -25.92
C ALA E 1046 -3.94 21.39 -24.82
N LEU E 1047 -4.02 20.31 -24.05
CA LEU E 1047 -3.06 20.10 -22.99
C LEU E 1047 -2.75 18.62 -22.84
N ASP E 1048 -1.56 18.35 -22.31
CA ASP E 1048 -1.19 17.04 -21.78
C ASP E 1048 -1.02 17.24 -20.28
N TYR E 1049 -1.76 16.47 -19.49
CA TYR E 1049 -1.73 16.65 -18.04
C TYR E 1049 -0.35 16.48 -17.42
N LYS E 1050 0.55 15.73 -18.06
CA LYS E 1050 1.88 15.50 -17.47
C LYS E 1050 2.65 16.79 -17.25
N ASN E 1051 2.34 17.84 -18.01
CA ASN E 1051 3.00 19.13 -17.85
C ASN E 1051 2.53 19.88 -16.61
N PHE E 1052 1.36 19.52 -16.07
CA PHE E 1052 0.82 20.15 -14.87
C PHE E 1052 1.04 19.26 -13.65
N SER E 1053 1.09 19.89 -12.48
CA SER E 1053 1.31 19.18 -11.23
C SER E 1053 0.05 18.48 -10.74
N ARG E 1054 0.26 17.37 -10.03
CA ARG E 1054 -0.81 16.60 -9.40
C ARG E 1054 -1.85 16.11 -10.41
N THR E 1055 -1.37 15.72 -11.59
CA THR E 1055 -2.21 15.12 -12.63
C THR E 1055 -1.87 13.65 -12.83
N ASP E 1056 -1.34 13.01 -11.79
CA ASP E 1056 -0.88 11.63 -11.91
C ASP E 1056 -2.04 10.67 -12.10
N ALA E 1057 -3.22 11.03 -11.62
CA ALA E 1057 -4.36 10.11 -11.61
C ALA E 1057 -4.84 9.78 -13.02
N ASP E 1058 -4.89 10.76 -13.91
CA ASP E 1058 -5.57 10.60 -15.19
C ASP E 1058 -4.86 9.61 -16.10
N TYR E 1059 -5.65 8.82 -16.82
CA TYR E 1059 -5.15 7.81 -17.75
C TYR E 1059 -4.91 8.38 -19.15
N ILE E 1060 -5.92 9.06 -19.70
CA ILE E 1060 -5.83 9.55 -21.08
C ILE E 1060 -4.74 10.61 -21.21
N LYS E 1061 -4.63 11.50 -20.24
CA LYS E 1061 -3.64 12.58 -20.23
C LYS E 1061 -3.95 13.62 -21.29
N LYS E 1062 -4.11 13.18 -22.54
CA LYS E 1062 -4.19 14.06 -23.70
C LYS E 1062 -5.64 14.52 -23.86
N TRP E 1063 -5.91 15.77 -23.48
CA TRP E 1063 -7.24 16.34 -23.56
C TRP E 1063 -7.21 17.62 -24.39
N LYS E 1064 -8.29 17.87 -25.12
CA LYS E 1064 -8.49 19.12 -25.86
C LYS E 1064 -9.60 19.89 -25.15
N LEU E 1065 -9.20 20.92 -24.41
CA LEU E 1065 -10.20 21.76 -23.75
C LEU E 1065 -10.77 22.74 -24.77
N TYR E 1066 -11.97 23.23 -24.49
CA TYR E 1066 -12.63 24.17 -25.37
C TYR E 1066 -13.38 25.20 -24.55
N SER E 1067 -13.63 26.35 -25.15
CA SER E 1067 -14.39 27.40 -24.50
C SER E 1067 -15.87 27.28 -24.83
N TYR E 1068 -16.30 26.13 -25.34
CA TYR E 1068 -17.69 25.95 -25.74
C TYR E 1068 -18.60 26.06 -24.52
N GLY E 1069 -19.75 26.68 -24.74
CA GLY E 1069 -20.80 26.70 -23.75
C GLY E 1069 -20.82 27.96 -22.89
N ASN E 1070 -21.84 27.99 -22.04
CA ASN E 1070 -22.13 29.08 -21.12
C ASN E 1070 -21.95 28.58 -19.69
N ARG E 1071 -21.54 29.47 -18.81
CA ARG E 1071 -21.30 29.14 -17.42
C ARG E 1071 -22.12 30.06 -16.52
N ILE E 1072 -22.15 29.73 -15.23
CA ILE E 1072 -22.88 30.50 -14.24
C ILE E 1072 -21.90 30.94 -13.17
N ARG E 1073 -21.91 32.23 -12.84
CA ARG E 1073 -21.03 32.81 -11.85
C ARG E 1073 -21.86 33.63 -10.88
N ILE E 1074 -21.58 33.48 -9.60
CA ILE E 1074 -22.33 34.13 -8.55
C ILE E 1074 -21.72 35.49 -8.28
N PHE E 1075 -22.57 36.50 -8.06
CA PHE E 1075 -22.09 37.84 -7.75
C PHE E 1075 -21.42 37.86 -6.37
N ARG E 1076 -20.88 39.03 -6.02
CA ARG E 1076 -20.16 39.21 -4.77
C ARG E 1076 -20.67 40.44 -4.03
N ASN E 1077 -21.88 40.89 -4.36
CA ASN E 1077 -22.48 42.08 -3.74
C ASN E 1077 -24.00 42.03 -3.84
N ASN E 1081 -32.70 45.25 -5.60
CA ASN E 1081 -31.77 46.01 -6.41
C ASN E 1081 -31.61 45.40 -7.80
N ASN E 1082 -30.54 44.65 -7.99
CA ASN E 1082 -30.32 43.93 -9.24
C ASN E 1082 -31.32 42.80 -9.38
N VAL E 1083 -31.62 42.44 -10.64
CA VAL E 1083 -32.59 41.38 -10.90
C VAL E 1083 -32.08 40.04 -10.38
N PHE E 1084 -30.87 39.66 -10.75
CA PHE E 1084 -30.31 38.36 -10.39
C PHE E 1084 -29.05 38.51 -9.56
N ASP E 1085 -28.82 37.52 -8.69
CA ASP E 1085 -27.58 37.39 -7.94
C ASP E 1085 -26.57 36.50 -8.64
N TRP E 1086 -26.77 36.24 -9.93
CA TRP E 1086 -25.86 35.43 -10.73
C TRP E 1086 -26.00 35.86 -12.18
N GLU E 1087 -25.03 35.46 -13.00
CA GLU E 1087 -25.06 35.79 -14.42
C GLU E 1087 -24.49 34.61 -15.21
N GLU E 1088 -24.85 34.57 -16.49
CA GLU E 1088 -24.45 33.49 -17.40
C GLU E 1088 -23.40 34.04 -18.36
N VAL E 1089 -22.14 33.75 -18.09
CA VAL E 1089 -21.02 34.23 -18.89
C VAL E 1089 -20.90 33.42 -20.17
N CYS E 1090 -20.71 34.10 -21.29
CA CYS E 1090 -20.47 33.47 -22.58
C CYS E 1090 -18.96 33.38 -22.80
N LEU E 1091 -18.44 32.16 -22.84
CA LEU E 1091 -17.00 31.96 -22.73
C LEU E 1091 -16.25 32.51 -23.94
N THR E 1092 -16.55 32.01 -25.13
CA THR E 1092 -15.91 32.52 -26.33
C THR E 1092 -16.14 34.02 -26.48
N SER E 1093 -17.35 34.48 -26.18
CA SER E 1093 -17.69 35.91 -26.16
C SER E 1093 -17.11 36.64 -24.96
N ALA E 1094 -16.31 35.98 -24.13
CA ALA E 1094 -15.58 36.64 -23.04
C ALA E 1094 -14.07 36.53 -23.19
N TYR E 1095 -13.56 35.46 -23.79
CA TYR E 1095 -12.15 35.43 -24.17
C TYR E 1095 -11.85 36.49 -25.22
N LYS E 1096 -12.68 36.59 -26.25
CA LYS E 1096 -12.60 37.69 -27.19
C LYS E 1096 -12.66 39.03 -26.46
N GLU E 1097 -13.56 39.14 -25.48
CA GLU E 1097 -13.65 40.34 -24.66
C GLU E 1097 -12.33 40.64 -23.97
N LEU E 1098 -11.81 39.66 -23.22
CA LEU E 1098 -10.55 39.86 -22.52
C LEU E 1098 -9.41 40.17 -23.47
N PHE E 1099 -9.36 39.48 -24.61
CA PHE E 1099 -8.24 39.59 -25.52
C PHE E 1099 -8.27 40.89 -26.32
N ASN E 1100 -9.36 41.66 -26.25
CA ASN E 1100 -9.40 42.98 -26.87
C ASN E 1100 -9.01 44.09 -25.91
N LYS E 1101 -9.30 43.93 -24.61
CA LYS E 1101 -9.02 44.99 -23.65
C LYS E 1101 -7.53 45.25 -23.50
N TYR E 1102 -6.71 44.21 -23.61
CA TYR E 1102 -5.26 44.33 -23.52
C TYR E 1102 -4.58 44.25 -24.88
N GLY E 1103 -5.31 44.51 -25.96
CA GLY E 1103 -4.76 44.56 -27.29
C GLY E 1103 -4.04 43.30 -27.73
N ILE E 1104 -4.70 42.16 -27.58
CA ILE E 1104 -4.14 40.86 -27.95
C ILE E 1104 -4.82 40.40 -29.23
N ASN E 1105 -4.02 39.99 -30.22
CA ASN E 1105 -4.54 39.47 -31.48
C ASN E 1105 -4.67 37.95 -31.36
N TYR E 1106 -5.81 37.50 -30.85
CA TYR E 1106 -6.04 36.08 -30.61
C TYR E 1106 -6.07 35.25 -31.90
N GLN E 1107 -6.36 35.86 -33.05
CA GLN E 1107 -6.63 35.07 -34.24
C GLN E 1107 -5.40 34.30 -34.75
N GLN E 1108 -4.19 34.80 -34.51
CA GLN E 1108 -3.01 34.30 -35.22
C GLN E 1108 -2.48 33.01 -34.58
N GLY E 1109 -2.96 31.88 -35.08
CA GLY E 1109 -2.37 30.60 -34.73
C GLY E 1109 -2.25 30.36 -33.23
N ASP E 1110 -1.08 29.87 -32.81
CA ASP E 1110 -0.82 29.66 -31.39
C ASP E 1110 -0.72 31.00 -30.66
N ILE E 1111 -1.33 31.05 -29.48
CA ILE E 1111 -1.46 32.26 -28.67
C ILE E 1111 -0.69 32.14 -27.36
N ARG E 1112 0.06 31.06 -27.15
CA ARG E 1112 0.68 30.84 -25.84
C ARG E 1112 1.68 31.95 -25.53
N ALA E 1113 2.56 32.29 -26.48
CA ALA E 1113 3.51 33.38 -26.26
C ALA E 1113 2.81 34.73 -26.15
N LEU E 1114 1.72 34.92 -26.90
CA LEU E 1114 1.09 36.24 -26.99
C LEU E 1114 0.51 36.67 -25.65
N LEU E 1115 -0.24 35.78 -24.99
CA LEU E 1115 -0.83 36.13 -23.70
C LEU E 1115 0.23 36.38 -22.64
N CYS E 1116 1.35 35.65 -22.70
CA CYS E 1116 2.40 35.82 -21.71
C CYS E 1116 3.16 37.13 -21.89
N GLU E 1117 3.08 37.76 -23.06
CA GLU E 1117 3.75 39.04 -23.27
C GLU E 1117 3.23 40.13 -22.35
N GLN E 1118 1.99 40.02 -21.89
CA GLN E 1118 1.42 41.02 -21.01
C GLN E 1118 2.25 41.18 -19.73
N SER E 1119 2.18 42.38 -19.17
CA SER E 1119 2.89 42.72 -17.94
C SER E 1119 1.92 43.20 -16.87
N ASP E 1120 0.62 43.02 -17.09
CA ASP E 1120 -0.42 43.57 -16.22
C ASP E 1120 -1.04 42.45 -15.41
N LYS E 1121 -1.12 42.64 -14.09
CA LYS E 1121 -1.68 41.61 -13.21
C LYS E 1121 -3.16 41.41 -13.47
N ALA E 1122 -3.90 42.48 -13.81
CA ALA E 1122 -5.33 42.36 -14.01
C ALA E 1122 -5.67 41.42 -15.17
N PHE E 1123 -4.80 41.36 -16.19
CA PHE E 1123 -5.03 40.46 -17.30
C PHE E 1123 -5.02 39.01 -16.83
N TYR E 1124 -3.99 38.63 -16.08
CA TYR E 1124 -3.85 37.25 -15.62
C TYR E 1124 -4.91 36.91 -14.57
N SER E 1125 -5.22 37.85 -13.68
CA SER E 1125 -6.20 37.59 -12.63
C SER E 1125 -7.58 37.32 -13.20
N SER E 1126 -7.90 37.88 -14.36
CA SER E 1126 -9.13 37.55 -15.06
C SER E 1126 -8.98 36.37 -16.01
N PHE E 1127 -7.80 36.22 -16.62
CA PHE E 1127 -7.58 35.09 -17.52
C PHE E 1127 -7.75 33.76 -16.80
N MET E 1128 -7.15 33.65 -15.61
CA MET E 1128 -7.30 32.44 -14.82
C MET E 1128 -8.74 32.25 -14.38
N ALA E 1129 -9.46 33.35 -14.14
CA ALA E 1129 -10.86 33.25 -13.78
C ALA E 1129 -11.68 32.68 -14.93
N LEU E 1130 -11.42 33.15 -16.16
CA LEU E 1130 -12.06 32.53 -17.33
C LEU E 1130 -11.68 31.07 -17.42
N MET E 1131 -10.43 30.74 -17.12
CA MET E 1131 -10.01 29.35 -17.08
C MET E 1131 -10.81 28.59 -16.04
N SER E 1132 -11.04 29.22 -14.88
CA SER E 1132 -11.75 28.55 -13.79
C SER E 1132 -13.16 28.14 -14.20
N LEU E 1133 -13.86 29.04 -14.89
CA LEU E 1133 -15.24 28.74 -15.31
C LEU E 1133 -15.27 27.67 -16.39
N MET E 1134 -14.28 27.68 -17.29
CA MET E 1134 -14.26 26.68 -18.36
C MET E 1134 -14.22 25.27 -17.78
N LEU E 1135 -13.49 25.09 -16.68
CA LEU E 1135 -13.41 23.83 -15.99
C LEU E 1135 -14.51 23.65 -14.96
N GLN E 1136 -15.37 24.66 -14.78
CA GLN E 1136 -16.49 24.63 -13.85
C GLN E 1136 -17.59 23.79 -14.50
N MET E 1137 -17.46 22.47 -14.31
CA MET E 1137 -18.39 21.54 -14.94
C MET E 1137 -19.81 21.69 -14.36
N ARG E 1138 -19.93 21.78 -13.05
CA ARG E 1138 -21.22 21.79 -12.37
C ARG E 1138 -21.63 23.23 -12.07
N ASN E 1139 -22.77 23.63 -12.64
CA ASN E 1139 -23.30 24.99 -12.47
C ASN E 1139 -24.62 24.89 -11.74
N SER E 1140 -24.67 25.40 -10.51
CA SER E 1140 -25.87 25.38 -9.68
C SER E 1140 -26.12 26.76 -9.10
N ILE E 1141 -27.39 27.02 -8.77
CA ILE E 1141 -27.80 28.24 -8.08
C ILE E 1141 -28.74 27.86 -6.94
N THR E 1142 -28.51 28.45 -5.77
CA THR E 1142 -29.27 28.11 -4.57
C THR E 1142 -30.75 28.44 -4.73
N GLY E 1143 -31.61 27.48 -4.38
CA GLY E 1143 -33.02 27.73 -4.26
C GLY E 1143 -33.79 27.86 -5.56
N ARG E 1144 -33.15 27.59 -6.70
CA ARG E 1144 -33.72 27.83 -8.02
C ARG E 1144 -34.00 26.49 -8.70
N THR E 1145 -35.25 26.29 -9.11
CA THR E 1145 -35.69 24.98 -9.61
C THR E 1145 -35.01 24.59 -10.92
N ASP E 1146 -34.91 25.52 -11.88
CA ASP E 1146 -34.48 25.15 -13.23
C ASP E 1146 -32.97 24.95 -13.35
N VAL E 1147 -32.15 25.57 -12.51
CA VAL E 1147 -30.70 25.59 -12.73
C VAL E 1147 -30.05 24.58 -11.78
N ASP E 1148 -29.51 23.53 -12.39
CA ASP E 1148 -28.51 22.65 -11.82
C ASP E 1148 -28.09 21.72 -12.95
N PHE E 1149 -27.11 22.14 -13.76
CA PHE E 1149 -26.76 21.43 -14.98
C PHE E 1149 -25.26 21.19 -15.06
N LEU E 1150 -24.91 20.13 -15.79
CA LEU E 1150 -23.53 19.71 -16.00
C LEU E 1150 -23.19 19.91 -17.47
N ILE E 1151 -22.17 20.71 -17.75
CA ILE E 1151 -21.69 20.90 -19.11
C ILE E 1151 -20.17 20.73 -19.12
N SER E 1152 -19.66 20.05 -20.14
CA SER E 1152 -18.29 19.61 -20.30
C SER E 1152 -17.57 20.40 -21.39
N PRO E 1153 -16.29 20.68 -21.23
CA PRO E 1153 -15.55 21.41 -22.26
C PRO E 1153 -14.73 20.52 -23.18
N VAL E 1154 -15.04 19.23 -23.26
CA VAL E 1154 -14.31 18.29 -24.10
C VAL E 1154 -15.27 17.62 -25.07
N LYS E 1155 -14.83 17.38 -26.30
CA LYS E 1155 -15.60 16.67 -27.30
C LYS E 1155 -15.36 15.17 -27.19
N ASN E 1156 -16.43 14.39 -27.26
CA ASN E 1156 -16.34 12.95 -27.15
C ASN E 1156 -15.91 12.34 -28.48
N SER E 1157 -16.08 11.03 -28.63
CA SER E 1157 -15.62 10.34 -29.83
C SER E 1157 -16.33 10.82 -31.09
N ASP E 1158 -17.51 11.41 -30.97
CA ASP E 1158 -18.22 11.98 -32.10
C ASP E 1158 -18.12 13.49 -32.14
N GLY E 1159 -17.24 14.08 -31.33
CA GLY E 1159 -17.03 15.52 -31.36
C GLY E 1159 -18.22 16.35 -30.94
N ILE E 1160 -18.91 15.95 -29.88
CA ILE E 1160 -20.02 16.73 -29.31
C ILE E 1160 -19.87 16.75 -27.79
N PHE E 1161 -20.12 17.91 -27.20
CA PHE E 1161 -19.96 18.13 -25.77
C PHE E 1161 -21.15 17.57 -24.99
N TYR E 1162 -20.90 17.22 -23.73
CA TYR E 1162 -21.96 16.78 -22.84
C TYR E 1162 -22.62 18.00 -22.21
N ASP E 1163 -23.87 18.25 -22.58
CA ASP E 1163 -24.72 19.22 -21.89
C ASP E 1163 -25.86 18.43 -21.27
N SER E 1164 -25.86 18.35 -19.93
CA SER E 1164 -26.90 17.61 -19.22
C SER E 1164 -28.29 18.11 -19.61
N ARG E 1165 -28.41 19.39 -19.97
CA ARG E 1165 -29.70 19.94 -20.39
C ARG E 1165 -30.21 19.25 -21.64
N ASN E 1166 -29.33 18.84 -22.55
CA ASN E 1166 -29.78 18.10 -23.72
C ASN E 1166 -30.33 16.72 -23.37
N TYR E 1167 -30.45 16.40 -22.09
CA TYR E 1167 -30.97 15.12 -21.63
C TYR E 1167 -32.17 15.25 -20.70
N GLU E 1168 -32.18 16.25 -19.81
CA GLU E 1168 -33.28 16.39 -18.86
C GLU E 1168 -34.63 16.51 -19.55
N ALA E 1169 -34.64 16.92 -20.82
CA ALA E 1169 -35.90 16.95 -21.57
C ALA E 1169 -36.36 15.54 -21.92
N GLN E 1170 -35.43 14.67 -22.31
CA GLN E 1170 -35.78 13.32 -22.74
C GLN E 1170 -36.45 12.54 -21.62
N GLU E 1171 -37.43 11.71 -22.01
CA GLU E 1171 -38.02 10.78 -21.06
C GLU E 1171 -37.05 9.62 -20.78
N ASN E 1172 -36.70 8.87 -21.83
CA ASN E 1172 -35.75 7.76 -21.71
C ASN E 1172 -34.41 8.21 -22.27
N ALA E 1173 -33.64 8.88 -21.41
CA ALA E 1173 -32.29 9.29 -21.77
C ALA E 1173 -31.30 8.16 -21.48
N ILE E 1174 -30.14 8.23 -22.14
CA ILE E 1174 -29.09 7.24 -21.97
C ILE E 1174 -27.91 7.77 -21.17
N LEU E 1175 -27.94 9.05 -20.78
CA LEU E 1175 -26.91 9.65 -19.95
C LEU E 1175 -27.57 10.48 -18.86
N PRO E 1176 -26.83 10.89 -17.83
CA PRO E 1176 -27.43 11.70 -16.76
C PRO E 1176 -28.17 12.92 -17.29
N LYS E 1177 -29.29 13.24 -16.64
CA LYS E 1177 -30.05 14.44 -16.95
C LYS E 1177 -29.53 15.67 -16.24
N ASN E 1178 -28.86 15.50 -15.09
CA ASN E 1178 -28.44 16.62 -14.26
C ASN E 1178 -27.25 16.20 -13.41
N ALA E 1179 -26.65 17.19 -12.73
CA ALA E 1179 -25.50 16.93 -11.88
C ALA E 1179 -25.84 15.97 -10.73
N ASP E 1180 -27.10 15.95 -10.31
CA ASP E 1180 -27.50 15.02 -9.26
C ASP E 1180 -27.54 13.59 -9.79
N ALA E 1181 -28.28 13.37 -10.88
CA ALA E 1181 -28.30 12.05 -11.49
C ALA E 1181 -26.92 11.64 -11.99
N ASN E 1182 -26.09 12.61 -12.38
CA ASN E 1182 -24.70 12.29 -12.71
C ASN E 1182 -23.96 11.70 -11.53
N GLY E 1183 -24.24 12.20 -10.33
CA GLY E 1183 -23.67 11.67 -9.11
C GLY E 1183 -24.04 10.22 -8.89
N ALA E 1184 -25.34 9.94 -8.80
CA ALA E 1184 -25.81 8.57 -8.56
C ALA E 1184 -25.30 7.62 -9.63
N TYR E 1185 -25.26 8.07 -10.89
CA TYR E 1185 -24.78 7.23 -11.98
C TYR E 1185 -23.35 6.74 -11.71
N ASN E 1186 -22.46 7.65 -11.31
CA ASN E 1186 -21.07 7.29 -11.08
C ASN E 1186 -20.90 6.51 -9.77
N ILE E 1187 -21.68 6.87 -8.75
CA ILE E 1187 -21.72 6.07 -7.52
C ILE E 1187 -22.03 4.61 -7.85
N ALA E 1188 -22.93 4.39 -8.81
CA ALA E 1188 -23.22 3.04 -9.26
C ALA E 1188 -22.05 2.45 -10.04
N ARG E 1189 -21.44 3.22 -10.94
CA ARG E 1189 -20.33 2.71 -11.73
C ARG E 1189 -19.13 2.38 -10.86
N LYS E 1190 -18.90 3.17 -9.80
CA LYS E 1190 -17.84 2.86 -8.84
C LYS E 1190 -17.98 1.46 -8.27
N VAL E 1191 -19.23 1.01 -8.07
CA VAL E 1191 -19.48 -0.33 -7.59
C VAL E 1191 -19.24 -1.35 -8.71
N LEU E 1192 -19.62 -1.01 -9.94
CA LEU E 1192 -19.42 -1.92 -11.06
C LEU E 1192 -17.94 -2.24 -11.27
N TRP E 1193 -17.06 -1.28 -10.99
CA TRP E 1193 -15.63 -1.57 -11.00
C TRP E 1193 -15.28 -2.65 -9.98
N ALA E 1194 -15.85 -2.56 -8.79
CA ALA E 1194 -15.58 -3.55 -7.75
C ALA E 1194 -16.09 -4.93 -8.18
N ILE E 1195 -17.22 -4.96 -8.89
CA ILE E 1195 -17.69 -6.22 -9.46
C ILE E 1195 -16.68 -6.74 -10.47
N GLY E 1196 -16.04 -5.84 -11.22
CA GLY E 1196 -15.03 -6.27 -12.16
C GLY E 1196 -13.85 -6.94 -11.47
N GLN E 1197 -13.48 -6.45 -10.28
CA GLN E 1197 -12.44 -7.10 -9.50
C GLN E 1197 -12.89 -8.47 -8.99
N PHE E 1198 -14.16 -8.58 -8.59
CA PHE E 1198 -14.68 -9.86 -8.14
C PHE E 1198 -14.65 -10.88 -9.26
N LYS E 1199 -14.87 -10.41 -10.51
CA LYS E 1199 -14.89 -11.31 -11.66
C LYS E 1199 -13.51 -11.93 -11.90
N LYS E 1200 -12.46 -11.24 -11.48
CA LYS E 1200 -11.10 -11.74 -11.68
C LYS E 1200 -10.69 -12.71 -10.60
N ALA E 1201 -10.98 -12.38 -9.33
CA ALA E 1201 -10.39 -13.09 -8.21
C ALA E 1201 -11.10 -14.42 -8.00
N GLU E 1202 -10.61 -15.19 -7.04
CA GLU E 1202 -11.11 -16.52 -6.78
C GLU E 1202 -11.77 -16.57 -5.40
N ASP E 1203 -12.74 -17.49 -5.26
CA ASP E 1203 -13.69 -17.45 -4.17
C ASP E 1203 -13.01 -17.50 -2.81
N GLU E 1204 -11.87 -18.18 -2.71
CA GLU E 1204 -11.11 -18.16 -1.46
C GLU E 1204 -10.63 -16.75 -1.13
N LYS E 1205 -10.19 -16.01 -2.14
CA LYS E 1205 -9.63 -14.68 -1.98
C LYS E 1205 -10.64 -13.58 -2.31
N LEU E 1206 -11.90 -13.92 -2.55
CA LEU E 1206 -12.91 -12.91 -2.83
C LEU E 1206 -13.15 -11.98 -1.64
N ASP E 1207 -13.00 -12.51 -0.42
CA ASP E 1207 -13.20 -11.69 0.77
C ASP E 1207 -12.13 -10.61 0.90
N LYS E 1208 -10.90 -10.90 0.47
CA LYS E 1208 -9.75 -10.01 0.61
C LYS E 1208 -9.72 -8.87 -0.41
N VAL E 1209 -10.59 -8.89 -1.43
CA VAL E 1209 -10.60 -7.81 -2.41
C VAL E 1209 -10.86 -6.47 -1.74
N LYS E 1210 -10.21 -5.42 -2.25
CA LYS E 1210 -10.41 -4.07 -1.75
C LYS E 1210 -11.41 -3.41 -2.68
N ILE E 1211 -12.62 -3.20 -2.17
CA ILE E 1211 -13.67 -2.57 -2.96
C ILE E 1211 -13.56 -1.05 -2.89
N ALA E 1212 -12.92 -0.52 -1.85
CA ALA E 1212 -12.69 0.92 -1.78
C ALA E 1212 -11.84 1.36 -2.96
N ILE E 1213 -12.42 2.20 -3.82
CA ILE E 1213 -11.74 2.60 -5.05
C ILE E 1213 -10.57 3.53 -4.74
N SER E 1214 -9.50 3.37 -5.51
CA SER E 1214 -8.47 4.40 -5.56
C SER E 1214 -8.91 5.49 -6.52
N ASN E 1215 -8.62 6.74 -6.17
CA ASN E 1215 -8.98 7.84 -7.06
C ASN E 1215 -8.32 7.69 -8.42
N LYS E 1216 -7.15 7.04 -8.48
CA LYS E 1216 -6.45 6.87 -9.73
C LYS E 1216 -7.04 5.74 -10.56
N GLU E 1217 -7.54 4.68 -9.93
CA GLU E 1217 -8.14 3.58 -10.69
C GLU E 1217 -9.44 3.99 -11.35
N TRP E 1218 -10.22 4.85 -10.69
CA TRP E 1218 -11.56 5.18 -11.17
C TRP E 1218 -11.52 6.03 -12.43
N LEU E 1219 -10.55 6.93 -12.53
CA LEU E 1219 -10.44 7.79 -13.71
C LEU E 1219 -10.11 6.97 -14.95
N GLU E 1220 -9.18 6.02 -14.85
CA GLU E 1220 -8.87 5.18 -16.00
C GLU E 1220 -10.07 4.37 -16.46
N TYR E 1221 -11.05 4.15 -15.57
CA TYR E 1221 -12.23 3.37 -15.88
C TYR E 1221 -13.36 4.21 -16.45
N ALA E 1222 -13.52 5.44 -15.94
CA ALA E 1222 -14.53 6.33 -16.48
C ALA E 1222 -14.19 6.81 -17.88
N GLN E 1223 -12.91 6.78 -18.25
CA GLN E 1223 -12.46 7.20 -19.58
C GLN E 1223 -12.34 6.06 -20.57
N THR E 1224 -12.22 4.81 -20.09
CA THR E 1224 -12.18 3.67 -20.99
C THR E 1224 -13.56 3.13 -21.33
N SER E 1225 -14.54 3.32 -20.43
CA SER E 1225 -15.88 2.80 -20.66
C SER E 1225 -16.60 3.46 -21.81
N VAL E 1226 -16.01 4.49 -22.41
CA VAL E 1226 -16.62 5.19 -23.54
C VAL E 1226 -15.55 5.62 -24.53
LI LI I . 24.35 -3.20 -16.92
LI LI J . 5.78 -27.12 -25.01
LI LI K . 1.14 -6.27 -23.34
#